data_2CQQ
#
_entry.id   2CQQ
#
_cell.length_a   1.000
_cell.length_b   1.000
_cell.length_c   1.000
_cell.angle_alpha   90.00
_cell.angle_beta   90.00
_cell.angle_gamma   90.00
#
_symmetry.space_group_name_H-M   'P 1'
#
_entity_poly.entity_id   1
_entity_poly.type   'polypeptide(L)'
_entity_poly.pdbx_seq_one_letter_code
;GSSGSSGAPEWTEEDLSQLTRSMVKFPGGTPGRWEKIAHELGRSVTDVTTKAKQLKDSVTCSPGMVSGPSSG
;
_entity_poly.pdbx_strand_id   A
#
# COMPACT_ATOMS: atom_id res chain seq x y z
N GLY A 1 -1.60 30.18 1.69
CA GLY A 1 -2.98 30.55 1.91
C GLY A 1 -3.44 30.25 3.33
N SER A 2 -3.79 31.29 4.07
CA SER A 2 -4.23 31.14 5.44
C SER A 2 -5.33 30.08 5.54
N SER A 3 -6.38 30.26 4.75
CA SER A 3 -7.50 29.33 4.74
C SER A 3 -7.01 27.89 4.54
N GLY A 4 -7.62 26.96 5.27
CA GLY A 4 -7.24 25.56 5.15
C GLY A 4 -8.44 24.63 5.12
N SER A 5 -8.24 23.43 4.60
CA SER A 5 -9.32 22.45 4.52
C SER A 5 -8.83 21.07 4.98
N SER A 6 -9.77 20.14 5.13
CA SER A 6 -9.44 18.79 5.58
C SER A 6 -8.28 18.22 4.77
N GLY A 7 -7.77 17.08 5.22
CA GLY A 7 -6.65 16.45 4.53
C GLY A 7 -7.12 15.42 3.52
N ALA A 8 -6.62 14.19 3.64
CA ALA A 8 -6.99 13.12 2.74
C ALA A 8 -8.01 12.18 3.37
N PRO A 9 -8.94 11.67 2.55
CA PRO A 9 -10.00 10.76 3.00
C PRO A 9 -9.45 9.39 3.38
N GLU A 10 -10.26 8.60 4.07
CA GLU A 10 -9.86 7.27 4.50
C GLU A 10 -9.82 6.30 3.32
N TRP A 11 -9.51 5.04 3.60
CA TRP A 11 -9.45 4.02 2.56
C TRP A 11 -10.76 3.23 2.49
N THR A 12 -11.26 3.03 1.28
CA THR A 12 -12.49 2.29 1.07
C THR A 12 -12.29 1.12 0.14
N GLU A 13 -13.09 0.06 0.33
CA GLU A 13 -12.98 -1.13 -0.51
C GLU A 13 -12.58 -0.77 -1.93
N GLU A 14 -13.11 0.35 -2.42
CA GLU A 14 -12.80 0.81 -3.77
C GLU A 14 -11.32 1.16 -3.91
N ASP A 15 -10.82 1.96 -2.97
CA ASP A 15 -9.42 2.37 -2.98
C ASP A 15 -8.51 1.21 -2.58
N LEU A 16 -9.05 0.31 -1.76
CA LEU A 16 -8.28 -0.84 -1.29
C LEU A 16 -8.25 -1.94 -2.34
N SER A 17 -9.27 -1.97 -3.20
CA SER A 17 -9.36 -2.96 -4.25
C SER A 17 -8.61 -2.50 -5.50
N GLN A 18 -8.57 -1.19 -5.72
CA GLN A 18 -7.89 -0.63 -6.87
C GLN A 18 -6.38 -0.73 -6.72
N LEU A 19 -5.90 -0.48 -5.50
CA LEU A 19 -4.47 -0.55 -5.21
C LEU A 19 -3.85 -1.80 -5.82
N THR A 20 -4.44 -2.95 -5.54
CA THR A 20 -3.95 -4.21 -6.06
C THR A 20 -3.76 -4.15 -7.57
N ARG A 21 -4.66 -3.44 -8.24
CA ARG A 21 -4.60 -3.30 -9.69
C ARG A 21 -3.41 -2.43 -10.10
N SER A 22 -3.23 -1.32 -9.41
CA SER A 22 -2.13 -0.40 -9.70
C SER A 22 -0.79 -1.06 -9.42
N MET A 23 -0.67 -1.70 -8.26
CA MET A 23 0.56 -2.37 -7.88
C MET A 23 1.11 -3.20 -9.04
N VAL A 24 0.21 -3.78 -9.82
CA VAL A 24 0.60 -4.61 -10.96
C VAL A 24 1.16 -3.75 -12.08
N LYS A 25 0.51 -2.62 -12.33
CA LYS A 25 0.94 -1.70 -13.39
C LYS A 25 2.28 -1.05 -13.03
N PHE A 26 2.55 -0.95 -11.74
CA PHE A 26 3.80 -0.35 -11.26
C PHE A 26 4.43 -1.20 -10.17
N PRO A 27 5.18 -2.24 -10.59
CA PRO A 27 5.86 -3.15 -9.66
C PRO A 27 7.01 -2.49 -8.93
N GLY A 28 7.84 -3.29 -8.26
CA GLY A 28 8.97 -2.76 -7.52
C GLY A 28 10.12 -2.39 -8.43
N GLY A 29 10.90 -1.39 -8.03
CA GLY A 29 12.02 -0.96 -8.84
C GLY A 29 11.63 0.04 -9.92
N THR A 30 10.34 0.05 -10.25
CA THR A 30 9.84 0.96 -11.28
C THR A 30 9.98 2.41 -10.85
N PRO A 31 10.40 3.27 -11.77
CA PRO A 31 10.58 4.71 -11.51
C PRO A 31 9.24 5.43 -11.32
N GLY A 32 9.02 5.92 -10.10
CA GLY A 32 7.78 6.63 -9.80
C GLY A 32 6.66 5.68 -9.43
N ARG A 33 7.01 4.50 -8.95
CA ARG A 33 6.02 3.51 -8.56
C ARG A 33 4.89 4.15 -7.75
N TRP A 34 5.20 4.50 -6.50
CA TRP A 34 4.21 5.12 -5.63
C TRP A 34 3.64 6.39 -6.26
N GLU A 35 4.47 7.08 -7.05
CA GLU A 35 4.04 8.30 -7.71
C GLU A 35 2.97 8.01 -8.76
N LYS A 36 3.04 6.83 -9.36
CA LYS A 36 2.08 6.42 -10.39
C LYS A 36 0.83 5.83 -9.75
N ILE A 37 1.03 4.95 -8.77
CA ILE A 37 -0.09 4.32 -8.07
C ILE A 37 -0.99 5.36 -7.40
N ALA A 38 -0.37 6.42 -6.88
CA ALA A 38 -1.11 7.48 -6.22
C ALA A 38 -1.99 8.24 -7.21
N HIS A 39 -1.39 8.63 -8.33
CA HIS A 39 -2.12 9.37 -9.37
C HIS A 39 -3.28 8.54 -9.90
N GLU A 40 -3.17 7.22 -9.80
CA GLU A 40 -4.21 6.32 -10.28
C GLU A 40 -5.30 6.15 -9.22
N LEU A 41 -4.89 5.84 -8.00
CA LEU A 41 -5.84 5.65 -6.90
C LEU A 41 -6.49 6.98 -6.50
N GLY A 42 -5.77 8.08 -6.75
CA GLY A 42 -6.30 9.38 -6.42
C GLY A 42 -5.86 9.85 -5.04
N ARG A 43 -4.74 9.30 -4.57
CA ARG A 43 -4.22 9.66 -3.25
C ARG A 43 -2.78 10.17 -3.36
N SER A 44 -2.18 10.47 -2.22
CA SER A 44 -0.81 10.96 -2.19
C SER A 44 0.19 9.81 -2.00
N VAL A 45 1.32 9.91 -2.68
CA VAL A 45 2.35 8.88 -2.58
C VAL A 45 2.39 8.26 -1.19
N THR A 46 2.88 9.02 -0.22
CA THR A 46 2.98 8.56 1.16
C THR A 46 1.67 7.90 1.61
N ASP A 47 0.55 8.48 1.18
CA ASP A 47 -0.76 7.95 1.54
C ASP A 47 -0.92 6.51 1.07
N VAL A 48 -0.37 6.22 -0.11
CA VAL A 48 -0.45 4.88 -0.67
C VAL A 48 0.57 3.95 -0.02
N THR A 49 1.85 4.23 -0.25
CA THR A 49 2.93 3.42 0.32
C THR A 49 2.68 3.15 1.80
N THR A 50 2.27 4.18 2.52
CA THR A 50 2.01 4.05 3.95
C THR A 50 0.92 3.03 4.23
N LYS A 51 0.03 2.85 3.26
CA LYS A 51 -1.07 1.91 3.39
C LYS A 51 -0.62 0.51 2.95
N ALA A 52 0.02 0.43 1.79
CA ALA A 52 0.48 -0.85 1.27
C ALA A 52 1.47 -1.51 2.22
N LYS A 53 2.40 -0.71 2.75
CA LYS A 53 3.40 -1.21 3.67
C LYS A 53 2.76 -2.05 4.78
N GLN A 54 1.59 -1.62 5.23
CA GLN A 54 0.87 -2.32 6.28
C GLN A 54 0.40 -3.69 5.78
N LEU A 55 0.05 -3.77 4.51
CA LEU A 55 -0.42 -5.02 3.91
C LEU A 55 0.74 -6.00 3.73
N LYS A 56 1.91 -5.47 3.37
CA LYS A 56 3.09 -6.30 3.18
C LYS A 56 3.64 -6.79 4.51
N ASP A 57 3.41 -6.02 5.56
CA ASP A 57 3.88 -6.38 6.89
C ASP A 57 3.06 -7.54 7.46
N SER A 58 1.74 -7.39 7.44
CA SER A 58 0.85 -8.42 7.97
C SER A 58 0.41 -9.37 6.86
N VAL A 59 1.23 -10.39 6.61
CA VAL A 59 0.93 -11.38 5.58
C VAL A 59 1.08 -12.79 6.12
N THR A 60 0.70 -13.78 5.30
CA THR A 60 0.78 -15.18 5.69
C THR A 60 1.69 -15.95 4.75
N CYS A 61 2.93 -16.18 5.17
CA CYS A 61 3.89 -16.91 4.36
C CYS A 61 4.89 -17.65 5.24
N SER A 62 5.58 -18.63 4.66
CA SER A 62 6.55 -19.42 5.39
C SER A 62 7.41 -18.53 6.30
N PRO A 63 7.74 -19.05 7.48
CA PRO A 63 8.55 -18.31 8.46
C PRO A 63 10.01 -18.16 8.01
N GLY A 64 10.40 -18.94 7.00
CA GLY A 64 11.75 -18.86 6.50
C GLY A 64 11.97 -19.75 5.29
N MET A 65 11.58 -19.26 4.11
CA MET A 65 11.73 -20.01 2.88
C MET A 65 13.19 -20.42 2.67
N VAL A 66 13.57 -21.57 3.21
CA VAL A 66 14.94 -22.07 3.08
C VAL A 66 14.98 -23.29 2.18
N SER A 67 16.14 -23.53 1.57
CA SER A 67 16.33 -24.67 0.68
C SER A 67 16.69 -25.92 1.47
N GLY A 68 17.64 -25.78 2.39
CA GLY A 68 18.06 -26.91 3.20
C GLY A 68 18.91 -26.48 4.38
N PRO A 69 18.79 -27.23 5.49
CA PRO A 69 19.54 -26.95 6.71
C PRO A 69 21.03 -27.23 6.57
N SER A 70 21.35 -28.22 5.74
CA SER A 70 22.75 -28.60 5.51
C SER A 70 22.89 -29.30 4.15
N SER A 71 23.84 -28.82 3.35
CA SER A 71 24.09 -29.39 2.04
C SER A 71 24.90 -30.67 2.15
N GLY A 72 26.08 -30.58 2.75
CA GLY A 72 26.93 -31.74 2.91
C GLY A 72 26.70 -32.45 4.23
N GLY A 1 -22.82 17.73 -0.05
CA GLY A 1 -21.52 18.27 0.29
C GLY A 1 -20.40 17.28 0.01
N SER A 2 -19.43 17.23 0.92
CA SER A 2 -18.29 16.33 0.77
C SER A 2 -17.53 16.62 -0.53
N SER A 3 -17.44 17.90 -0.88
CA SER A 3 -16.74 18.31 -2.09
C SER A 3 -15.33 18.77 -1.79
N GLY A 4 -15.20 19.67 -0.82
CA GLY A 4 -13.90 20.18 -0.44
C GLY A 4 -13.24 19.33 0.64
N SER A 5 -11.90 19.29 0.61
CA SER A 5 -11.15 18.51 1.58
C SER A 5 -9.78 19.14 1.85
N SER A 6 -9.20 18.81 2.99
CA SER A 6 -7.90 19.34 3.36
C SER A 6 -6.83 18.25 3.35
N GLY A 7 -7.18 17.09 3.92
CA GLY A 7 -6.24 15.98 3.97
C GLY A 7 -6.55 14.93 2.92
N ALA A 8 -6.87 13.72 3.38
CA ALA A 8 -7.18 12.62 2.48
C ALA A 8 -8.19 11.66 3.11
N PRO A 9 -9.08 11.10 2.28
CA PRO A 9 -10.11 10.16 2.73
C PRO A 9 -9.52 8.82 3.15
N GLU A 10 -10.20 8.15 4.08
CA GLU A 10 -9.75 6.85 4.57
C GLU A 10 -9.65 5.85 3.42
N TRP A 11 -9.29 4.62 3.76
CA TRP A 11 -9.16 3.55 2.76
C TRP A 11 -10.39 2.66 2.75
N THR A 12 -11.06 2.59 1.61
CA THR A 12 -12.25 1.77 1.46
C THR A 12 -12.04 0.66 0.46
N GLU A 13 -12.79 -0.43 0.61
CA GLU A 13 -12.68 -1.58 -0.29
C GLU A 13 -12.35 -1.12 -1.71
N GLU A 14 -13.01 -0.06 -2.15
CA GLU A 14 -12.80 0.47 -3.49
C GLU A 14 -11.35 0.92 -3.67
N ASP A 15 -10.83 1.67 -2.69
CA ASP A 15 -9.46 2.15 -2.74
C ASP A 15 -8.47 1.02 -2.47
N LEU A 16 -8.91 0.03 -1.70
CA LEU A 16 -8.06 -1.10 -1.37
C LEU A 16 -8.01 -2.11 -2.52
N SER A 17 -9.09 -2.17 -3.29
CA SER A 17 -9.18 -3.09 -4.42
C SER A 17 -8.47 -2.49 -5.64
N GLN A 18 -8.55 -1.17 -5.78
CA GLN A 18 -7.93 -0.49 -6.90
C GLN A 18 -6.41 -0.57 -6.82
N LEU A 19 -5.88 -0.50 -5.60
CA LEU A 19 -4.44 -0.57 -5.39
C LEU A 19 -3.86 -1.81 -6.03
N THR A 20 -4.36 -2.98 -5.62
CA THR A 20 -3.89 -4.25 -6.17
C THR A 20 -3.73 -4.17 -7.69
N ARG A 21 -4.68 -3.51 -8.34
CA ARG A 21 -4.63 -3.36 -9.79
C ARG A 21 -3.48 -2.47 -10.22
N SER A 22 -3.37 -1.30 -9.60
CA SER A 22 -2.31 -0.36 -9.92
C SER A 22 -0.94 -0.99 -9.69
N MET A 23 -0.75 -1.57 -8.52
CA MET A 23 0.52 -2.21 -8.19
C MET A 23 1.06 -3.02 -9.37
N VAL A 24 0.15 -3.61 -10.14
CA VAL A 24 0.52 -4.41 -11.29
C VAL A 24 1.07 -3.52 -12.42
N LYS A 25 0.45 -2.37 -12.61
CA LYS A 25 0.87 -1.43 -13.64
C LYS A 25 2.22 -0.80 -13.29
N PHE A 26 2.52 -0.76 -11.99
CA PHE A 26 3.77 -0.18 -11.52
C PHE A 26 4.42 -1.08 -10.47
N PRO A 27 5.14 -2.11 -10.93
CA PRO A 27 5.82 -3.05 -10.05
C PRO A 27 7.02 -2.43 -9.32
N GLY A 28 7.73 -3.23 -8.55
CA GLY A 28 8.88 -2.73 -7.82
C GLY A 28 10.04 -2.38 -8.72
N GLY A 29 10.82 -1.38 -8.32
CA GLY A 29 11.95 -0.95 -9.12
C GLY A 29 11.56 0.04 -10.19
N THR A 30 10.26 0.14 -10.47
CA THR A 30 9.77 1.07 -11.48
C THR A 30 9.93 2.52 -11.04
N PRO A 31 10.37 3.38 -11.96
CA PRO A 31 10.57 4.80 -11.69
C PRO A 31 9.25 5.54 -11.48
N GLY A 32 9.02 6.00 -10.26
CA GLY A 32 7.80 6.73 -9.95
C GLY A 32 6.66 5.79 -9.59
N ARG A 33 6.99 4.62 -9.09
CA ARG A 33 5.97 3.64 -8.70
C ARG A 33 4.88 4.28 -7.86
N TRP A 34 5.23 4.61 -6.62
CA TRP A 34 4.27 5.24 -5.70
C TRP A 34 3.71 6.53 -6.30
N GLU A 35 4.50 7.17 -7.15
CA GLU A 35 4.09 8.41 -7.79
C GLU A 35 2.99 8.16 -8.82
N LYS A 36 3.06 7.01 -9.48
CA LYS A 36 2.08 6.65 -10.49
C LYS A 36 0.83 6.06 -9.84
N ILE A 37 1.03 5.17 -8.88
CA ILE A 37 -0.08 4.53 -8.19
C ILE A 37 -0.99 5.56 -7.53
N ALA A 38 -0.37 6.57 -6.91
CA ALA A 38 -1.12 7.63 -6.25
C ALA A 38 -1.99 8.40 -7.24
N HIS A 39 -1.37 8.83 -8.34
CA HIS A 39 -2.08 9.58 -9.36
C HIS A 39 -3.26 8.78 -9.91
N GLU A 40 -3.19 7.46 -9.75
CA GLU A 40 -4.25 6.57 -10.23
C GLU A 40 -5.33 6.39 -9.16
N LEU A 41 -4.90 6.16 -7.93
CA LEU A 41 -5.83 5.96 -6.82
C LEU A 41 -6.42 7.30 -6.37
N GLY A 42 -5.81 8.38 -6.81
CA GLY A 42 -6.29 9.70 -6.44
C GLY A 42 -5.83 10.12 -5.06
N ARG A 43 -4.77 9.49 -4.57
CA ARG A 43 -4.24 9.80 -3.25
C ARG A 43 -2.80 10.31 -3.35
N SER A 44 -2.17 10.53 -2.21
CA SER A 44 -0.80 11.03 -2.16
C SER A 44 0.19 9.86 -2.11
N VAL A 45 1.40 10.11 -2.62
CA VAL A 45 2.44 9.09 -2.62
C VAL A 45 2.51 8.37 -1.29
N THR A 46 2.98 9.08 -0.27
CA THR A 46 3.10 8.50 1.07
C THR A 46 1.80 7.83 1.50
N ASP A 47 0.68 8.47 1.20
CA ASP A 47 -0.63 7.94 1.55
C ASP A 47 -0.80 6.52 1.02
N VAL A 48 -0.27 6.27 -0.18
CA VAL A 48 -0.36 4.95 -0.80
C VAL A 48 0.62 3.97 -0.14
N THR A 49 1.91 4.22 -0.33
CA THR A 49 2.94 3.36 0.23
C THR A 49 2.67 3.07 1.70
N THR A 50 2.29 4.10 2.45
CA THR A 50 2.01 3.95 3.87
C THR A 50 0.91 2.92 4.10
N LYS A 51 0.04 2.76 3.11
CA LYS A 51 -1.06 1.81 3.20
C LYS A 51 -0.60 0.41 2.77
N ALA A 52 0.08 0.34 1.63
CA ALA A 52 0.58 -0.93 1.12
C ALA A 52 1.55 -1.57 2.10
N LYS A 53 2.48 -0.78 2.62
CA LYS A 53 3.47 -1.28 3.57
C LYS A 53 2.81 -2.09 4.66
N GLN A 54 1.61 -1.69 5.05
CA GLN A 54 0.87 -2.39 6.09
C GLN A 54 0.42 -3.77 5.62
N LEU A 55 0.04 -3.85 4.34
CA LEU A 55 -0.41 -5.11 3.76
C LEU A 55 0.74 -6.11 3.65
N LYS A 56 1.96 -5.58 3.53
CA LYS A 56 3.14 -6.43 3.42
C LYS A 56 3.56 -6.97 4.78
N ASP A 57 3.18 -6.25 5.83
CA ASP A 57 3.52 -6.66 7.19
C ASP A 57 2.52 -7.69 7.71
N SER A 58 1.24 -7.37 7.63
CA SER A 58 0.18 -8.27 8.09
C SER A 58 0.23 -9.59 7.33
N VAL A 59 0.86 -10.59 7.94
CA VAL A 59 0.98 -11.91 7.33
C VAL A 59 0.83 -13.01 8.37
N THR A 60 -0.13 -13.91 8.14
CA THR A 60 -0.38 -15.01 9.06
C THR A 60 -0.36 -16.34 8.32
N CYS A 61 0.69 -17.13 8.53
CA CYS A 61 0.83 -18.42 7.89
C CYS A 61 0.87 -19.54 8.92
N SER A 62 -0.30 -19.95 9.41
CA SER A 62 -0.40 -21.01 10.40
C SER A 62 -1.76 -21.70 10.34
N PRO A 63 -1.75 -23.03 10.49
CA PRO A 63 -2.98 -23.83 10.45
C PRO A 63 -3.85 -23.61 11.67
N GLY A 64 -3.25 -23.71 12.85
CA GLY A 64 -4.00 -23.51 14.09
C GLY A 64 -4.36 -22.05 14.31
N MET A 65 -5.56 -21.82 14.84
CA MET A 65 -6.03 -20.46 15.10
C MET A 65 -5.83 -20.10 16.58
N VAL A 66 -4.79 -19.31 16.85
CA VAL A 66 -4.49 -18.89 18.21
C VAL A 66 -5.23 -17.61 18.56
N SER A 67 -6.10 -17.69 19.56
CA SER A 67 -6.89 -16.54 20.00
C SER A 67 -5.97 -15.44 20.54
N GLY A 68 -6.57 -14.31 20.88
CA GLY A 68 -5.81 -13.20 21.41
C GLY A 68 -6.68 -12.07 21.92
N PRO A 69 -6.12 -11.22 22.79
CA PRO A 69 -6.84 -10.08 23.37
C PRO A 69 -7.12 -8.99 22.35
N SER A 70 -8.39 -8.82 21.99
CA SER A 70 -8.79 -7.82 21.01
C SER A 70 -9.39 -6.60 21.71
N SER A 71 -10.36 -6.85 22.59
CA SER A 71 -11.02 -5.77 23.32
C SER A 71 -10.32 -5.50 24.65
N GLY A 72 -9.92 -4.25 24.86
CA GLY A 72 -9.25 -3.88 26.09
C GLY A 72 -10.20 -3.73 27.25
N GLY A 1 -9.48 31.44 -7.29
CA GLY A 1 -8.38 30.57 -6.97
C GLY A 1 -8.78 29.44 -6.03
N SER A 2 -8.66 28.21 -6.51
CA SER A 2 -9.03 27.04 -5.72
C SER A 2 -7.92 26.70 -4.72
N SER A 3 -8.32 26.44 -3.48
CA SER A 3 -7.37 26.10 -2.43
C SER A 3 -7.04 24.61 -2.46
N GLY A 4 -8.07 23.78 -2.52
CA GLY A 4 -7.87 22.34 -2.54
C GLY A 4 -8.59 21.63 -1.42
N SER A 5 -8.44 20.31 -1.35
CA SER A 5 -9.09 19.52 -0.33
C SER A 5 -8.26 19.51 0.96
N SER A 6 -8.82 18.96 2.02
CA SER A 6 -8.14 18.89 3.31
C SER A 6 -7.44 17.54 3.49
N GLY A 7 -6.16 17.51 3.18
CA GLY A 7 -5.39 16.28 3.31
C GLY A 7 -5.85 15.20 2.36
N ALA A 8 -6.48 14.17 2.89
CA ALA A 8 -6.98 13.06 2.08
C ALA A 8 -7.98 12.21 2.86
N PRO A 9 -8.99 11.69 2.15
CA PRO A 9 -10.03 10.84 2.76
C PRO A 9 -9.50 9.48 3.19
N GLU A 10 -10.30 8.72 3.92
CA GLU A 10 -9.91 7.40 4.39
C GLU A 10 -9.85 6.41 3.23
N TRP A 11 -9.55 5.16 3.56
CA TRP A 11 -9.46 4.11 2.54
C TRP A 11 -10.77 3.31 2.48
N THR A 12 -11.24 3.07 1.27
CA THR A 12 -12.48 2.32 1.07
C THR A 12 -12.25 1.11 0.18
N GLU A 13 -13.04 0.06 0.39
CA GLU A 13 -12.92 -1.15 -0.40
C GLU A 13 -12.50 -0.84 -1.84
N GLU A 14 -13.03 0.25 -2.37
CA GLU A 14 -12.71 0.66 -3.73
C GLU A 14 -11.24 1.02 -3.87
N ASP A 15 -10.75 1.84 -2.94
CA ASP A 15 -9.35 2.26 -2.95
C ASP A 15 -8.44 1.12 -2.49
N LEU A 16 -8.98 0.24 -1.66
CA LEU A 16 -8.21 -0.89 -1.15
C LEU A 16 -8.15 -2.02 -2.18
N SER A 17 -9.19 -2.11 -3.00
CA SER A 17 -9.27 -3.15 -4.02
C SER A 17 -8.51 -2.72 -5.27
N GLN A 18 -8.50 -1.42 -5.53
CA GLN A 18 -7.81 -0.88 -6.70
C GLN A 18 -6.30 -0.92 -6.52
N LEU A 19 -5.85 -0.63 -5.30
CA LEU A 19 -4.42 -0.64 -4.99
C LEU A 19 -3.74 -1.86 -5.57
N THR A 20 -4.33 -3.04 -5.31
CA THR A 20 -3.77 -4.29 -5.81
C THR A 20 -3.63 -4.26 -7.32
N ARG A 21 -4.56 -3.59 -7.99
CA ARG A 21 -4.53 -3.48 -9.45
C ARG A 21 -3.39 -2.59 -9.91
N SER A 22 -3.22 -1.46 -9.24
CA SER A 22 -2.16 -0.52 -9.57
C SER A 22 -0.79 -1.10 -9.27
N MET A 23 -0.67 -1.74 -8.10
CA MET A 23 0.58 -2.35 -7.69
C MET A 23 1.18 -3.21 -8.81
N VAL A 24 0.30 -3.81 -9.61
CA VAL A 24 0.74 -4.65 -10.72
C VAL A 24 1.29 -3.82 -11.86
N LYS A 25 0.63 -2.71 -12.16
CA LYS A 25 1.06 -1.82 -13.23
C LYS A 25 2.38 -1.16 -12.88
N PHE A 26 2.66 -1.05 -11.59
CA PHE A 26 3.90 -0.44 -11.12
C PHE A 26 4.54 -1.27 -10.01
N PRO A 27 5.29 -2.31 -10.41
CA PRO A 27 5.96 -3.20 -9.47
C PRO A 27 7.13 -2.51 -8.75
N GLY A 28 7.87 -3.29 -7.96
CA GLY A 28 8.99 -2.74 -7.23
C GLY A 28 10.17 -2.40 -8.14
N GLY A 29 10.94 -1.39 -7.75
CA GLY A 29 12.08 -0.99 -8.54
C GLY A 29 11.70 -0.03 -9.65
N THR A 30 10.41 0.04 -9.97
CA THR A 30 9.92 0.91 -11.02
C THR A 30 10.03 2.38 -10.61
N PRO A 31 10.48 3.22 -11.54
CA PRO A 31 10.64 4.66 -11.30
C PRO A 31 9.30 5.38 -11.16
N GLY A 32 9.06 5.92 -9.97
CA GLY A 32 7.81 6.63 -9.73
C GLY A 32 6.68 5.70 -9.36
N ARG A 33 7.02 4.51 -8.87
CA ARG A 33 6.03 3.52 -8.47
C ARG A 33 4.90 4.17 -7.68
N TRP A 34 5.18 4.54 -6.44
CA TRP A 34 4.19 5.18 -5.58
C TRP A 34 3.61 6.42 -6.24
N GLU A 35 4.44 7.10 -7.02
CA GLU A 35 4.01 8.32 -7.71
C GLU A 35 2.96 7.99 -8.77
N LYS A 36 3.05 6.80 -9.34
CA LYS A 36 2.11 6.38 -10.37
C LYS A 36 0.85 5.79 -9.73
N ILE A 37 1.04 4.93 -8.73
CA ILE A 37 -0.09 4.31 -8.05
C ILE A 37 -1.00 5.36 -7.42
N ALA A 38 -0.39 6.41 -6.88
CA ALA A 38 -1.15 7.49 -6.25
C ALA A 38 -2.03 8.21 -7.27
N HIS A 39 -1.43 8.60 -8.39
CA HIS A 39 -2.15 9.30 -9.45
C HIS A 39 -3.31 8.46 -9.96
N GLU A 40 -3.16 7.14 -9.90
CA GLU A 40 -4.19 6.22 -10.36
C GLU A 40 -5.29 6.07 -9.32
N LEU A 41 -4.89 5.80 -8.09
CA LEU A 41 -5.85 5.63 -6.99
C LEU A 41 -6.49 6.96 -6.62
N GLY A 42 -5.79 8.05 -6.94
CA GLY A 42 -6.31 9.37 -6.63
C GLY A 42 -5.88 9.86 -5.27
N ARG A 43 -4.81 9.27 -4.74
CA ARG A 43 -4.29 9.65 -3.43
C ARG A 43 -2.86 10.15 -3.52
N SER A 44 -2.27 10.48 -2.39
CA SER A 44 -0.90 10.98 -2.34
C SER A 44 0.09 9.83 -2.14
N VAL A 45 1.26 9.97 -2.75
CA VAL A 45 2.29 8.95 -2.63
C VAL A 45 2.35 8.37 -1.23
N THR A 46 2.87 9.15 -0.28
CA THR A 46 2.98 8.71 1.10
C THR A 46 1.70 8.01 1.56
N ASP A 47 0.56 8.61 1.22
CA ASP A 47 -0.73 8.04 1.59
C ASP A 47 -0.84 6.58 1.15
N VAL A 48 -0.39 6.31 -0.08
CA VAL A 48 -0.43 4.96 -0.62
C VAL A 48 0.60 4.06 0.04
N THR A 49 1.88 4.37 -0.21
CA THR A 49 2.98 3.59 0.37
C THR A 49 2.74 3.32 1.86
N THR A 50 2.30 4.34 2.57
CA THR A 50 2.03 4.22 4.01
C THR A 50 0.96 3.18 4.28
N LYS A 51 0.06 3.00 3.31
CA LYS A 51 -1.03 2.04 3.44
C LYS A 51 -0.57 0.65 3.04
N ALA A 52 0.07 0.56 1.87
CA ALA A 52 0.56 -0.72 1.37
C ALA A 52 1.57 -1.34 2.33
N LYS A 53 2.51 -0.52 2.79
CA LYS A 53 3.54 -0.99 3.72
C LYS A 53 2.91 -1.77 4.88
N GLN A 54 1.67 -1.44 5.21
CA GLN A 54 0.96 -2.11 6.29
C GLN A 54 0.45 -3.48 5.84
N LEU A 55 0.13 -3.59 4.55
CA LEU A 55 -0.37 -4.84 4.00
C LEU A 55 0.77 -5.78 3.66
N LYS A 56 1.80 -5.25 3.00
CA LYS A 56 2.96 -6.05 2.62
C LYS A 56 3.50 -6.83 3.82
N ASP A 57 3.38 -6.25 5.00
CA ASP A 57 3.85 -6.89 6.22
C ASP A 57 2.81 -7.87 6.75
N SER A 58 1.56 -7.44 6.77
CA SER A 58 0.46 -8.27 7.27
C SER A 58 -0.04 -9.20 6.16
N VAL A 59 0.61 -10.36 6.02
CA VAL A 59 0.23 -11.33 5.01
C VAL A 59 0.05 -12.72 5.63
N THR A 60 -0.48 -13.65 4.84
CA THR A 60 -0.69 -15.02 5.31
C THR A 60 0.02 -16.02 4.42
N CYS A 61 0.34 -15.60 3.19
CA CYS A 61 1.03 -16.46 2.25
C CYS A 61 0.25 -17.76 2.03
N SER A 62 -1.04 -17.64 1.78
CA SER A 62 -1.90 -18.79 1.55
C SER A 62 -2.02 -19.11 0.07
N PRO A 63 -2.12 -20.40 -0.26
CA PRO A 63 -2.25 -20.86 -1.65
C PRO A 63 -3.60 -20.50 -2.26
N GLY A 64 -4.53 -20.05 -1.41
CA GLY A 64 -5.85 -19.68 -1.89
C GLY A 64 -6.86 -19.56 -0.76
N MET A 65 -8.09 -19.99 -1.02
CA MET A 65 -9.15 -19.93 -0.02
C MET A 65 -8.83 -20.84 1.15
N VAL A 66 -8.70 -20.25 2.34
CA VAL A 66 -8.39 -21.00 3.54
C VAL A 66 -9.57 -21.90 3.93
N SER A 67 -9.25 -23.10 4.42
CA SER A 67 -10.27 -24.07 4.81
C SER A 67 -11.30 -23.41 5.74
N GLY A 68 -10.80 -22.68 6.74
CA GLY A 68 -11.67 -22.01 7.68
C GLY A 68 -11.03 -21.82 9.04
N PRO A 69 -11.33 -20.68 9.68
CA PRO A 69 -10.77 -20.35 11.00
C PRO A 69 -11.36 -21.23 12.10
N SER A 70 -12.68 -21.42 12.07
CA SER A 70 -13.35 -22.24 13.07
C SER A 70 -12.93 -23.70 12.95
N SER A 71 -12.83 -24.38 14.08
CA SER A 71 -12.44 -25.78 14.11
C SER A 71 -13.41 -26.63 13.29
N GLY A 72 -13.10 -27.92 13.17
CA GLY A 72 -13.96 -28.81 12.41
C GLY A 72 -15.29 -29.04 13.07
N GLY A 1 -7.51 35.37 6.33
CA GLY A 1 -7.23 34.33 5.35
C GLY A 1 -8.34 33.30 5.27
N SER A 2 -8.61 32.83 4.06
CA SER A 2 -9.67 31.83 3.85
C SER A 2 -9.14 30.42 4.07
N SER A 3 -9.81 29.67 4.92
CA SER A 3 -9.41 28.30 5.21
C SER A 3 -10.10 27.31 4.29
N GLY A 4 -9.35 26.32 3.83
CA GLY A 4 -9.90 25.32 2.93
C GLY A 4 -9.82 23.92 3.50
N SER A 5 -10.94 23.18 3.42
CA SER A 5 -10.98 21.82 3.95
C SER A 5 -10.08 20.90 3.13
N SER A 6 -8.87 20.65 3.65
CA SER A 6 -7.91 19.80 2.97
C SER A 6 -7.59 18.57 3.83
N GLY A 7 -7.53 17.41 3.19
CA GLY A 7 -7.21 16.19 3.91
C GLY A 7 -7.69 14.95 3.17
N ALA A 8 -6.75 14.13 2.72
CA ALA A 8 -7.09 12.91 2.00
C ALA A 8 -8.08 12.05 2.79
N PRO A 9 -9.04 11.44 2.08
CA PRO A 9 -10.06 10.58 2.70
C PRO A 9 -9.47 9.29 3.24
N GLU A 10 -10.34 8.44 3.79
CA GLU A 10 -9.91 7.16 4.35
C GLU A 10 -9.78 6.11 3.25
N TRP A 11 -9.45 4.89 3.65
CA TRP A 11 -9.29 3.79 2.70
C TRP A 11 -10.52 2.90 2.70
N THR A 12 -11.17 2.79 1.55
CA THR A 12 -12.37 1.96 1.42
C THR A 12 -12.13 0.82 0.43
N GLU A 13 -12.89 -0.26 0.60
CA GLU A 13 -12.77 -1.42 -0.28
C GLU A 13 -12.40 -1.00 -1.69
N GLU A 14 -13.06 0.03 -2.20
CA GLU A 14 -12.80 0.54 -3.53
C GLU A 14 -11.33 0.94 -3.69
N ASP A 15 -10.84 1.75 -2.74
CA ASP A 15 -9.47 2.21 -2.77
C ASP A 15 -8.50 1.06 -2.46
N LEU A 16 -8.96 0.12 -1.65
CA LEU A 16 -8.14 -1.03 -1.27
C LEU A 16 -8.09 -2.06 -2.39
N SER A 17 -9.14 -2.08 -3.20
CA SER A 17 -9.23 -3.03 -4.32
C SER A 17 -8.50 -2.48 -5.55
N GLN A 18 -8.55 -1.16 -5.71
CA GLN A 18 -7.91 -0.51 -6.85
C GLN A 18 -6.40 -0.63 -6.75
N LEU A 19 -5.86 -0.46 -5.54
CA LEU A 19 -4.42 -0.56 -5.32
C LEU A 19 -3.86 -1.83 -5.93
N THR A 20 -4.51 -2.96 -5.65
CA THR A 20 -4.07 -4.25 -6.18
C THR A 20 -3.94 -4.20 -7.69
N ARG A 21 -4.69 -3.31 -8.32
CA ARG A 21 -4.65 -3.18 -9.78
C ARG A 21 -3.48 -2.30 -10.21
N SER A 22 -3.30 -1.19 -9.52
CA SER A 22 -2.21 -0.26 -9.83
C SER A 22 -0.85 -0.90 -9.57
N MET A 23 -0.72 -1.54 -8.42
CA MET A 23 0.53 -2.21 -8.05
C MET A 23 1.05 -3.05 -9.20
N VAL A 24 0.15 -3.65 -9.96
CA VAL A 24 0.52 -4.48 -11.10
C VAL A 24 1.11 -3.65 -12.22
N LYS A 25 0.50 -2.49 -12.47
CA LYS A 25 0.96 -1.59 -13.51
C LYS A 25 2.31 -0.97 -13.16
N PHE A 26 2.58 -0.88 -11.86
CA PHE A 26 3.84 -0.31 -11.38
C PHE A 26 4.44 -1.18 -10.28
N PRO A 27 5.16 -2.24 -10.68
CA PRO A 27 5.81 -3.16 -9.74
C PRO A 27 6.98 -2.52 -9.01
N GLY A 28 7.73 -3.33 -8.28
CA GLY A 28 8.87 -2.83 -7.53
C GLY A 28 10.05 -2.50 -8.43
N GLY A 29 10.86 -1.54 -8.02
CA GLY A 29 12.02 -1.15 -8.80
C GLY A 29 11.67 -0.16 -9.90
N THR A 30 10.38 -0.04 -10.19
CA THR A 30 9.93 0.88 -11.23
C THR A 30 10.06 2.33 -10.79
N PRO A 31 10.52 3.18 -11.70
CA PRO A 31 10.70 4.62 -11.42
C PRO A 31 9.37 5.34 -11.26
N GLY A 32 9.13 5.87 -10.06
CA GLY A 32 7.90 6.59 -9.79
C GLY A 32 6.74 5.66 -9.46
N ARG A 33 7.08 4.47 -8.95
CA ARG A 33 6.06 3.48 -8.59
C ARG A 33 4.94 4.14 -7.78
N TRP A 34 5.24 4.48 -6.54
CA TRP A 34 4.26 5.10 -5.67
C TRP A 34 3.71 6.39 -6.28
N GLU A 35 4.54 7.04 -7.09
CA GLU A 35 4.14 8.28 -7.75
C GLU A 35 3.07 8.02 -8.80
N LYS A 36 3.13 6.86 -9.44
CA LYS A 36 2.17 6.49 -10.46
C LYS A 36 0.91 5.90 -9.84
N ILE A 37 1.09 5.04 -8.84
CA ILE A 37 -0.02 4.41 -8.16
C ILE A 37 -0.91 5.45 -7.48
N ALA A 38 -0.28 6.49 -6.92
CA ALA A 38 -1.01 7.55 -6.24
C ALA A 38 -1.86 8.34 -7.23
N HIS A 39 -1.27 8.72 -8.35
CA HIS A 39 -1.99 9.48 -9.37
C HIS A 39 -3.17 8.69 -9.91
N GLU A 40 -3.11 7.37 -9.76
CA GLU A 40 -4.18 6.50 -10.23
C GLU A 40 -5.29 6.39 -9.19
N LEU A 41 -4.91 6.06 -7.96
CA LEU A 41 -5.87 5.92 -6.87
C LEU A 41 -6.42 7.27 -6.44
N GLY A 42 -5.77 8.34 -6.91
CA GLY A 42 -6.20 9.68 -6.57
C GLY A 42 -5.75 10.11 -5.19
N ARG A 43 -4.71 9.46 -4.68
CA ARG A 43 -4.18 9.77 -3.36
C ARG A 43 -2.75 10.28 -3.46
N SER A 44 -2.12 10.49 -2.30
CA SER A 44 -0.75 10.98 -2.25
C SER A 44 0.23 9.84 -2.07
N VAL A 45 1.40 9.95 -2.72
CA VAL A 45 2.42 8.91 -2.63
C VAL A 45 2.42 8.26 -1.25
N THR A 46 2.95 8.98 -0.26
CA THR A 46 3.01 8.47 1.10
C THR A 46 1.69 7.82 1.51
N ASP A 47 0.59 8.45 1.14
CA ASP A 47 -0.73 7.94 1.46
C ASP A 47 -0.89 6.50 0.99
N VAL A 48 -0.40 6.23 -0.21
CA VAL A 48 -0.48 4.88 -0.78
C VAL A 48 0.52 3.94 -0.13
N THR A 49 1.80 4.20 -0.36
CA THR A 49 2.86 3.38 0.21
C THR A 49 2.62 3.12 1.69
N THR A 50 2.27 4.17 2.43
CA THR A 50 2.01 4.06 3.85
C THR A 50 0.91 3.04 4.14
N LYS A 51 0.02 2.87 3.17
CA LYS A 51 -1.09 1.92 3.30
C LYS A 51 -0.64 0.51 2.90
N ALA A 52 -0.07 0.39 1.71
CA ALA A 52 0.40 -0.89 1.22
C ALA A 52 1.38 -1.54 2.18
N LYS A 53 2.32 -0.74 2.68
CA LYS A 53 3.33 -1.23 3.61
C LYS A 53 2.67 -2.02 4.74
N GLN A 54 1.47 -1.61 5.13
CA GLN A 54 0.75 -2.29 6.19
C GLN A 54 0.26 -3.66 5.74
N LEU A 55 -0.15 -3.75 4.48
CA LEU A 55 -0.63 -5.01 3.93
C LEU A 55 0.50 -6.00 3.76
N LYS A 56 1.70 -5.50 3.46
CA LYS A 56 2.87 -6.35 3.28
C LYS A 56 3.35 -6.90 4.62
N ASP A 57 3.20 -6.11 5.67
CA ASP A 57 3.62 -6.52 7.00
C ASP A 57 2.70 -7.61 7.55
N SER A 58 1.40 -7.40 7.42
CA SER A 58 0.42 -8.37 7.89
C SER A 58 0.41 -9.62 7.02
N VAL A 59 1.38 -10.50 7.24
CA VAL A 59 1.48 -11.74 6.48
C VAL A 59 2.04 -12.87 7.33
N THR A 60 1.92 -14.09 6.82
CA THR A 60 2.42 -15.27 7.53
C THR A 60 3.58 -15.90 6.78
N CYS A 61 4.43 -15.08 6.19
CA CYS A 61 5.58 -15.57 5.44
C CYS A 61 6.73 -15.94 6.39
N SER A 62 7.42 -17.02 6.07
CA SER A 62 8.54 -17.48 6.89
C SER A 62 9.51 -18.33 6.06
N PRO A 63 10.79 -18.31 6.45
CA PRO A 63 11.84 -19.06 5.77
C PRO A 63 11.70 -20.57 5.98
N GLY A 64 10.94 -20.95 6.98
CA GLY A 64 10.74 -22.36 7.27
C GLY A 64 11.80 -22.93 8.20
N MET A 65 11.93 -24.25 8.21
CA MET A 65 12.91 -24.91 9.07
C MET A 65 14.27 -25.01 8.37
N VAL A 66 15.23 -24.23 8.84
CA VAL A 66 16.57 -24.23 8.26
C VAL A 66 17.57 -24.94 9.18
N SER A 67 18.59 -25.52 8.58
CA SER A 67 19.62 -26.23 9.34
C SER A 67 20.84 -25.35 9.58
N GLY A 68 21.48 -25.54 10.73
CA GLY A 68 22.65 -24.75 11.06
C GLY A 68 23.83 -25.61 11.48
N PRO A 69 25.04 -25.04 11.38
CA PRO A 69 26.27 -25.75 11.75
C PRO A 69 26.39 -25.96 13.26
N SER A 70 25.42 -25.42 14.00
CA SER A 70 25.41 -25.54 15.45
C SER A 70 25.33 -27.01 15.87
N SER A 71 26.47 -27.55 16.32
CA SER A 71 26.53 -28.95 16.75
C SER A 71 27.84 -29.24 17.47
N GLY A 72 27.74 -29.72 18.71
CA GLY A 72 28.93 -30.04 19.47
C GLY A 72 29.69 -28.79 19.89
N GLY A 1 5.58 28.04 -0.54
CA GLY A 1 6.18 27.58 0.69
C GLY A 1 5.16 27.03 1.67
N SER A 2 4.65 25.84 1.38
CA SER A 2 3.66 25.19 2.24
C SER A 2 3.96 23.71 2.40
N SER A 3 3.30 23.08 3.38
CA SER A 3 3.51 21.67 3.65
C SER A 3 2.39 21.12 4.54
N GLY A 4 1.48 20.35 3.95
CA GLY A 4 0.39 19.79 4.71
C GLY A 4 0.56 18.30 4.96
N SER A 5 -0.06 17.81 6.03
CA SER A 5 0.04 16.40 6.38
C SER A 5 -1.34 15.75 6.40
N SER A 6 -2.24 16.32 7.18
CA SER A 6 -3.60 15.80 7.30
C SER A 6 -4.52 16.45 6.27
N GLY A 7 -4.55 15.88 5.07
CA GLY A 7 -5.39 16.42 4.01
C GLY A 7 -5.79 15.35 3.00
N ALA A 8 -6.41 14.28 3.48
CA ALA A 8 -6.86 13.20 2.61
C ALA A 8 -7.86 12.30 3.33
N PRO A 9 -8.86 11.81 2.57
CA PRO A 9 -9.89 10.93 3.11
C PRO A 9 -9.36 9.55 3.48
N GLU A 10 -10.17 8.77 4.17
CA GLU A 10 -9.78 7.43 4.59
C GLU A 10 -9.76 6.47 3.39
N TRP A 11 -9.45 5.21 3.66
CA TRP A 11 -9.39 4.20 2.60
C TRP A 11 -10.71 3.44 2.51
N THR A 12 -11.20 3.27 1.30
CA THR A 12 -12.46 2.56 1.07
C THR A 12 -12.25 1.35 0.15
N GLU A 13 -13.06 0.32 0.34
CA GLU A 13 -12.97 -0.89 -0.47
C GLU A 13 -12.53 -0.55 -1.89
N GLU A 14 -13.13 0.47 -2.46
CA GLU A 14 -12.81 0.90 -3.82
C GLU A 14 -11.33 1.26 -3.94
N ASP A 15 -10.85 2.05 -2.99
CA ASP A 15 -9.45 2.48 -2.97
C ASP A 15 -8.53 1.33 -2.57
N LEU A 16 -9.06 0.42 -1.75
CA LEU A 16 -8.29 -0.73 -1.28
C LEU A 16 -8.24 -1.82 -2.35
N SER A 17 -9.26 -1.85 -3.20
CA SER A 17 -9.33 -2.85 -4.27
C SER A 17 -8.56 -2.39 -5.50
N GLN A 18 -8.56 -1.08 -5.73
CA GLN A 18 -7.85 -0.51 -6.87
C GLN A 18 -6.34 -0.66 -6.71
N LEU A 19 -5.85 -0.41 -5.50
CA LEU A 19 -4.43 -0.52 -5.22
C LEU A 19 -3.86 -1.82 -5.78
N THR A 20 -4.50 -2.94 -5.44
CA THR A 20 -4.06 -4.25 -5.90
C THR A 20 -3.85 -4.24 -7.41
N ARG A 21 -4.71 -3.53 -8.13
CA ARG A 21 -4.61 -3.45 -9.58
C ARG A 21 -3.42 -2.58 -10.00
N SER A 22 -3.28 -1.43 -9.36
CA SER A 22 -2.19 -0.51 -9.68
C SER A 22 -0.83 -1.17 -9.42
N MET A 23 -0.68 -1.75 -8.23
CA MET A 23 0.56 -2.42 -7.86
C MET A 23 1.10 -3.25 -9.02
N VAL A 24 0.19 -3.86 -9.78
CA VAL A 24 0.58 -4.68 -10.92
C VAL A 24 1.16 -3.83 -12.04
N LYS A 25 0.54 -2.69 -12.29
CA LYS A 25 1.00 -1.77 -13.33
C LYS A 25 2.34 -1.14 -12.96
N PHE A 26 2.60 -1.05 -11.66
CA PHE A 26 3.84 -0.46 -11.18
C PHE A 26 4.44 -1.33 -10.06
N PRO A 27 5.18 -2.37 -10.45
CA PRO A 27 5.83 -3.28 -9.49
C PRO A 27 6.97 -2.62 -8.75
N GLY A 28 7.75 -3.43 -8.02
CA GLY A 28 8.86 -2.91 -7.26
C GLY A 28 10.05 -2.58 -8.15
N GLY A 29 10.83 -1.59 -7.73
CA GLY A 29 12.00 -1.18 -8.51
C GLY A 29 11.65 -0.22 -9.62
N THR A 30 10.35 -0.09 -9.92
CA THR A 30 9.89 0.80 -10.98
C THR A 30 10.02 2.26 -10.55
N PRO A 31 10.48 3.11 -11.48
CA PRO A 31 10.65 4.54 -11.22
C PRO A 31 9.31 5.27 -11.08
N GLY A 32 9.07 5.83 -9.90
CA GLY A 32 7.83 6.55 -9.66
C GLY A 32 6.69 5.62 -9.32
N ARG A 33 7.01 4.43 -8.82
CA ARG A 33 6.00 3.45 -8.45
C ARG A 33 4.87 4.11 -7.67
N TRP A 34 5.16 4.47 -6.41
CA TRP A 34 4.16 5.10 -5.55
C TRP A 34 3.61 6.37 -6.20
N GLU A 35 4.45 7.04 -6.99
CA GLU A 35 4.05 8.27 -7.66
C GLU A 35 2.99 7.98 -8.72
N LYS A 36 3.07 6.81 -9.34
CA LYS A 36 2.12 6.41 -10.37
C LYS A 36 0.85 5.83 -9.75
N ILE A 37 1.03 4.96 -8.76
CA ILE A 37 -0.09 4.34 -8.08
C ILE A 37 -1.00 5.38 -7.44
N ALA A 38 -0.39 6.42 -6.89
CA ALA A 38 -1.13 7.50 -6.25
C ALA A 38 -1.98 8.26 -7.26
N HIS A 39 -1.36 8.63 -8.38
CA HIS A 39 -2.06 9.37 -9.42
C HIS A 39 -3.24 8.56 -9.97
N GLU A 40 -3.13 7.24 -9.87
CA GLU A 40 -4.18 6.35 -10.36
C GLU A 40 -5.30 6.22 -9.33
N LEU A 41 -4.92 5.93 -8.09
CA LEU A 41 -5.89 5.76 -7.02
C LEU A 41 -6.50 7.11 -6.63
N GLY A 42 -5.77 8.18 -6.89
CA GLY A 42 -6.26 9.51 -6.58
C GLY A 42 -5.81 9.98 -5.21
N ARG A 43 -4.83 9.28 -4.64
CA ARG A 43 -4.31 9.63 -3.32
C ARG A 43 -2.87 10.14 -3.42
N SER A 44 -2.28 10.45 -2.27
CA SER A 44 -0.91 10.94 -2.23
C SER A 44 0.08 9.79 -2.11
N VAL A 45 1.30 10.01 -2.59
CA VAL A 45 2.34 9.00 -2.54
C VAL A 45 2.38 8.32 -1.18
N THR A 46 2.85 9.05 -0.17
CA THR A 46 2.94 8.53 1.19
C THR A 46 1.65 7.84 1.60
N ASP A 47 0.51 8.45 1.24
CA ASP A 47 -0.79 7.88 1.58
C ASP A 47 -0.91 6.45 1.08
N VAL A 48 -0.41 6.20 -0.12
CA VAL A 48 -0.46 4.87 -0.72
C VAL A 48 0.55 3.94 -0.05
N THR A 49 1.84 4.22 -0.26
CA THR A 49 2.90 3.42 0.33
C THR A 49 2.63 3.12 1.79
N THR A 50 2.23 4.15 2.54
CA THR A 50 1.93 4.01 3.96
C THR A 50 0.84 2.97 4.19
N LYS A 51 -0.02 2.80 3.19
CA LYS A 51 -1.12 1.85 3.29
C LYS A 51 -0.66 0.45 2.86
N ALA A 52 -0.01 0.38 1.71
CA ALA A 52 0.50 -0.89 1.18
C ALA A 52 1.46 -1.55 2.16
N LYS A 53 2.37 -0.75 2.73
CA LYS A 53 3.35 -1.25 3.67
C LYS A 53 2.67 -2.07 4.78
N GLN A 54 1.44 -1.70 5.11
CA GLN A 54 0.69 -2.40 6.14
C GLN A 54 0.22 -3.76 5.65
N LEU A 55 -0.07 -3.85 4.36
CA LEU A 55 -0.53 -5.10 3.75
C LEU A 55 0.62 -6.09 3.62
N LYS A 56 1.83 -5.57 3.38
CA LYS A 56 3.01 -6.40 3.24
C LYS A 56 3.38 -7.04 4.57
N ASP A 57 3.41 -6.25 5.63
CA ASP A 57 3.76 -6.74 6.96
C ASP A 57 2.75 -7.79 7.42
N SER A 58 1.46 -7.46 7.30
CA SER A 58 0.40 -8.37 7.71
C SER A 58 0.78 -9.82 7.43
N VAL A 59 1.36 -10.05 6.24
CA VAL A 59 1.77 -11.39 5.85
C VAL A 59 3.29 -11.50 5.80
N THR A 60 3.79 -12.72 5.97
CA THR A 60 5.23 -12.96 5.95
C THR A 60 5.60 -13.96 4.85
N CYS A 61 6.10 -13.45 3.73
CA CYS A 61 6.48 -14.30 2.61
C CYS A 61 7.91 -14.01 2.17
N SER A 62 8.87 -14.71 2.77
CA SER A 62 10.28 -14.50 2.44
C SER A 62 11.07 -15.80 2.66
N PRO A 63 12.07 -16.03 1.78
CA PRO A 63 12.91 -17.23 1.86
C PRO A 63 13.85 -17.19 3.06
N GLY A 64 14.10 -18.36 3.65
CA GLY A 64 14.98 -18.44 4.79
C GLY A 64 16.44 -18.41 4.42
N MET A 65 16.92 -19.50 3.83
CA MET A 65 18.32 -19.59 3.41
C MET A 65 18.46 -20.47 2.18
N VAL A 66 19.45 -20.15 1.34
CA VAL A 66 19.69 -20.90 0.11
C VAL A 66 20.73 -21.99 0.35
N SER A 67 21.74 -21.69 1.14
CA SER A 67 22.80 -22.63 1.44
C SER A 67 22.56 -23.33 2.78
N GLY A 68 23.10 -24.54 2.91
CA GLY A 68 22.92 -25.29 4.14
C GLY A 68 24.10 -26.19 4.44
N PRO A 69 24.02 -27.45 4.00
CA PRO A 69 25.08 -28.44 4.21
C PRO A 69 26.33 -28.14 3.39
N SER A 70 27.25 -27.38 3.99
CA SER A 70 28.49 -27.01 3.31
C SER A 70 29.39 -28.23 3.13
N SER A 71 29.41 -28.77 1.91
CA SER A 71 30.23 -29.94 1.62
C SER A 71 31.50 -29.53 0.85
N GLY A 72 32.61 -29.46 1.57
CA GLY A 72 33.88 -29.09 0.95
C GLY A 72 34.89 -28.60 1.96
N GLY A 1 -14.71 25.38 -5.15
CA GLY A 1 -15.27 26.08 -4.01
C GLY A 1 -14.97 25.37 -2.70
N SER A 2 -13.69 25.13 -2.44
CA SER A 2 -13.27 24.45 -1.21
C SER A 2 -12.33 25.32 -0.40
N SER A 3 -12.42 25.22 0.92
CA SER A 3 -11.58 26.00 1.81
C SER A 3 -10.11 25.66 1.62
N GLY A 4 -9.80 24.37 1.65
CA GLY A 4 -8.43 23.92 1.48
C GLY A 4 -8.29 22.42 1.64
N SER A 5 -7.26 21.85 1.02
CA SER A 5 -7.01 20.42 1.10
C SER A 5 -6.59 20.01 2.51
N SER A 6 -7.58 19.86 3.39
CA SER A 6 -7.30 19.48 4.77
C SER A 6 -6.26 18.36 4.83
N GLY A 7 -6.36 17.40 3.93
CA GLY A 7 -5.42 16.30 3.90
C GLY A 7 -5.84 15.20 2.93
N ALA A 8 -6.52 14.19 3.45
CA ALA A 8 -6.97 13.08 2.63
C ALA A 8 -7.92 12.17 3.41
N PRO A 9 -8.92 11.62 2.71
CA PRO A 9 -9.91 10.72 3.31
C PRO A 9 -9.32 9.38 3.72
N GLU A 10 -10.15 8.49 4.23
CA GLU A 10 -9.71 7.17 4.66
C GLU A 10 -9.68 6.20 3.48
N TRP A 11 -9.32 4.95 3.76
CA TRP A 11 -9.25 3.93 2.72
C TRP A 11 -10.52 3.10 2.67
N THR A 12 -11.03 2.86 1.47
CA THR A 12 -12.25 2.08 1.29
C THR A 12 -12.02 0.88 0.38
N GLU A 13 -12.77 -0.19 0.61
CA GLU A 13 -12.64 -1.40 -0.19
C GLU A 13 -12.27 -1.06 -1.64
N GLU A 14 -12.84 0.03 -2.14
CA GLU A 14 -12.58 0.47 -3.50
C GLU A 14 -11.12 0.88 -3.68
N ASP A 15 -10.63 1.70 -2.76
CA ASP A 15 -9.26 2.17 -2.80
C ASP A 15 -8.29 1.06 -2.38
N LEU A 16 -8.77 0.15 -1.55
CA LEU A 16 -7.95 -0.96 -1.08
C LEU A 16 -7.90 -2.07 -2.11
N SER A 17 -8.95 -2.18 -2.91
CA SER A 17 -9.03 -3.22 -3.94
C SER A 17 -8.32 -2.76 -5.21
N GLN A 18 -8.36 -1.46 -5.48
CA GLN A 18 -7.72 -0.90 -6.66
C GLN A 18 -6.20 -0.92 -6.52
N LEU A 19 -5.72 -0.62 -5.31
CA LEU A 19 -4.27 -0.60 -5.05
C LEU A 19 -3.61 -1.83 -5.65
N THR A 20 -4.15 -3.01 -5.35
CA THR A 20 -3.60 -4.26 -5.86
C THR A 20 -3.47 -4.22 -7.38
N ARG A 21 -4.43 -3.60 -8.04
CA ARG A 21 -4.41 -3.49 -9.49
C ARG A 21 -3.29 -2.58 -9.96
N SER A 22 -3.13 -1.44 -9.29
CA SER A 22 -2.10 -0.48 -9.65
C SER A 22 -0.70 -1.06 -9.38
N MET A 23 -0.54 -1.68 -8.22
CA MET A 23 0.73 -2.28 -7.84
C MET A 23 1.30 -3.10 -9.00
N VAL A 24 0.41 -3.72 -9.77
CA VAL A 24 0.83 -4.53 -10.91
C VAL A 24 1.34 -3.67 -12.06
N LYS A 25 0.61 -2.58 -12.32
CA LYS A 25 0.99 -1.67 -13.40
C LYS A 25 2.31 -0.97 -13.08
N PHE A 26 2.62 -0.86 -11.80
CA PHE A 26 3.86 -0.21 -11.36
C PHE A 26 4.55 -1.02 -10.28
N PRO A 27 5.32 -2.04 -10.71
CA PRO A 27 6.05 -2.91 -9.79
C PRO A 27 7.21 -2.20 -9.09
N GLY A 28 7.99 -2.95 -8.34
CA GLY A 28 9.12 -2.37 -7.63
C GLY A 28 10.25 -2.00 -8.56
N GLY A 29 11.02 -0.98 -8.17
CA GLY A 29 12.14 -0.54 -8.99
C GLY A 29 11.71 0.41 -10.08
N THR A 30 10.41 0.43 -10.38
CA THR A 30 9.88 1.30 -11.42
C THR A 30 9.96 2.76 -10.99
N PRO A 31 10.34 3.63 -11.94
CA PRO A 31 10.46 5.08 -11.70
C PRO A 31 9.11 5.75 -11.50
N GLY A 32 8.90 6.29 -10.31
CA GLY A 32 7.64 6.95 -10.01
C GLY A 32 6.54 5.98 -9.63
N ARG A 33 6.94 4.80 -9.16
CA ARG A 33 5.98 3.77 -8.76
C ARG A 33 4.87 4.38 -7.92
N TRP A 34 5.19 4.73 -6.67
CA TRP A 34 4.22 5.33 -5.76
C TRP A 34 3.60 6.58 -6.37
N GLU A 35 4.38 7.29 -7.18
CA GLU A 35 3.90 8.51 -7.82
C GLU A 35 2.81 8.21 -8.84
N LYS A 36 2.91 7.04 -9.46
CA LYS A 36 1.93 6.62 -10.46
C LYS A 36 0.70 5.99 -9.79
N ILE A 37 0.95 5.08 -8.85
CA ILE A 37 -0.12 4.40 -8.14
C ILE A 37 -1.03 5.41 -7.43
N ALA A 38 -0.43 6.47 -6.91
CA ALA A 38 -1.18 7.51 -6.21
C ALA A 38 -2.10 8.26 -7.17
N HIS A 39 -1.55 8.70 -8.29
CA HIS A 39 -2.32 9.43 -9.29
C HIS A 39 -3.47 8.57 -9.83
N GLU A 40 -3.28 7.25 -9.79
CA GLU A 40 -4.29 6.33 -10.28
C GLU A 40 -5.39 6.12 -9.22
N LEU A 41 -4.96 5.87 -7.99
CA LEU A 41 -5.89 5.64 -6.90
C LEU A 41 -6.55 6.94 -6.46
N GLY A 42 -5.94 8.06 -6.86
CA GLY A 42 -6.47 9.37 -6.49
C GLY A 42 -5.95 9.86 -5.16
N ARG A 43 -4.90 9.23 -4.67
CA ARG A 43 -4.31 9.61 -3.39
C ARG A 43 -2.88 10.11 -3.59
N SER A 44 -2.20 10.39 -2.47
CA SER A 44 -0.83 10.88 -2.52
C SER A 44 0.17 9.73 -2.35
N VAL A 45 1.40 9.95 -2.81
CA VAL A 45 2.43 8.94 -2.71
C VAL A 45 2.47 8.31 -1.32
N THR A 46 2.99 9.06 -0.36
CA THR A 46 3.07 8.57 1.02
C THR A 46 1.77 7.93 1.46
N ASP A 47 0.65 8.54 1.06
CA ASP A 47 -0.67 8.03 1.42
C ASP A 47 -0.83 6.58 0.97
N VAL A 48 -0.29 6.27 -0.20
CA VAL A 48 -0.38 4.93 -0.76
C VAL A 48 0.66 4.00 -0.11
N THR A 49 1.92 4.28 -0.36
CA THR A 49 3.01 3.48 0.19
C THR A 49 2.80 3.22 1.67
N THR A 50 2.52 4.29 2.42
CA THR A 50 2.30 4.17 3.86
C THR A 50 1.16 3.20 4.17
N LYS A 51 0.28 3.02 3.20
CA LYS A 51 -0.85 2.11 3.36
C LYS A 51 -0.48 0.69 2.95
N ALA A 52 0.14 0.56 1.78
CA ALA A 52 0.55 -0.75 1.27
C ALA A 52 1.50 -1.43 2.25
N LYS A 53 2.46 -0.68 2.78
CA LYS A 53 3.42 -1.22 3.73
C LYS A 53 2.72 -2.03 4.81
N GLN A 54 1.51 -1.62 5.18
CA GLN A 54 0.74 -2.31 6.21
C GLN A 54 0.21 -3.64 5.68
N LEU A 55 -0.16 -3.66 4.41
CA LEU A 55 -0.68 -4.88 3.79
C LEU A 55 0.43 -5.90 3.56
N LYS A 56 1.61 -5.40 3.16
CA LYS A 56 2.75 -6.27 2.91
C LYS A 56 3.18 -6.99 4.19
N ASP A 57 3.10 -6.28 5.32
CA ASP A 57 3.48 -6.86 6.61
C ASP A 57 2.44 -7.87 7.07
N SER A 58 1.21 -7.39 7.29
CA SER A 58 0.13 -8.25 7.74
C SER A 58 -0.35 -9.16 6.61
N VAL A 59 0.14 -10.39 6.60
CA VAL A 59 -0.24 -11.36 5.58
C VAL A 59 0.16 -12.77 5.98
N THR A 60 -0.57 -13.76 5.45
CA THR A 60 -0.29 -15.16 5.76
C THR A 60 0.29 -15.88 4.55
N CYS A 61 1.60 -15.84 4.39
CA CYS A 61 2.26 -16.49 3.28
C CYS A 61 3.64 -17.01 3.69
N SER A 62 3.81 -18.32 3.63
CA SER A 62 5.08 -18.94 4.00
C SER A 62 5.76 -19.57 2.79
N PRO A 63 6.44 -18.74 1.99
CA PRO A 63 7.14 -19.19 0.78
C PRO A 63 8.37 -20.03 1.11
N GLY A 64 8.90 -19.84 2.32
CA GLY A 64 10.08 -20.59 2.73
C GLY A 64 9.93 -21.19 4.11
N MET A 65 9.96 -22.52 4.20
CA MET A 65 9.83 -23.20 5.48
C MET A 65 11.10 -23.05 6.32
N VAL A 66 11.01 -22.24 7.36
CA VAL A 66 12.15 -22.01 8.24
C VAL A 66 11.83 -22.44 9.68
N SER A 67 10.63 -22.13 10.13
CA SER A 67 10.20 -22.47 11.48
C SER A 67 10.07 -23.98 11.63
N GLY A 68 11.16 -24.65 12.00
CA GLY A 68 11.15 -26.09 12.17
C GLY A 68 10.27 -26.52 13.33
N PRO A 69 10.52 -27.73 13.86
CA PRO A 69 9.76 -28.29 14.98
C PRO A 69 10.04 -27.56 16.28
N SER A 70 10.93 -26.57 16.22
CA SER A 70 11.29 -25.80 17.41
C SER A 70 10.22 -24.76 17.73
N SER A 71 10.40 -24.05 18.84
CA SER A 71 9.46 -23.02 19.25
C SER A 71 10.18 -21.80 19.79
N GLY A 72 9.52 -20.65 19.74
CA GLY A 72 10.12 -19.42 20.22
C GLY A 72 9.54 -18.98 21.55
N GLY A 1 0.75 26.10 0.99
CA GLY A 1 0.39 26.17 2.40
C GLY A 1 1.00 25.04 3.21
N SER A 2 1.21 25.29 4.50
CA SER A 2 1.80 24.28 5.39
C SER A 2 0.85 23.10 5.56
N SER A 3 1.42 21.90 5.60
CA SER A 3 0.62 20.69 5.76
C SER A 3 -0.38 20.84 6.90
N GLY A 4 -1.56 20.25 6.72
CA GLY A 4 -2.59 20.33 7.75
C GLY A 4 -2.76 19.03 8.50
N SER A 5 -4.00 18.59 8.66
CA SER A 5 -4.29 17.35 9.38
C SER A 5 -5.63 16.77 8.92
N SER A 6 -5.72 15.44 8.91
CA SER A 6 -6.92 14.76 8.50
C SER A 6 -7.41 15.26 7.14
N GLY A 7 -6.45 15.51 6.24
CA GLY A 7 -6.80 16.00 4.92
C GLY A 7 -7.41 14.92 4.05
N ALA A 8 -6.56 14.15 3.37
CA ALA A 8 -7.03 13.08 2.49
C ALA A 8 -8.00 12.17 3.21
N PRO A 9 -9.02 11.68 2.48
CA PRO A 9 -10.04 10.79 3.04
C PRO A 9 -9.49 9.41 3.38
N GLU A 10 -10.26 8.63 4.13
CA GLU A 10 -9.84 7.29 4.52
C GLU A 10 -9.84 6.35 3.32
N TRP A 11 -9.52 5.09 3.57
CA TRP A 11 -9.49 4.09 2.50
C TRP A 11 -10.79 3.30 2.45
N THR A 12 -11.33 3.14 1.25
CA THR A 12 -12.58 2.41 1.05
C THR A 12 -12.38 1.21 0.14
N GLU A 13 -13.16 0.16 0.36
CA GLU A 13 -13.07 -1.05 -0.45
C GLU A 13 -12.70 -0.72 -1.89
N GLU A 14 -13.23 0.40 -2.39
CA GLU A 14 -12.94 0.83 -3.75
C GLU A 14 -11.48 1.16 -3.93
N ASP A 15 -10.94 1.96 -3.01
CA ASP A 15 -9.54 2.36 -3.05
C ASP A 15 -8.63 1.20 -2.65
N LEU A 16 -9.12 0.36 -1.74
CA LEU A 16 -8.36 -0.79 -1.27
C LEU A 16 -8.33 -1.89 -2.32
N SER A 17 -9.36 -1.94 -3.15
CA SER A 17 -9.46 -2.95 -4.20
C SER A 17 -8.70 -2.51 -5.45
N GLN A 18 -8.67 -1.20 -5.68
CA GLN A 18 -7.99 -0.65 -6.84
C GLN A 18 -6.47 -0.73 -6.66
N LEU A 19 -6.01 -0.52 -5.44
CA LEU A 19 -4.58 -0.56 -5.14
C LEU A 19 -3.93 -1.80 -5.75
N THR A 20 -4.42 -2.98 -5.36
CA THR A 20 -3.90 -4.23 -5.88
C THR A 20 -3.72 -4.18 -7.39
N ARG A 21 -4.66 -3.53 -8.06
CA ARG A 21 -4.61 -3.41 -9.51
C ARG A 21 -3.42 -2.55 -9.94
N SER A 22 -3.28 -1.40 -9.32
CA SER A 22 -2.18 -0.48 -9.64
C SER A 22 -0.83 -1.13 -9.35
N MET A 23 -0.72 -1.74 -8.18
CA MET A 23 0.52 -2.40 -7.78
C MET A 23 1.08 -3.24 -8.93
N VAL A 24 0.19 -3.86 -9.69
CA VAL A 24 0.60 -4.69 -10.81
C VAL A 24 1.18 -3.84 -11.95
N LYS A 25 0.53 -2.72 -12.22
CA LYS A 25 0.99 -1.81 -13.27
C LYS A 25 2.32 -1.18 -12.91
N PHE A 26 2.59 -1.07 -11.61
CA PHE A 26 3.84 -0.48 -11.13
C PHE A 26 4.44 -1.32 -10.01
N PRO A 27 5.18 -2.37 -10.40
CA PRO A 27 5.84 -3.27 -9.45
C PRO A 27 6.99 -2.60 -8.70
N GLY A 28 7.72 -3.40 -7.94
CA GLY A 28 8.84 -2.87 -7.18
C GLY A 28 10.03 -2.53 -8.06
N GLY A 29 10.82 -1.53 -7.65
CA GLY A 29 11.97 -1.13 -8.43
C GLY A 29 11.62 -0.16 -9.53
N THR A 30 10.36 -0.14 -9.93
CA THR A 30 9.90 0.76 -10.98
C THR A 30 10.04 2.22 -10.55
N PRO A 31 10.51 3.06 -11.49
CA PRO A 31 10.68 4.49 -11.24
C PRO A 31 9.36 5.23 -11.09
N GLY A 32 9.12 5.76 -9.89
CA GLY A 32 7.89 6.50 -9.63
C GLY A 32 6.74 5.57 -9.28
N ARG A 33 7.06 4.38 -8.79
CA ARG A 33 6.04 3.41 -8.42
C ARG A 33 4.90 4.08 -7.65
N TRP A 34 5.17 4.43 -6.41
CA TRP A 34 4.17 5.09 -5.57
C TRP A 34 3.63 6.34 -6.23
N GLU A 35 4.50 7.03 -6.98
CA GLU A 35 4.11 8.24 -7.68
C GLU A 35 3.05 7.96 -8.74
N LYS A 36 3.13 6.78 -9.33
CA LYS A 36 2.18 6.38 -10.36
C LYS A 36 0.90 5.81 -9.74
N ILE A 37 1.06 4.94 -8.75
CA ILE A 37 -0.07 4.34 -8.07
C ILE A 37 -0.96 5.39 -7.43
N ALA A 38 -0.34 6.43 -6.88
CA ALA A 38 -1.07 7.52 -6.25
C ALA A 38 -1.91 8.28 -7.26
N HIS A 39 -1.29 8.68 -8.37
CA HIS A 39 -1.98 9.42 -9.42
C HIS A 39 -3.13 8.59 -9.99
N GLU A 40 -3.02 7.27 -9.88
CA GLU A 40 -4.05 6.37 -10.39
C GLU A 40 -5.18 6.20 -9.38
N LEU A 41 -4.80 5.93 -8.12
CA LEU A 41 -5.78 5.73 -7.06
C LEU A 41 -6.42 7.07 -6.66
N GLY A 42 -5.71 8.15 -6.91
CA GLY A 42 -6.23 9.47 -6.58
C GLY A 42 -5.80 9.92 -5.19
N ARG A 43 -4.72 9.36 -4.70
CA ARG A 43 -4.21 9.71 -3.37
C ARG A 43 -2.78 10.23 -3.45
N SER A 44 -2.20 10.53 -2.30
CA SER A 44 -0.82 11.04 -2.24
C SER A 44 0.17 9.89 -2.07
N VAL A 45 1.33 10.02 -2.71
CA VAL A 45 2.36 9.00 -2.64
C VAL A 45 2.40 8.36 -1.25
N THR A 46 2.91 9.12 -0.27
CA THR A 46 3.00 8.63 1.09
C THR A 46 1.70 7.96 1.54
N ASP A 47 0.57 8.57 1.19
CA ASP A 47 -0.73 8.04 1.55
C ASP A 47 -0.87 6.59 1.08
N VAL A 48 -0.38 6.32 -0.13
CA VAL A 48 -0.45 4.97 -0.68
C VAL A 48 0.56 4.04 -0.01
N THR A 49 1.83 4.31 -0.23
CA THR A 49 2.90 3.49 0.36
C THR A 49 2.64 3.25 1.84
N THR A 50 2.20 4.28 2.54
CA THR A 50 1.91 4.17 3.97
C THR A 50 0.83 3.14 4.24
N LYS A 51 -0.05 2.95 3.27
CA LYS A 51 -1.14 1.98 3.39
C LYS A 51 -0.68 0.59 2.98
N ALA A 52 -0.05 0.50 1.81
CA ALA A 52 0.44 -0.77 1.29
C ALA A 52 1.44 -1.40 2.26
N LYS A 53 2.35 -0.59 2.78
CA LYS A 53 3.37 -1.07 3.71
C LYS A 53 2.73 -1.92 4.81
N GLN A 54 1.50 -1.57 5.19
CA GLN A 54 0.79 -2.30 6.23
C GLN A 54 0.34 -3.67 5.73
N LEU A 55 0.01 -3.74 4.45
CA LEU A 55 -0.42 -5.00 3.84
C LEU A 55 0.75 -5.97 3.69
N LYS A 56 1.89 -5.44 3.28
CA LYS A 56 3.09 -6.25 3.09
C LYS A 56 3.46 -6.97 4.38
N ASP A 57 3.41 -6.24 5.49
CA ASP A 57 3.73 -6.81 6.80
C ASP A 57 2.74 -7.89 7.19
N SER A 58 1.46 -7.62 6.93
CA SER A 58 0.40 -8.57 7.26
C SER A 58 0.88 -10.00 7.09
N VAL A 59 1.13 -10.39 5.83
CA VAL A 59 1.59 -11.74 5.52
C VAL A 59 2.85 -12.07 6.31
N THR A 60 3.29 -13.32 6.18
CA THR A 60 4.50 -13.77 6.87
C THR A 60 5.62 -14.06 5.89
N CYS A 61 5.78 -13.20 4.91
CA CYS A 61 6.82 -13.37 3.89
C CYS A 61 8.10 -13.91 4.52
N SER A 62 8.60 -13.21 5.53
CA SER A 62 9.82 -13.62 6.21
C SER A 62 9.63 -13.61 7.73
N PRO A 63 10.26 -14.58 8.41
CA PRO A 63 10.18 -14.70 9.87
C PRO A 63 10.91 -13.57 10.59
N GLY A 64 10.16 -12.57 11.04
CA GLY A 64 10.75 -11.44 11.74
C GLY A 64 9.72 -10.43 12.20
N MET A 65 8.87 -10.83 13.13
CA MET A 65 7.83 -9.95 13.65
C MET A 65 7.08 -10.61 14.80
N VAL A 66 6.75 -9.82 15.82
CA VAL A 66 6.03 -10.32 16.98
C VAL A 66 4.74 -9.54 17.22
N SER A 67 3.72 -10.24 17.69
CA SER A 67 2.42 -9.61 17.95
C SER A 67 1.82 -10.13 19.25
N GLY A 68 0.78 -9.46 19.72
CA GLY A 68 0.13 -9.87 20.96
C GLY A 68 -0.90 -8.86 21.44
N PRO A 69 -2.10 -8.92 20.85
CA PRO A 69 -3.20 -8.01 21.21
C PRO A 69 -3.75 -8.28 22.60
N SER A 70 -4.71 -7.45 23.02
CA SER A 70 -5.32 -7.61 24.34
C SER A 70 -6.82 -7.36 24.28
N SER A 71 -7.59 -8.27 24.86
CA SER A 71 -9.04 -8.16 24.87
C SER A 71 -9.66 -9.15 25.85
N GLY A 72 -10.27 -8.61 26.91
CA GLY A 72 -10.89 -9.46 27.91
C GLY A 72 -12.40 -9.28 27.97
N GLY A 1 -13.85 28.99 6.96
CA GLY A 1 -13.84 29.96 5.89
C GLY A 1 -12.93 29.55 4.75
N SER A 2 -11.73 30.11 4.73
CA SER A 2 -10.76 29.80 3.67
C SER A 2 -9.94 28.57 4.03
N SER A 3 -10.36 27.42 3.51
CA SER A 3 -9.67 26.17 3.77
C SER A 3 -8.34 26.11 3.02
N GLY A 4 -7.28 26.60 3.65
CA GLY A 4 -5.97 26.59 3.03
C GLY A 4 -5.61 25.24 2.44
N SER A 5 -5.11 24.35 3.29
CA SER A 5 -4.71 23.02 2.85
C SER A 5 -5.58 21.95 3.50
N SER A 6 -6.25 21.15 2.68
CA SER A 6 -7.12 20.09 3.18
C SER A 6 -6.35 18.78 3.35
N GLY A 7 -7.02 17.77 3.88
CA GLY A 7 -6.39 16.48 4.09
C GLY A 7 -6.95 15.40 3.19
N ALA A 8 -6.48 14.17 3.37
CA ALA A 8 -6.94 13.05 2.56
C ALA A 8 -7.91 12.17 3.36
N PRO A 9 -8.93 11.64 2.66
CA PRO A 9 -9.93 10.77 3.27
C PRO A 9 -9.36 9.41 3.68
N GLU A 10 -10.23 8.55 4.19
CA GLU A 10 -9.81 7.22 4.63
C GLU A 10 -9.76 6.26 3.44
N TRP A 11 -9.43 4.99 3.72
CA TRP A 11 -9.34 3.99 2.67
C TRP A 11 -10.63 3.15 2.61
N THR A 12 -11.16 3.00 1.40
CA THR A 12 -12.39 2.23 1.21
C THR A 12 -12.14 1.03 0.29
N GLU A 13 -12.91 -0.03 0.49
CA GLU A 13 -12.78 -1.23 -0.32
C GLU A 13 -12.41 -0.89 -1.76
N GLU A 14 -13.01 0.18 -2.27
CA GLU A 14 -12.73 0.62 -3.65
C GLU A 14 -11.28 1.04 -3.80
N ASP A 15 -10.79 1.83 -2.84
CA ASP A 15 -9.42 2.31 -2.87
C ASP A 15 -8.45 1.20 -2.49
N LEU A 16 -8.93 0.26 -1.67
CA LEU A 16 -8.10 -0.85 -1.23
C LEU A 16 -8.00 -1.92 -2.31
N SER A 17 -9.07 -2.12 -3.06
CA SER A 17 -9.10 -3.10 -4.13
C SER A 17 -8.35 -2.59 -5.36
N GLN A 18 -8.44 -1.29 -5.60
CA GLN A 18 -7.78 -0.68 -6.74
C GLN A 18 -6.26 -0.75 -6.60
N LEU A 19 -5.77 -0.49 -5.39
CA LEU A 19 -4.34 -0.53 -5.11
C LEU A 19 -3.71 -1.80 -5.70
N THR A 20 -4.31 -2.94 -5.39
CA THR A 20 -3.81 -4.21 -5.88
C THR A 20 -3.65 -4.20 -7.40
N ARG A 21 -4.55 -3.51 -8.07
CA ARG A 21 -4.52 -3.41 -9.53
C ARG A 21 -3.36 -2.53 -9.97
N SER A 22 -3.21 -1.38 -9.34
CA SER A 22 -2.15 -0.45 -9.68
C SER A 22 -0.77 -1.06 -9.42
N MET A 23 -0.61 -1.66 -8.24
CA MET A 23 0.65 -2.29 -7.87
C MET A 23 1.20 -3.12 -9.03
N VAL A 24 0.31 -3.75 -9.79
CA VAL A 24 0.71 -4.58 -10.92
C VAL A 24 1.24 -3.71 -12.06
N LYS A 25 0.55 -2.60 -12.32
CA LYS A 25 0.95 -1.69 -13.39
C LYS A 25 2.29 -1.03 -13.06
N PHE A 26 2.60 -0.92 -11.77
CA PHE A 26 3.84 -0.31 -11.32
C PHE A 26 4.50 -1.14 -10.23
N PRO A 27 5.25 -2.17 -10.65
CA PRO A 27 5.95 -3.07 -9.72
C PRO A 27 7.11 -2.38 -9.01
N GLY A 28 7.91 -3.17 -8.29
CA GLY A 28 9.04 -2.62 -7.57
C GLY A 28 10.18 -2.25 -8.49
N GLY A 29 10.96 -1.24 -8.09
CA GLY A 29 12.08 -0.81 -8.90
C GLY A 29 11.68 0.16 -9.99
N THR A 30 10.37 0.19 -10.31
CA THR A 30 9.86 1.08 -11.34
C THR A 30 9.97 2.54 -10.92
N PRO A 31 10.39 3.40 -11.85
CA PRO A 31 10.53 4.83 -11.60
C PRO A 31 9.20 5.54 -11.40
N GLY A 32 8.98 6.07 -10.21
CA GLY A 32 7.74 6.76 -9.90
C GLY A 32 6.62 5.81 -9.53
N ARG A 33 7.00 4.63 -9.05
CA ARG A 33 6.02 3.62 -8.66
C ARG A 33 4.89 4.25 -7.84
N TRP A 34 5.19 4.61 -6.60
CA TRP A 34 4.21 5.23 -5.72
C TRP A 34 3.62 6.49 -6.35
N GLU A 35 4.44 7.18 -7.13
CA GLU A 35 4.00 8.41 -7.80
C GLU A 35 2.93 8.11 -8.84
N LYS A 36 3.00 6.93 -9.43
CA LYS A 36 2.04 6.52 -10.44
C LYS A 36 0.79 5.92 -9.80
N ILE A 37 1.00 5.05 -8.83
CA ILE A 37 -0.11 4.41 -8.13
C ILE A 37 -1.01 5.45 -7.46
N ALA A 38 -0.39 6.49 -6.92
CA ALA A 38 -1.13 7.55 -6.25
C ALA A 38 -2.02 8.30 -7.23
N HIS A 39 -1.43 8.71 -8.35
CA HIS A 39 -2.17 9.44 -9.38
C HIS A 39 -3.33 8.60 -9.93
N GLU A 40 -3.19 7.28 -9.82
CA GLU A 40 -4.22 6.38 -10.31
C GLU A 40 -5.32 6.21 -9.27
N LEU A 41 -4.93 5.90 -8.04
CA LEU A 41 -5.89 5.71 -6.95
C LEU A 41 -6.54 7.04 -6.56
N GLY A 42 -5.86 8.14 -6.85
CA GLY A 42 -6.38 9.45 -6.53
C GLY A 42 -5.94 9.93 -5.16
N ARG A 43 -4.92 9.29 -4.61
CA ARG A 43 -4.40 9.66 -3.29
C ARG A 43 -2.98 10.19 -3.40
N SER A 44 -2.37 10.46 -2.25
CA SER A 44 -1.00 10.98 -2.22
C SER A 44 0.01 9.84 -2.09
N VAL A 45 1.16 10.02 -2.73
CA VAL A 45 2.21 9.02 -2.70
C VAL A 45 2.33 8.38 -1.32
N THR A 46 2.84 9.14 -0.36
CA THR A 46 3.00 8.65 1.00
C THR A 46 1.72 7.96 1.49
N ASP A 47 0.58 8.53 1.13
CA ASP A 47 -0.71 7.98 1.53
C ASP A 47 -0.85 6.54 1.06
N VAL A 48 -0.39 6.26 -0.16
CA VAL A 48 -0.46 4.92 -0.72
C VAL A 48 0.57 4.00 -0.08
N THR A 49 1.84 4.30 -0.30
CA THR A 49 2.93 3.50 0.26
C THR A 49 2.70 3.23 1.74
N THR A 50 2.29 4.26 2.47
CA THR A 50 2.04 4.12 3.89
C THR A 50 0.95 3.10 4.17
N LYS A 51 0.08 2.88 3.19
CA LYS A 51 -1.00 1.92 3.33
C LYS A 51 -0.56 0.54 2.87
N ALA A 52 0.03 0.47 1.68
CA ALA A 52 0.50 -0.79 1.13
C ALA A 52 1.51 -1.45 2.06
N LYS A 53 2.34 -0.63 2.69
CA LYS A 53 3.36 -1.14 3.61
C LYS A 53 2.72 -1.94 4.75
N GLN A 54 1.52 -1.55 5.13
CA GLN A 54 0.79 -2.23 6.20
C GLN A 54 0.28 -3.59 5.74
N LEU A 55 0.18 -3.75 4.42
CA LEU A 55 -0.31 -5.00 3.85
C LEU A 55 0.83 -6.00 3.67
N LYS A 56 2.00 -5.49 3.29
CA LYS A 56 3.17 -6.34 3.08
C LYS A 56 3.64 -6.94 4.39
N ASP A 57 3.29 -6.29 5.50
CA ASP A 57 3.67 -6.76 6.82
C ASP A 57 2.75 -7.89 7.29
N SER A 58 1.46 -7.57 7.41
CA SER A 58 0.47 -8.54 7.85
C SER A 58 0.19 -9.56 6.75
N VAL A 59 0.77 -10.76 6.89
CA VAL A 59 0.58 -11.81 5.91
C VAL A 59 -0.13 -13.02 6.53
N THR A 60 -1.09 -13.58 5.80
CA THR A 60 -1.84 -14.72 6.28
C THR A 60 -1.76 -15.88 5.30
N CYS A 61 -0.67 -16.63 5.35
CA CYS A 61 -0.48 -17.77 4.46
C CYS A 61 -0.98 -19.06 5.10
N SER A 62 -0.48 -19.36 6.29
CA SER A 62 -0.88 -20.56 7.02
C SER A 62 -2.39 -20.57 7.25
N PRO A 63 -2.99 -21.78 7.14
CA PRO A 63 -4.43 -21.95 7.34
C PRO A 63 -4.84 -21.77 8.80
N GLY A 64 -6.07 -21.34 9.01
CA GLY A 64 -6.57 -21.13 10.36
C GLY A 64 -6.17 -22.25 11.30
N MET A 65 -5.74 -21.88 12.51
CA MET A 65 -5.33 -22.86 13.50
C MET A 65 -5.40 -22.27 14.90
N VAL A 66 -5.55 -23.15 15.90
CA VAL A 66 -5.64 -22.72 17.29
C VAL A 66 -4.35 -23.02 18.04
N SER A 67 -3.85 -22.04 18.77
CA SER A 67 -2.61 -22.20 19.53
C SER A 67 -2.64 -21.34 20.79
N GLY A 68 -2.33 -21.96 21.93
CA GLY A 68 -2.32 -21.24 23.19
C GLY A 68 -3.26 -21.84 24.21
N PRO A 69 -4.58 -21.65 24.00
CA PRO A 69 -5.61 -22.18 24.89
C PRO A 69 -5.71 -23.70 24.83
N SER A 70 -5.90 -24.32 25.98
CA SER A 70 -6.02 -25.78 26.06
C SER A 70 -7.47 -26.20 26.33
N SER A 71 -7.71 -27.49 26.27
CA SER A 71 -9.06 -28.03 26.50
C SER A 71 -9.23 -28.44 27.97
N GLY A 72 -10.32 -27.98 28.58
CA GLY A 72 -10.58 -28.32 29.97
C GLY A 72 -10.71 -27.09 30.84
N GLY A 1 -6.92 22.44 -7.30
CA GLY A 1 -5.47 22.51 -7.21
C GLY A 1 -4.96 22.08 -5.86
N SER A 2 -3.72 21.59 -5.83
CA SER A 2 -3.10 21.13 -4.60
C SER A 2 -4.10 20.33 -3.76
N SER A 3 -4.86 19.47 -4.42
CA SER A 3 -5.85 18.65 -3.74
C SER A 3 -5.20 17.79 -2.65
N GLY A 4 -5.31 18.26 -1.41
CA GLY A 4 -4.72 17.52 -0.29
C GLY A 4 -3.74 18.36 0.50
N SER A 5 -4.22 19.48 1.03
CA SER A 5 -3.37 20.38 1.81
C SER A 5 -3.69 20.27 3.30
N SER A 6 -4.98 20.15 3.61
CA SER A 6 -5.42 20.03 5.00
C SER A 6 -5.31 18.60 5.49
N GLY A 7 -5.85 17.67 4.69
CA GLY A 7 -5.81 16.27 5.05
C GLY A 7 -6.18 15.35 3.90
N ALA A 8 -6.51 14.10 4.21
CA ALA A 8 -6.89 13.14 3.19
C ALA A 8 -7.95 12.17 3.73
N PRO A 9 -8.82 11.70 2.82
CA PRO A 9 -9.89 10.77 3.17
C PRO A 9 -9.36 9.37 3.53
N GLU A 10 -10.16 8.61 4.27
CA GLU A 10 -9.77 7.27 4.67
C GLU A 10 -9.73 6.33 3.48
N TRP A 11 -9.42 5.06 3.74
CA TRP A 11 -9.35 4.06 2.68
C TRP A 11 -10.66 3.27 2.59
N THR A 12 -11.14 3.07 1.38
CA THR A 12 -12.37 2.32 1.16
C THR A 12 -12.14 1.12 0.25
N GLU A 13 -12.93 0.07 0.46
CA GLU A 13 -12.80 -1.14 -0.35
C GLU A 13 -12.38 -0.81 -1.78
N GLU A 14 -13.01 0.23 -2.35
CA GLU A 14 -12.70 0.65 -3.71
C GLU A 14 -11.24 1.04 -3.84
N ASP A 15 -10.76 1.86 -2.90
CA ASP A 15 -9.37 2.30 -2.91
C ASP A 15 -8.42 1.17 -2.51
N LEU A 16 -8.92 0.27 -1.67
CA LEU A 16 -8.13 -0.87 -1.20
C LEU A 16 -8.04 -1.94 -2.26
N SER A 17 -9.08 -2.04 -3.10
CA SER A 17 -9.13 -3.04 -4.16
C SER A 17 -8.36 -2.56 -5.39
N GLN A 18 -8.40 -1.24 -5.63
CA GLN A 18 -7.71 -0.66 -6.76
C GLN A 18 -6.20 -0.78 -6.62
N LEU A 19 -5.71 -0.57 -5.40
CA LEU A 19 -4.28 -0.67 -5.11
C LEU A 19 -3.70 -1.96 -5.68
N THR A 20 -4.38 -3.07 -5.41
CA THR A 20 -3.93 -4.37 -5.90
C THR A 20 -3.77 -4.37 -7.41
N ARG A 21 -4.58 -3.58 -8.10
CA ARG A 21 -4.52 -3.49 -9.55
C ARG A 21 -3.37 -2.59 -9.99
N SER A 22 -3.21 -1.46 -9.31
CA SER A 22 -2.16 -0.50 -9.64
C SER A 22 -0.79 -1.12 -9.37
N MET A 23 -0.62 -1.72 -8.20
CA MET A 23 0.64 -2.34 -7.82
C MET A 23 1.20 -3.17 -8.97
N VAL A 24 0.30 -3.80 -9.74
CA VAL A 24 0.71 -4.62 -10.87
C VAL A 24 1.24 -3.76 -12.01
N LYS A 25 0.56 -2.65 -12.27
CA LYS A 25 0.96 -1.73 -13.33
C LYS A 25 2.29 -1.07 -13.01
N PHE A 26 2.59 -0.95 -11.71
CA PHE A 26 3.82 -0.33 -11.26
C PHE A 26 4.48 -1.16 -10.17
N PRO A 27 5.25 -2.18 -10.59
CA PRO A 27 5.95 -3.07 -9.65
C PRO A 27 7.10 -2.37 -8.94
N GLY A 28 7.91 -3.15 -8.22
CA GLY A 28 9.04 -2.59 -7.50
C GLY A 28 10.18 -2.21 -8.42
N GLY A 29 10.95 -1.20 -8.02
CA GLY A 29 12.06 -0.75 -8.83
C GLY A 29 11.65 0.22 -9.91
N THR A 30 10.37 0.20 -10.27
CA THR A 30 9.85 1.09 -11.30
C THR A 30 9.95 2.55 -10.88
N PRO A 31 10.36 3.41 -11.82
CA PRO A 31 10.52 4.84 -11.58
C PRO A 31 9.18 5.55 -11.36
N GLY A 32 8.95 6.03 -10.15
CA GLY A 32 7.71 6.72 -9.85
C GLY A 32 6.60 5.76 -9.47
N ARG A 33 6.97 4.59 -8.97
CA ARG A 33 5.99 3.59 -8.58
C ARG A 33 4.86 4.21 -7.77
N TRP A 34 5.16 4.58 -6.54
CA TRP A 34 4.15 5.19 -5.66
C TRP A 34 3.58 6.45 -6.30
N GLU A 35 4.39 7.14 -7.09
CA GLU A 35 3.95 8.36 -7.75
C GLU A 35 2.89 8.06 -8.81
N LYS A 36 2.98 6.87 -9.40
CA LYS A 36 2.01 6.46 -10.42
C LYS A 36 0.77 5.86 -9.77
N ILE A 37 0.97 4.99 -8.79
CA ILE A 37 -0.15 4.36 -8.08
C ILE A 37 -1.04 5.39 -7.42
N ALA A 38 -0.43 6.44 -6.89
CA ALA A 38 -1.17 7.51 -6.22
C ALA A 38 -2.06 8.25 -7.21
N HIS A 39 -1.49 8.66 -8.34
CA HIS A 39 -2.23 9.37 -9.36
C HIS A 39 -3.40 8.53 -9.88
N GLU A 40 -3.24 7.22 -9.83
CA GLU A 40 -4.28 6.30 -10.30
C GLU A 40 -5.37 6.14 -9.23
N LEU A 41 -4.95 5.84 -8.00
CA LEU A 41 -5.88 5.65 -6.91
C LEU A 41 -6.52 6.98 -6.50
N GLY A 42 -5.84 8.08 -6.79
CA GLY A 42 -6.35 9.39 -6.45
C GLY A 42 -5.92 9.85 -5.07
N ARG A 43 -4.83 9.28 -4.58
CA ARG A 43 -4.31 9.62 -3.26
C ARG A 43 -2.89 10.18 -3.36
N SER A 44 -2.30 10.47 -2.20
CA SER A 44 -0.95 11.02 -2.16
C SER A 44 0.08 9.90 -2.03
N VAL A 45 1.22 10.07 -2.68
CA VAL A 45 2.29 9.07 -2.64
C VAL A 45 2.37 8.41 -1.27
N THR A 46 2.90 9.14 -0.29
CA THR A 46 3.04 8.62 1.07
C THR A 46 1.75 7.93 1.52
N ASP A 47 0.62 8.53 1.18
CA ASP A 47 -0.68 7.97 1.55
C ASP A 47 -0.80 6.52 1.10
N VAL A 48 -0.37 6.26 -0.13
CA VAL A 48 -0.43 4.91 -0.69
C VAL A 48 0.60 4.00 -0.03
N THR A 49 1.88 4.29 -0.27
CA THR A 49 2.97 3.50 0.29
C THR A 49 2.74 3.24 1.77
N THR A 50 2.28 4.26 2.49
CA THR A 50 2.02 4.14 3.92
C THR A 50 0.96 3.09 4.20
N LYS A 51 0.05 2.90 3.25
CA LYS A 51 -1.01 1.93 3.38
C LYS A 51 -0.55 0.54 2.95
N ALA A 52 0.12 0.48 1.80
CA ALA A 52 0.62 -0.79 1.28
C ALA A 52 1.63 -1.42 2.24
N LYS A 53 2.54 -0.60 2.74
CA LYS A 53 3.56 -1.08 3.67
C LYS A 53 2.95 -1.93 4.77
N GLN A 54 1.75 -1.56 5.20
CA GLN A 54 1.05 -2.29 6.24
C GLN A 54 0.61 -3.67 5.74
N LEU A 55 0.07 -3.70 4.53
CA LEU A 55 -0.38 -4.96 3.94
C LEU A 55 0.77 -5.95 3.80
N LYS A 56 1.91 -5.46 3.35
CA LYS A 56 3.09 -6.29 3.17
C LYS A 56 3.35 -7.14 4.42
N ASP A 57 3.30 -6.51 5.58
CA ASP A 57 3.52 -7.20 6.84
C ASP A 57 2.29 -8.01 7.24
N SER A 58 1.12 -7.43 7.07
CA SER A 58 -0.13 -8.10 7.41
C SER A 58 -0.09 -9.58 7.00
N VAL A 59 0.31 -9.82 5.76
CA VAL A 59 0.40 -11.18 5.24
C VAL A 59 1.64 -11.89 5.77
N THR A 60 1.72 -13.20 5.53
CA THR A 60 2.85 -13.98 5.98
C THR A 60 3.38 -14.88 4.86
N CYS A 61 2.47 -15.55 4.16
CA CYS A 61 2.83 -16.43 3.07
C CYS A 61 3.88 -17.44 3.51
N SER A 62 3.73 -17.96 4.73
CA SER A 62 4.67 -18.92 5.28
C SER A 62 4.14 -20.35 5.12
N PRO A 63 5.07 -21.31 5.07
CA PRO A 63 4.73 -22.73 4.92
C PRO A 63 4.05 -23.30 6.16
N GLY A 64 3.91 -22.46 7.19
CA GLY A 64 3.27 -22.90 8.42
C GLY A 64 3.73 -22.09 9.61
N MET A 65 3.08 -22.30 10.76
CA MET A 65 3.42 -21.60 11.98
C MET A 65 4.93 -21.55 12.18
N VAL A 66 5.38 -20.67 13.08
CA VAL A 66 6.81 -20.54 13.36
C VAL A 66 7.21 -21.39 14.56
N SER A 67 8.47 -21.82 14.57
CA SER A 67 8.99 -22.64 15.65
C SER A 67 9.90 -21.82 16.57
N GLY A 68 10.21 -22.38 17.73
CA GLY A 68 11.07 -21.69 18.68
C GLY A 68 10.40 -21.48 20.03
N PRO A 69 10.90 -20.49 20.78
CA PRO A 69 10.36 -20.17 22.12
C PRO A 69 8.96 -19.56 22.04
N SER A 70 8.15 -19.82 23.06
CA SER A 70 6.79 -19.30 23.11
C SER A 70 6.69 -18.16 24.12
N SER A 71 5.60 -17.40 24.04
CA SER A 71 5.38 -16.28 24.94
C SER A 71 5.43 -16.74 26.40
N GLY A 72 6.13 -15.97 27.23
CA GLY A 72 6.23 -16.31 28.64
C GLY A 72 5.26 -15.54 29.49
N GLY A 1 -4.75 33.16 1.22
CA GLY A 1 -4.69 31.74 1.44
C GLY A 1 -5.28 31.33 2.78
N SER A 2 -6.25 30.43 2.74
CA SER A 2 -6.91 29.96 3.96
C SER A 2 -6.98 28.44 3.99
N SER A 3 -5.94 27.81 4.53
CA SER A 3 -5.88 26.36 4.62
C SER A 3 -6.76 25.85 5.75
N GLY A 4 -7.06 24.55 5.73
CA GLY A 4 -7.88 23.95 6.76
C GLY A 4 -7.56 22.49 6.99
N SER A 5 -7.65 21.69 5.93
CA SER A 5 -7.37 20.26 6.03
C SER A 5 -6.25 19.87 5.07
N SER A 6 -6.44 20.14 3.79
CA SER A 6 -5.45 19.80 2.77
C SER A 6 -4.83 18.43 3.05
N GLY A 7 -5.66 17.47 3.43
CA GLY A 7 -5.17 16.14 3.72
C GLY A 7 -5.74 15.10 2.78
N ALA A 8 -6.33 14.05 3.34
CA ALA A 8 -6.91 12.97 2.54
C ALA A 8 -7.84 12.11 3.39
N PRO A 9 -8.91 11.60 2.75
CA PRO A 9 -9.89 10.75 3.43
C PRO A 9 -9.33 9.37 3.77
N GLU A 10 -10.18 8.50 4.30
CA GLU A 10 -9.77 7.16 4.67
C GLU A 10 -9.74 6.23 3.45
N TRP A 11 -9.42 4.97 3.69
CA TRP A 11 -9.37 3.99 2.61
C TRP A 11 -10.67 3.19 2.53
N THR A 12 -11.21 3.06 1.32
CA THR A 12 -12.45 2.31 1.12
C THR A 12 -12.23 1.13 0.19
N GLU A 13 -13.02 0.08 0.40
CA GLU A 13 -12.91 -1.13 -0.42
C GLU A 13 -12.53 -0.77 -1.86
N GLU A 14 -13.14 0.28 -2.39
CA GLU A 14 -12.86 0.71 -3.76
C GLU A 14 -11.39 1.10 -3.91
N ASP A 15 -10.89 1.90 -2.96
CA ASP A 15 -9.50 2.34 -2.99
C ASP A 15 -8.56 1.20 -2.61
N LEU A 16 -9.05 0.28 -1.79
CA LEU A 16 -8.25 -0.86 -1.35
C LEU A 16 -8.18 -1.93 -2.43
N SER A 17 -9.24 -2.02 -3.23
CA SER A 17 -9.30 -3.00 -4.31
C SER A 17 -8.53 -2.51 -5.54
N GLN A 18 -8.56 -1.20 -5.76
CA GLN A 18 -7.87 -0.60 -6.90
C GLN A 18 -6.37 -0.74 -6.75
N LEU A 19 -5.88 -0.52 -5.53
CA LEU A 19 -4.44 -0.61 -5.26
C LEU A 19 -3.85 -1.88 -5.86
N THR A 20 -4.49 -3.01 -5.57
CA THR A 20 -4.03 -4.29 -6.09
C THR A 20 -3.84 -4.25 -7.60
N ARG A 21 -4.68 -3.47 -8.27
CA ARG A 21 -4.61 -3.34 -9.72
C ARG A 21 -3.45 -2.46 -10.13
N SER A 22 -3.30 -1.32 -9.45
CA SER A 22 -2.22 -0.39 -9.74
C SER A 22 -0.86 -1.04 -9.51
N MET A 23 -0.71 -1.67 -8.35
CA MET A 23 0.55 -2.33 -7.99
C MET A 23 1.08 -3.14 -9.17
N VAL A 24 0.17 -3.74 -9.94
CA VAL A 24 0.56 -4.54 -11.09
C VAL A 24 1.13 -3.67 -12.20
N LYS A 25 0.51 -2.52 -12.43
CA LYS A 25 0.95 -1.59 -13.46
C LYS A 25 2.31 -0.98 -13.09
N PHE A 26 2.58 -0.92 -11.79
CA PHE A 26 3.83 -0.35 -11.31
C PHE A 26 4.44 -1.23 -10.22
N PRO A 27 5.17 -2.27 -10.64
CA PRO A 27 5.82 -3.21 -9.72
C PRO A 27 6.98 -2.57 -8.96
N GLY A 28 7.70 -3.39 -8.20
CA GLY A 28 8.84 -2.88 -7.45
C GLY A 28 10.02 -2.55 -8.32
N GLY A 29 10.81 -1.57 -7.90
CA GLY A 29 11.97 -1.16 -8.67
C GLY A 29 11.63 -0.16 -9.75
N THR A 30 10.35 -0.04 -10.06
CA THR A 30 9.89 0.88 -11.09
C THR A 30 10.01 2.32 -10.63
N PRO A 31 10.48 3.20 -11.53
CA PRO A 31 10.66 4.62 -11.23
C PRO A 31 9.33 5.35 -11.07
N GLY A 32 9.10 5.89 -9.89
CA GLY A 32 7.86 6.61 -9.62
C GLY A 32 6.71 5.68 -9.30
N ARG A 33 7.03 4.47 -8.84
CA ARG A 33 6.02 3.49 -8.50
C ARG A 33 4.89 4.14 -7.69
N TRP A 34 5.18 4.45 -6.44
CA TRP A 34 4.18 5.07 -5.57
C TRP A 34 3.62 6.35 -6.19
N GLU A 35 4.48 7.05 -6.93
CA GLU A 35 4.08 8.30 -7.57
C GLU A 35 3.01 8.04 -8.63
N LYS A 36 3.10 6.88 -9.28
CA LYS A 36 2.14 6.50 -10.32
C LYS A 36 0.88 5.92 -9.71
N ILE A 37 1.05 5.03 -8.73
CA ILE A 37 -0.08 4.39 -8.07
C ILE A 37 -0.97 5.42 -7.38
N ALA A 38 -0.34 6.45 -6.81
CA ALA A 38 -1.08 7.51 -6.13
C ALA A 38 -1.94 8.30 -7.12
N HIS A 39 -1.34 8.69 -8.23
CA HIS A 39 -2.04 9.46 -9.25
C HIS A 39 -3.19 8.66 -9.83
N GLU A 40 -3.09 7.32 -9.75
CA GLU A 40 -4.12 6.44 -10.28
C GLU A 40 -5.25 6.27 -9.25
N LEU A 41 -4.88 5.93 -8.02
CA LEU A 41 -5.85 5.73 -6.96
C LEU A 41 -6.48 7.06 -6.53
N GLY A 42 -5.79 8.16 -6.85
CA GLY A 42 -6.30 9.47 -6.50
C GLY A 42 -5.80 9.95 -5.15
N ARG A 43 -4.82 9.23 -4.60
CA ARG A 43 -4.25 9.59 -3.30
C ARG A 43 -2.82 10.09 -3.46
N SER A 44 -2.16 10.35 -2.33
CA SER A 44 -0.78 10.82 -2.34
C SER A 44 0.19 9.66 -2.20
N VAL A 45 1.44 9.90 -2.61
CA VAL A 45 2.48 8.88 -2.53
C VAL A 45 2.49 8.20 -1.16
N THR A 46 2.99 8.91 -0.16
CA THR A 46 3.05 8.39 1.20
C THR A 46 1.73 7.75 1.60
N ASP A 47 0.63 8.36 1.20
CA ASP A 47 -0.70 7.85 1.52
C ASP A 47 -0.85 6.40 1.04
N VAL A 48 -0.36 6.14 -0.16
CA VAL A 48 -0.45 4.80 -0.74
C VAL A 48 0.55 3.85 -0.08
N THR A 49 1.84 4.13 -0.26
CA THR A 49 2.89 3.31 0.31
C THR A 49 2.62 3.04 1.79
N THR A 50 2.31 4.10 2.54
CA THR A 50 2.04 3.97 3.96
C THR A 50 0.91 2.97 4.22
N LYS A 51 0.02 2.83 3.25
CA LYS A 51 -1.10 1.90 3.37
C LYS A 51 -0.69 0.49 2.94
N ALA A 52 -0.08 0.38 1.76
CA ALA A 52 0.36 -0.91 1.25
C ALA A 52 1.33 -1.58 2.21
N LYS A 53 2.27 -0.79 2.73
CA LYS A 53 3.27 -1.32 3.67
C LYS A 53 2.61 -2.09 4.79
N GLN A 54 1.39 -1.68 5.16
CA GLN A 54 0.65 -2.35 6.22
C GLN A 54 0.08 -3.66 5.74
N LEU A 55 -0.13 -3.78 4.44
CA LEU A 55 -0.68 -4.99 3.84
C LEU A 55 0.43 -5.99 3.51
N LYS A 56 1.55 -5.47 3.04
CA LYS A 56 2.69 -6.30 2.68
C LYS A 56 3.37 -6.86 3.93
N ASP A 57 3.43 -6.03 4.97
CA ASP A 57 4.05 -6.45 6.22
C ASP A 57 3.16 -7.42 6.99
N SER A 58 1.90 -7.04 7.17
CA SER A 58 0.94 -7.88 7.88
C SER A 58 0.74 -9.21 7.15
N VAL A 59 1.60 -10.17 7.44
CA VAL A 59 1.52 -11.49 6.82
C VAL A 59 1.65 -12.60 7.86
N THR A 60 1.64 -13.85 7.39
CA THR A 60 1.76 -15.00 8.27
C THR A 60 2.98 -15.84 7.93
N CYS A 61 4.12 -15.47 8.48
CA CYS A 61 5.36 -16.19 8.23
C CYS A 61 6.13 -16.44 9.53
N SER A 62 6.80 -17.58 9.60
CA SER A 62 7.57 -17.93 10.79
C SER A 62 8.37 -16.74 11.30
N PRO A 63 8.58 -16.70 12.62
CA PRO A 63 9.34 -15.61 13.26
C PRO A 63 10.83 -15.66 12.92
N GLY A 64 11.30 -16.85 12.54
CA GLY A 64 12.70 -17.01 12.19
C GLY A 64 13.05 -18.44 11.84
N MET A 65 13.80 -18.62 10.76
CA MET A 65 14.21 -19.95 10.33
C MET A 65 15.72 -20.12 10.45
N VAL A 66 16.13 -21.03 11.33
CA VAL A 66 17.56 -21.29 11.55
C VAL A 66 18.18 -21.94 10.32
N SER A 67 17.34 -22.33 9.36
CA SER A 67 17.81 -22.97 8.14
C SER A 67 18.23 -21.94 7.11
N GLY A 68 18.94 -22.39 6.08
CA GLY A 68 19.39 -21.49 5.04
C GLY A 68 20.49 -22.10 4.18
N PRO A 69 20.80 -21.43 3.06
CA PRO A 69 21.84 -21.89 2.13
C PRO A 69 23.25 -21.79 2.72
N SER A 70 23.68 -22.84 3.40
CA SER A 70 25.00 -22.86 4.02
C SER A 70 25.15 -21.71 5.01
N SER A 71 24.12 -21.49 5.81
CA SER A 71 24.14 -20.41 6.81
C SER A 71 23.03 -20.61 7.83
N GLY A 72 23.27 -20.15 9.05
CA GLY A 72 22.28 -20.27 10.11
C GLY A 72 22.26 -19.08 11.04
N GLY A 1 -5.79 34.23 6.74
CA GLY A 1 -6.46 33.29 5.85
C GLY A 1 -6.59 31.91 6.45
N SER A 2 -6.99 30.94 5.63
CA SER A 2 -7.16 29.57 6.09
C SER A 2 -5.91 28.74 5.81
N SER A 3 -5.34 28.16 6.86
CA SER A 3 -4.14 27.35 6.72
C SER A 3 -4.39 26.13 5.86
N GLY A 4 -5.60 25.58 5.97
CA GLY A 4 -5.96 24.40 5.19
C GLY A 4 -5.28 23.14 5.69
N SER A 5 -5.89 22.49 6.68
CA SER A 5 -5.33 21.27 7.25
C SER A 5 -5.93 20.04 6.57
N SER A 6 -6.05 20.09 5.25
CA SER A 6 -6.61 18.98 4.50
C SER A 6 -5.51 18.07 3.96
N GLY A 7 -5.66 16.77 4.19
CA GLY A 7 -4.66 15.82 3.73
C GLY A 7 -5.25 14.79 2.78
N ALA A 8 -6.05 13.88 3.32
CA ALA A 8 -6.68 12.83 2.52
C ALA A 8 -7.65 12.00 3.35
N PRO A 9 -8.72 11.51 2.71
CA PRO A 9 -9.74 10.70 3.37
C PRO A 9 -9.21 9.32 3.75
N GLU A 10 -10.12 8.44 4.18
CA GLU A 10 -9.75 7.09 4.58
C GLU A 10 -9.74 6.15 3.38
N TRP A 11 -9.46 4.87 3.63
CA TRP A 11 -9.41 3.88 2.57
C TRP A 11 -10.72 3.08 2.52
N THR A 12 -11.24 2.89 1.32
CA THR A 12 -12.48 2.15 1.13
C THR A 12 -12.28 0.96 0.19
N GLU A 13 -13.04 -0.11 0.42
CA GLU A 13 -12.94 -1.30 -0.41
C GLU A 13 -12.58 -0.94 -1.85
N GLU A 14 -13.14 0.17 -2.32
CA GLU A 14 -12.88 0.62 -3.69
C GLU A 14 -11.41 0.98 -3.87
N ASP A 15 -10.89 1.81 -2.97
CA ASP A 15 -9.49 2.22 -3.03
C ASP A 15 -8.57 1.07 -2.65
N LEU A 16 -9.01 0.24 -1.73
CA LEU A 16 -8.21 -0.91 -1.27
C LEU A 16 -8.15 -1.99 -2.35
N SER A 17 -9.18 -2.02 -3.20
CA SER A 17 -9.24 -2.99 -4.28
C SER A 17 -8.44 -2.53 -5.49
N GLN A 18 -8.39 -1.21 -5.68
CA GLN A 18 -7.67 -0.63 -6.81
C GLN A 18 -6.16 -0.77 -6.61
N LEU A 19 -5.71 -0.53 -5.40
CA LEU A 19 -4.28 -0.63 -5.08
C LEU A 19 -3.69 -1.91 -5.65
N THR A 20 -4.37 -3.03 -5.43
CA THR A 20 -3.92 -4.32 -5.92
C THR A 20 -3.76 -4.31 -7.44
N ARG A 21 -4.61 -3.53 -8.10
CA ARG A 21 -4.58 -3.42 -9.56
C ARG A 21 -3.42 -2.54 -10.02
N SER A 22 -3.24 -1.42 -9.33
CA SER A 22 -2.18 -0.47 -9.67
C SER A 22 -0.81 -1.10 -9.41
N MET A 23 -0.65 -1.69 -8.23
CA MET A 23 0.62 -2.32 -7.86
C MET A 23 1.18 -3.14 -9.01
N VAL A 24 0.28 -3.75 -9.79
CA VAL A 24 0.68 -4.57 -10.92
C VAL A 24 1.23 -3.71 -12.06
N LYS A 25 0.57 -2.58 -12.31
CA LYS A 25 1.00 -1.67 -13.37
C LYS A 25 2.32 -1.01 -13.01
N PHE A 26 2.60 -0.90 -11.72
CA PHE A 26 3.84 -0.29 -11.25
C PHE A 26 4.47 -1.13 -10.15
N PRO A 27 5.23 -2.17 -10.54
CA PRO A 27 5.91 -3.06 -9.60
C PRO A 27 7.05 -2.37 -8.86
N GLY A 28 7.78 -3.15 -8.07
CA GLY A 28 8.90 -2.59 -7.31
C GLY A 28 10.07 -2.24 -8.20
N GLY A 29 10.85 -1.23 -7.79
CA GLY A 29 12.00 -0.82 -8.56
C GLY A 29 11.62 0.15 -9.67
N THR A 30 10.34 0.17 -10.03
CA THR A 30 9.86 1.06 -11.08
C THR A 30 9.99 2.52 -10.69
N PRO A 31 10.44 3.36 -11.63
CA PRO A 31 10.62 4.79 -11.40
C PRO A 31 9.29 5.52 -11.25
N GLY A 32 9.02 6.01 -10.04
CA GLY A 32 7.78 6.72 -9.79
C GLY A 32 6.64 5.79 -9.43
N ARG A 33 6.97 4.59 -8.97
CA ARG A 33 5.97 3.61 -8.59
C ARG A 33 4.84 4.25 -7.78
N TRP A 34 5.16 4.59 -6.53
CA TRP A 34 4.18 5.22 -5.65
C TRP A 34 3.60 6.48 -6.28
N GLU A 35 4.43 7.17 -7.06
CA GLU A 35 4.00 8.40 -7.73
C GLU A 35 2.93 8.10 -8.78
N LYS A 36 3.00 6.92 -9.38
CA LYS A 36 2.05 6.51 -10.40
C LYS A 36 0.80 5.91 -9.76
N ILE A 37 1.00 5.03 -8.78
CA ILE A 37 -0.11 4.39 -8.09
C ILE A 37 -1.00 5.42 -7.41
N ALA A 38 -0.39 6.47 -6.87
CA ALA A 38 -1.14 7.52 -6.20
C ALA A 38 -2.01 8.28 -7.18
N HIS A 39 -1.42 8.70 -8.30
CA HIS A 39 -2.16 9.44 -9.32
C HIS A 39 -3.32 8.61 -9.85
N GLU A 40 -3.19 7.29 -9.79
CA GLU A 40 -4.24 6.39 -10.27
C GLU A 40 -5.33 6.22 -9.21
N LEU A 41 -4.92 5.90 -8.00
CA LEU A 41 -5.87 5.71 -6.90
C LEU A 41 -6.50 7.03 -6.49
N GLY A 42 -5.81 8.12 -6.76
CA GLY A 42 -6.33 9.44 -6.42
C GLY A 42 -5.88 9.90 -5.04
N ARG A 43 -4.83 9.26 -4.52
CA ARG A 43 -4.30 9.61 -3.22
C ARG A 43 -2.88 10.15 -3.32
N SER A 44 -2.27 10.43 -2.18
CA SER A 44 -0.91 10.95 -2.14
C SER A 44 0.11 9.83 -1.99
N VAL A 45 1.26 9.99 -2.64
CA VAL A 45 2.32 8.98 -2.58
C VAL A 45 2.37 8.33 -1.21
N THR A 46 2.90 9.07 -0.23
CA THR A 46 3.02 8.56 1.13
C THR A 46 1.73 7.87 1.57
N ASP A 47 0.60 8.48 1.23
CA ASP A 47 -0.71 7.93 1.60
C ASP A 47 -0.83 6.48 1.12
N VAL A 48 -0.37 6.22 -0.10
CA VAL A 48 -0.43 4.88 -0.67
C VAL A 48 0.61 3.96 -0.04
N THR A 49 1.88 4.26 -0.26
CA THR A 49 2.96 3.47 0.29
C THR A 49 2.74 3.17 1.77
N THR A 50 2.26 4.18 2.50
CA THR A 50 2.00 4.03 3.92
C THR A 50 0.93 2.97 4.18
N LYS A 51 0.03 2.81 3.22
CA LYS A 51 -1.05 1.84 3.34
C LYS A 51 -0.58 0.45 2.88
N ALA A 52 0.05 0.41 1.72
CA ALA A 52 0.56 -0.85 1.17
C ALA A 52 1.56 -1.50 2.11
N LYS A 53 2.48 -0.69 2.63
CA LYS A 53 3.51 -1.19 3.54
C LYS A 53 2.89 -2.05 4.63
N GLN A 54 1.71 -1.64 5.12
CA GLN A 54 1.02 -2.37 6.17
C GLN A 54 0.59 -3.75 5.67
N LEU A 55 0.17 -3.81 4.41
CA LEU A 55 -0.27 -5.08 3.81
C LEU A 55 0.91 -6.03 3.64
N LYS A 56 2.02 -5.51 3.15
CA LYS A 56 3.22 -6.31 2.93
C LYS A 56 3.62 -7.04 4.21
N ASP A 57 3.73 -6.30 5.31
CA ASP A 57 4.10 -6.88 6.59
C ASP A 57 2.97 -7.74 7.15
N SER A 58 1.78 -7.15 7.27
CA SER A 58 0.62 -7.87 7.78
C SER A 58 0.09 -8.86 6.75
N VAL A 59 0.40 -10.14 6.96
CA VAL A 59 -0.04 -11.18 6.05
C VAL A 59 -0.31 -12.49 6.80
N THR A 60 -0.99 -13.42 6.14
CA THR A 60 -1.30 -14.71 6.74
C THR A 60 -0.83 -15.86 5.86
N CYS A 61 0.31 -16.44 6.19
CA CYS A 61 0.85 -17.56 5.42
C CYS A 61 0.82 -18.84 6.24
N SER A 62 1.48 -18.83 7.39
CA SER A 62 1.54 -20.00 8.26
C SER A 62 0.38 -19.99 9.25
N PRO A 63 -0.16 -21.18 9.56
CA PRO A 63 -1.27 -21.33 10.50
C PRO A 63 -0.85 -21.05 11.93
N GLY A 64 0.23 -21.69 12.37
CA GLY A 64 0.71 -21.49 13.72
C GLY A 64 1.13 -22.78 14.38
N MET A 65 2.32 -22.78 14.99
CA MET A 65 2.83 -23.97 15.66
C MET A 65 2.44 -23.98 17.14
N VAL A 66 2.48 -25.15 17.76
CA VAL A 66 2.14 -25.30 19.16
C VAL A 66 3.16 -24.57 20.06
N SER A 67 4.35 -24.35 19.53
CA SER A 67 5.40 -23.68 20.27
C SER A 67 4.88 -22.40 20.92
N GLY A 68 5.35 -22.13 22.13
CA GLY A 68 4.92 -20.94 22.84
C GLY A 68 5.96 -20.43 23.82
N PRO A 69 5.52 -19.65 24.81
CA PRO A 69 6.42 -19.08 25.83
C PRO A 69 6.97 -20.15 26.77
N SER A 70 8.30 -20.23 26.84
CA SER A 70 8.96 -21.21 27.70
C SER A 70 10.32 -20.69 28.17
N SER A 71 11.04 -21.53 28.89
CA SER A 71 12.35 -21.16 29.41
C SER A 71 13.32 -22.35 29.36
N GLY A 72 14.61 -22.05 29.33
CA GLY A 72 15.61 -23.11 29.28
C GLY A 72 15.93 -23.65 30.66
N GLY A 1 -5.52 30.14 7.12
CA GLY A 1 -6.32 29.04 6.60
C GLY A 1 -6.20 27.79 7.46
N SER A 2 -7.34 27.21 7.82
CA SER A 2 -7.36 26.01 8.65
C SER A 2 -8.25 24.94 8.04
N SER A 3 -9.46 25.34 7.64
CA SER A 3 -10.41 24.40 7.03
C SER A 3 -10.44 24.57 5.52
N GLY A 4 -9.81 23.63 4.81
CA GLY A 4 -9.78 23.69 3.36
C GLY A 4 -9.05 22.52 2.75
N SER A 5 -9.78 21.43 2.51
CA SER A 5 -9.19 20.23 1.93
C SER A 5 -7.85 19.90 2.59
N SER A 6 -7.81 20.01 3.91
CA SER A 6 -6.60 19.73 4.67
C SER A 6 -6.54 18.26 5.07
N GLY A 7 -5.43 17.60 4.74
CA GLY A 7 -5.27 16.21 5.08
C GLY A 7 -5.73 15.28 3.96
N ALA A 8 -5.94 14.02 4.29
CA ALA A 8 -6.39 13.03 3.31
C ALA A 8 -7.49 12.14 3.89
N PRO A 9 -8.39 11.69 3.01
CA PRO A 9 -9.51 10.82 3.42
C PRO A 9 -9.04 9.42 3.81
N GLU A 10 -9.99 8.60 4.26
CA GLU A 10 -9.67 7.23 4.67
C GLU A 10 -9.62 6.30 3.47
N TRP A 11 -9.38 5.02 3.74
CA TRP A 11 -9.31 4.02 2.67
C TRP A 11 -10.60 3.22 2.58
N THR A 12 -11.11 3.04 1.36
CA THR A 12 -12.34 2.31 1.14
C THR A 12 -12.10 1.10 0.24
N GLU A 13 -12.88 0.05 0.45
CA GLU A 13 -12.75 -1.17 -0.34
C GLU A 13 -12.33 -0.84 -1.78
N GLU A 14 -12.95 0.18 -2.35
CA GLU A 14 -12.64 0.60 -3.71
C GLU A 14 -11.17 1.00 -3.84
N ASP A 15 -10.70 1.84 -2.92
CA ASP A 15 -9.32 2.30 -2.92
C ASP A 15 -8.38 1.17 -2.50
N LEU A 16 -8.88 0.25 -1.69
CA LEU A 16 -8.09 -0.87 -1.21
C LEU A 16 -8.00 -1.97 -2.28
N SER A 17 -9.03 -2.07 -3.10
CA SER A 17 -9.08 -3.08 -4.15
C SER A 17 -8.32 -2.60 -5.38
N GLN A 18 -8.36 -1.30 -5.63
CA GLN A 18 -7.67 -0.72 -6.78
C GLN A 18 -6.15 -0.83 -6.62
N LEU A 19 -5.67 -0.53 -5.41
CA LEU A 19 -4.24 -0.60 -5.13
C LEU A 19 -3.63 -1.88 -5.70
N THR A 20 -4.29 -3.00 -5.46
CA THR A 20 -3.82 -4.29 -5.94
C THR A 20 -3.68 -4.29 -7.46
N ARG A 21 -4.55 -3.54 -8.13
CA ARG A 21 -4.52 -3.45 -9.59
C ARG A 21 -3.39 -2.53 -10.05
N SER A 22 -3.22 -1.41 -9.36
CA SER A 22 -2.18 -0.45 -9.70
C SER A 22 -0.79 -1.04 -9.47
N MET A 23 -0.61 -1.67 -8.30
CA MET A 23 0.66 -2.27 -7.95
C MET A 23 1.22 -3.09 -9.11
N VAL A 24 0.33 -3.72 -9.86
CA VAL A 24 0.73 -4.54 -11.01
C VAL A 24 1.25 -3.66 -12.14
N LYS A 25 0.55 -2.56 -12.39
CA LYS A 25 0.93 -1.64 -13.47
C LYS A 25 2.25 -0.97 -13.14
N PHE A 26 2.57 -0.87 -11.85
CA PHE A 26 3.81 -0.24 -11.40
C PHE A 26 4.47 -1.07 -10.32
N PRO A 27 5.24 -2.08 -10.74
CA PRO A 27 5.96 -2.98 -9.82
C PRO A 27 7.10 -2.28 -9.11
N GLY A 28 7.92 -3.05 -8.38
CA GLY A 28 9.04 -2.48 -7.67
C GLY A 28 10.18 -2.10 -8.59
N GLY A 29 10.94 -1.09 -8.19
CA GLY A 29 12.06 -0.64 -8.99
C GLY A 29 11.64 0.35 -10.07
N THR A 30 10.35 0.32 -10.42
CA THR A 30 9.81 1.22 -11.44
C THR A 30 9.92 2.67 -11.00
N PRO A 31 10.32 3.54 -11.95
CA PRO A 31 10.47 4.98 -11.68
C PRO A 31 9.12 5.67 -11.47
N GLY A 32 8.89 6.14 -10.25
CA GLY A 32 7.64 6.82 -9.94
C GLY A 32 6.53 5.84 -9.56
N ARG A 33 6.92 4.67 -9.06
CA ARG A 33 5.96 3.66 -8.66
C ARG A 33 4.83 4.27 -7.83
N TRP A 34 5.15 4.65 -6.59
CA TRP A 34 4.17 5.24 -5.70
C TRP A 34 3.57 6.50 -6.32
N GLU A 35 4.35 7.18 -7.15
CA GLU A 35 3.90 8.40 -7.79
C GLU A 35 2.82 8.11 -8.83
N LYS A 36 2.91 6.93 -9.45
CA LYS A 36 1.94 6.52 -10.45
C LYS A 36 0.71 5.91 -9.80
N ILE A 37 0.92 5.02 -8.84
CA ILE A 37 -0.17 4.37 -8.13
C ILE A 37 -1.08 5.40 -7.45
N ALA A 38 -0.47 6.44 -6.90
CA ALA A 38 -1.22 7.49 -6.22
C ALA A 38 -2.11 8.24 -7.21
N HIS A 39 -1.54 8.65 -8.34
CA HIS A 39 -2.29 9.38 -9.35
C HIS A 39 -3.46 8.55 -9.87
N GLU A 40 -3.30 7.22 -9.82
CA GLU A 40 -4.34 6.31 -10.28
C GLU A 40 -5.42 6.14 -9.22
N LEU A 41 -5.00 5.81 -8.01
CA LEU A 41 -5.93 5.61 -6.90
C LEU A 41 -6.57 6.93 -6.48
N GLY A 42 -5.88 8.03 -6.76
CA GLY A 42 -6.40 9.33 -6.41
C GLY A 42 -5.94 9.79 -5.04
N ARG A 43 -4.84 9.24 -4.57
CA ARG A 43 -4.29 9.59 -3.26
C ARG A 43 -2.87 10.12 -3.39
N SER A 44 -2.25 10.40 -2.24
CA SER A 44 -0.89 10.92 -2.22
C SER A 44 0.12 9.79 -2.05
N VAL A 45 1.29 9.94 -2.69
CA VAL A 45 2.33 8.93 -2.61
C VAL A 45 2.38 8.31 -1.22
N THR A 46 2.90 9.06 -0.25
CA THR A 46 3.01 8.58 1.12
C THR A 46 1.72 7.88 1.56
N ASP A 47 0.59 8.48 1.21
CA ASP A 47 -0.70 7.91 1.58
C ASP A 47 -0.82 6.46 1.11
N VAL A 48 -0.35 6.20 -0.12
CA VAL A 48 -0.40 4.86 -0.68
C VAL A 48 0.66 3.95 -0.05
N THR A 49 1.92 4.26 -0.31
CA THR A 49 3.02 3.48 0.24
C THR A 49 2.82 3.21 1.72
N THR A 50 2.41 4.23 2.45
CA THR A 50 2.18 4.11 3.89
C THR A 50 1.10 3.07 4.19
N LYS A 51 0.18 2.90 3.25
CA LYS A 51 -0.91 1.95 3.40
C LYS A 51 -0.47 0.55 2.99
N ALA A 52 0.15 0.45 1.81
CA ALA A 52 0.62 -0.82 1.30
C ALA A 52 1.63 -1.47 2.26
N LYS A 53 2.59 -0.66 2.71
CA LYS A 53 3.61 -1.14 3.62
C LYS A 53 3.00 -1.95 4.75
N GLN A 54 1.79 -1.56 5.17
CA GLN A 54 1.10 -2.25 6.24
C GLN A 54 0.62 -3.62 5.79
N LEU A 55 0.05 -3.68 4.59
CA LEU A 55 -0.45 -4.93 4.03
C LEU A 55 0.67 -5.94 3.86
N LYS A 56 1.83 -5.47 3.42
CA LYS A 56 2.99 -6.33 3.22
C LYS A 56 3.29 -7.14 4.49
N ASP A 57 3.19 -6.49 5.64
CA ASP A 57 3.44 -7.15 6.91
C ASP A 57 2.26 -8.00 7.33
N SER A 58 1.06 -7.43 7.22
CA SER A 58 -0.16 -8.13 7.60
C SER A 58 -0.05 -9.62 7.26
N VAL A 59 0.13 -9.92 5.98
CA VAL A 59 0.25 -11.30 5.54
C VAL A 59 1.30 -12.06 6.35
N THR A 60 1.43 -13.35 6.08
CA THR A 60 2.40 -14.18 6.79
C THR A 60 3.56 -14.57 5.87
N CYS A 61 4.01 -13.61 5.07
CA CYS A 61 5.12 -13.85 4.15
C CYS A 61 6.20 -12.78 4.30
N SER A 62 7.14 -13.02 5.20
CA SER A 62 8.23 -12.08 5.45
C SER A 62 9.55 -12.80 5.67
N PRO A 63 10.64 -12.21 5.18
CA PRO A 63 11.98 -12.78 5.31
C PRO A 63 12.49 -12.75 6.75
N GLY A 64 13.74 -13.16 6.95
CA GLY A 64 14.32 -13.17 8.28
C GLY A 64 13.74 -14.26 9.16
N MET A 65 14.28 -14.39 10.37
CA MET A 65 13.81 -15.41 11.30
C MET A 65 12.84 -14.81 12.30
N VAL A 66 11.58 -14.68 11.89
CA VAL A 66 10.54 -14.11 12.76
C VAL A 66 11.12 -13.04 13.67
N SER A 67 12.00 -12.22 13.12
CA SER A 67 12.63 -11.14 13.88
C SER A 67 12.04 -9.79 13.51
N GLY A 68 11.77 -8.96 14.50
CA GLY A 68 11.19 -7.65 14.26
C GLY A 68 12.21 -6.54 14.47
N PRO A 69 12.01 -5.42 13.75
CA PRO A 69 12.90 -4.26 13.85
C PRO A 69 12.77 -3.54 15.19
N SER A 70 11.53 -3.26 15.58
CA SER A 70 11.25 -2.57 16.84
C SER A 70 10.56 -3.49 17.82
N SER A 71 11.25 -3.80 18.91
CA SER A 71 10.70 -4.68 19.95
C SER A 71 9.83 -3.90 20.93
N GLY A 72 10.09 -2.60 21.03
CA GLY A 72 9.33 -1.76 21.93
C GLY A 72 9.17 -2.38 23.31
N GLY A 1 -0.07 17.12 6.86
CA GLY A 1 -0.33 17.74 5.58
C GLY A 1 0.04 19.20 5.53
N SER A 2 0.31 19.71 4.33
CA SER A 2 0.70 21.10 4.16
C SER A 2 -0.54 22.01 4.14
N SER A 3 -0.78 22.70 5.24
CA SER A 3 -1.93 23.61 5.34
C SER A 3 -3.22 22.88 4.96
N GLY A 4 -3.41 21.69 5.52
CA GLY A 4 -4.60 20.91 5.22
C GLY A 4 -5.18 20.25 6.45
N SER A 5 -6.40 20.65 6.82
CA SER A 5 -7.07 20.09 7.98
C SER A 5 -7.36 18.60 7.78
N SER A 6 -7.98 18.27 6.65
CA SER A 6 -8.32 16.88 6.33
C SER A 6 -7.20 16.23 5.54
N GLY A 7 -6.84 16.83 4.41
CA GLY A 7 -5.79 16.29 3.57
C GLY A 7 -6.30 15.21 2.63
N ALA A 8 -6.47 14.00 3.16
CA ALA A 8 -6.96 12.88 2.35
C ALA A 8 -7.92 12.02 3.16
N PRO A 9 -8.97 11.51 2.48
CA PRO A 9 -9.99 10.66 3.11
C PRO A 9 -9.45 9.29 3.47
N GLU A 10 -10.25 8.51 4.18
CA GLU A 10 -9.85 7.17 4.60
C GLU A 10 -9.79 6.22 3.41
N TRP A 11 -9.47 4.96 3.68
CA TRP A 11 -9.38 3.96 2.62
C TRP A 11 -10.67 3.16 2.52
N THR A 12 -11.20 3.05 1.30
CA THR A 12 -12.43 2.31 1.07
C THR A 12 -12.19 1.12 0.14
N GLU A 13 -13.00 0.08 0.32
CA GLU A 13 -12.87 -1.13 -0.50
C GLU A 13 -12.44 -0.77 -1.92
N GLU A 14 -12.99 0.31 -2.45
CA GLU A 14 -12.68 0.75 -3.80
C GLU A 14 -11.20 1.12 -3.92
N ASP A 15 -10.72 1.91 -2.96
CA ASP A 15 -9.33 2.34 -2.94
C ASP A 15 -8.41 1.19 -2.53
N LEU A 16 -8.94 0.27 -1.73
CA LEU A 16 -8.17 -0.87 -1.25
C LEU A 16 -8.14 -1.98 -2.30
N SER A 17 -9.18 -2.03 -3.13
CA SER A 17 -9.28 -3.04 -4.17
C SER A 17 -8.54 -2.58 -5.43
N GLN A 18 -8.53 -1.28 -5.67
CA GLN A 18 -7.85 -0.73 -6.84
C GLN A 18 -6.34 -0.85 -6.70
N LEU A 19 -5.83 -0.50 -5.53
CA LEU A 19 -4.39 -0.57 -5.27
C LEU A 19 -3.79 -1.85 -5.86
N THR A 20 -4.37 -2.99 -5.49
CA THR A 20 -3.90 -4.28 -5.98
C THR A 20 -3.72 -4.26 -7.50
N ARG A 21 -4.59 -3.54 -8.18
CA ARG A 21 -4.52 -3.44 -9.63
C ARG A 21 -3.36 -2.53 -10.06
N SER A 22 -3.25 -1.37 -9.43
CA SER A 22 -2.19 -0.42 -9.75
C SER A 22 -0.83 -1.04 -9.51
N MET A 23 -0.65 -1.66 -8.35
CA MET A 23 0.60 -2.30 -7.99
C MET A 23 1.16 -3.10 -9.18
N VAL A 24 0.27 -3.73 -9.93
CA VAL A 24 0.66 -4.52 -11.08
C VAL A 24 1.20 -3.63 -12.20
N LYS A 25 0.51 -2.52 -12.44
CA LYS A 25 0.92 -1.58 -13.49
C LYS A 25 2.25 -0.92 -13.14
N PHE A 26 2.54 -0.83 -11.85
CA PHE A 26 3.78 -0.22 -11.39
C PHE A 26 4.44 -1.07 -10.30
N PRO A 27 5.19 -2.09 -10.73
CA PRO A 27 5.89 -3.00 -9.81
C PRO A 27 7.03 -2.31 -9.07
N GLY A 28 7.81 -3.09 -8.32
CA GLY A 28 8.93 -2.54 -7.59
C GLY A 28 10.09 -2.16 -8.48
N GLY A 29 10.86 -1.17 -8.06
CA GLY A 29 12.00 -0.72 -8.84
C GLY A 29 11.60 0.27 -9.92
N THR A 30 10.32 0.26 -10.29
CA THR A 30 9.82 1.16 -11.33
C THR A 30 9.94 2.62 -10.89
N PRO A 31 10.36 3.48 -11.82
CA PRO A 31 10.53 4.92 -11.55
C PRO A 31 9.19 5.63 -11.35
N GLY A 32 8.94 6.08 -10.12
CA GLY A 32 7.70 6.77 -9.83
C GLY A 32 6.58 5.81 -9.47
N ARG A 33 6.94 4.64 -8.98
CA ARG A 33 5.95 3.63 -8.60
C ARG A 33 4.82 4.26 -7.80
N TRP A 34 5.11 4.62 -6.55
CA TRP A 34 4.11 5.22 -5.68
C TRP A 34 3.54 6.49 -6.30
N GLU A 35 4.36 7.17 -7.10
CA GLU A 35 3.94 8.40 -7.76
C GLU A 35 2.87 8.12 -8.81
N LYS A 36 2.95 6.95 -9.43
CA LYS A 36 2.00 6.55 -10.46
C LYS A 36 0.74 5.95 -9.82
N ILE A 37 0.94 5.08 -8.84
CA ILE A 37 -0.18 4.43 -8.15
C ILE A 37 -1.07 5.47 -7.47
N ALA A 38 -0.45 6.49 -6.89
CA ALA A 38 -1.18 7.55 -6.20
C ALA A 38 -2.06 8.33 -7.18
N HIS A 39 -1.47 8.71 -8.31
CA HIS A 39 -2.20 9.46 -9.33
C HIS A 39 -3.38 8.66 -9.87
N GLU A 40 -3.26 7.33 -9.82
CA GLU A 40 -4.31 6.45 -10.31
C GLU A 40 -5.40 6.28 -9.25
N LEU A 41 -4.98 5.93 -8.04
CA LEU A 41 -5.92 5.73 -6.94
C LEU A 41 -6.56 7.05 -6.52
N GLY A 42 -5.88 8.15 -6.85
CA GLY A 42 -6.39 9.47 -6.50
C GLY A 42 -5.94 9.93 -5.12
N ARG A 43 -4.86 9.31 -4.63
CA ARG A 43 -4.32 9.66 -3.33
C ARG A 43 -2.88 10.17 -3.45
N SER A 44 -2.25 10.42 -2.31
CA SER A 44 -0.88 10.92 -2.29
C SER A 44 0.11 9.76 -2.19
N VAL A 45 1.35 10.02 -2.61
CA VAL A 45 2.40 9.00 -2.56
C VAL A 45 2.45 8.33 -1.19
N THR A 46 2.98 9.05 -0.21
CA THR A 46 3.09 8.53 1.14
C THR A 46 1.80 7.85 1.58
N ASP A 47 0.67 8.44 1.21
CA ASP A 47 -0.63 7.89 1.56
C ASP A 47 -0.77 6.46 1.08
N VAL A 48 -0.40 6.21 -0.17
CA VAL A 48 -0.47 4.88 -0.75
C VAL A 48 0.55 3.95 -0.12
N THR A 49 1.83 4.25 -0.32
CA THR A 49 2.90 3.43 0.23
C THR A 49 2.66 3.12 1.70
N THR A 50 2.40 4.17 2.48
CA THR A 50 2.15 4.01 3.90
C THR A 50 1.04 2.99 4.16
N LYS A 51 0.18 2.80 3.17
CA LYS A 51 -0.93 1.86 3.28
C LYS A 51 -0.50 0.47 2.82
N ALA A 52 0.10 0.40 1.63
CA ALA A 52 0.55 -0.87 1.08
C ALA A 52 1.53 -1.56 2.02
N LYS A 53 2.41 -0.77 2.64
CA LYS A 53 3.40 -1.31 3.56
C LYS A 53 2.72 -2.13 4.67
N GLN A 54 1.59 -1.64 5.14
CA GLN A 54 0.84 -2.31 6.20
C GLN A 54 0.32 -3.67 5.72
N LEU A 55 0.23 -3.83 4.41
CA LEU A 55 -0.25 -5.06 3.81
C LEU A 55 0.87 -6.10 3.74
N LYS A 56 2.09 -5.63 3.53
CA LYS A 56 3.25 -6.51 3.44
C LYS A 56 3.67 -6.98 4.83
N ASP A 57 3.33 -6.20 5.85
CA ASP A 57 3.67 -6.55 7.22
C ASP A 57 2.75 -7.63 7.77
N SER A 58 1.45 -7.41 7.63
CA SER A 58 0.46 -8.36 8.12
C SER A 58 0.11 -9.39 7.04
N VAL A 59 0.87 -10.48 7.00
CA VAL A 59 0.65 -11.53 6.01
C VAL A 59 0.87 -12.91 6.62
N THR A 60 0.57 -13.95 5.84
CA THR A 60 0.74 -15.32 6.31
C THR A 60 1.91 -16.00 5.61
N CYS A 61 2.06 -15.75 4.32
CA CYS A 61 3.14 -16.34 3.53
C CYS A 61 4.49 -15.79 3.99
N SER A 62 5.19 -16.58 4.81
CA SER A 62 6.50 -16.17 5.32
C SER A 62 7.24 -17.36 5.91
N PRO A 63 8.58 -17.29 5.90
CA PRO A 63 9.44 -18.35 6.42
C PRO A 63 9.36 -18.46 7.95
N GLY A 64 8.55 -17.60 8.55
CA GLY A 64 8.39 -17.63 9.99
C GLY A 64 9.17 -16.52 10.67
N MET A 65 9.78 -16.83 11.81
CA MET A 65 10.56 -15.84 12.56
C MET A 65 11.85 -16.46 13.08
N VAL A 66 12.91 -15.65 13.13
CA VAL A 66 14.20 -16.11 13.61
C VAL A 66 14.37 -15.83 15.10
N SER A 67 14.25 -16.88 15.91
CA SER A 67 14.39 -16.73 17.36
C SER A 67 15.48 -17.65 17.89
N GLY A 68 16.08 -17.25 19.01
CA GLY A 68 17.14 -18.04 19.60
C GLY A 68 18.28 -17.19 20.13
N PRO A 69 18.12 -16.68 21.37
CA PRO A 69 19.13 -15.83 22.01
C PRO A 69 20.38 -16.61 22.39
N SER A 70 21.42 -16.50 21.58
CA SER A 70 22.67 -17.19 21.83
C SER A 70 22.46 -18.71 21.84
N SER A 71 21.62 -19.19 20.92
CA SER A 71 21.33 -20.62 20.83
C SER A 71 21.38 -21.09 19.38
N GLY A 72 20.71 -20.36 18.51
CA GLY A 72 20.69 -20.72 17.09
C GLY A 72 19.32 -20.54 16.47
N GLY A 1 -7.13 26.18 -9.02
CA GLY A 1 -6.92 26.68 -7.67
C GLY A 1 -5.59 26.24 -7.10
N SER A 2 -4.63 27.16 -7.06
CA SER A 2 -3.30 26.86 -6.54
C SER A 2 -3.39 26.28 -5.13
N SER A 3 -4.24 26.89 -4.30
CA SER A 3 -4.41 26.43 -2.93
C SER A 3 -4.97 25.01 -2.90
N GLY A 4 -4.77 24.32 -1.77
CA GLY A 4 -5.26 22.96 -1.63
C GLY A 4 -5.57 22.61 -0.19
N SER A 5 -6.41 21.60 0.00
CA SER A 5 -6.79 21.16 1.34
C SER A 5 -6.20 19.79 1.65
N SER A 6 -5.45 19.70 2.74
CA SER A 6 -4.83 18.45 3.15
C SER A 6 -5.78 17.62 4.00
N GLY A 7 -6.46 16.68 3.36
CA GLY A 7 -7.40 15.83 4.08
C GLY A 7 -7.85 14.64 3.26
N ALA A 8 -6.90 13.88 2.74
CA ALA A 8 -7.21 12.71 1.92
C ALA A 8 -8.23 11.82 2.61
N PRO A 9 -9.13 11.21 1.82
CA PRO A 9 -10.17 10.33 2.33
C PRO A 9 -9.61 9.01 2.85
N GLU A 10 -10.37 8.36 3.73
CA GLU A 10 -9.95 7.09 4.30
C GLU A 10 -9.81 6.02 3.22
N TRP A 11 -9.48 4.80 3.65
CA TRP A 11 -9.30 3.69 2.72
C TRP A 11 -10.52 2.78 2.74
N THR A 12 -11.17 2.62 1.59
CA THR A 12 -12.34 1.78 1.48
C THR A 12 -12.11 0.65 0.46
N GLU A 13 -12.85 -0.45 0.63
CA GLU A 13 -12.73 -1.59 -0.27
C GLU A 13 -12.42 -1.13 -1.69
N GLU A 14 -13.01 0.00 -2.09
CA GLU A 14 -12.80 0.55 -3.42
C GLU A 14 -11.34 0.96 -3.61
N ASP A 15 -10.81 1.71 -2.66
CA ASP A 15 -9.43 2.16 -2.72
C ASP A 15 -8.46 1.03 -2.42
N LEU A 16 -8.89 0.09 -1.58
CA LEU A 16 -8.06 -1.05 -1.21
C LEU A 16 -8.04 -2.09 -2.33
N SER A 17 -9.10 -2.12 -3.13
CA SER A 17 -9.21 -3.05 -4.23
C SER A 17 -8.50 -2.52 -5.47
N GLN A 18 -8.53 -1.20 -5.64
CA GLN A 18 -7.90 -0.56 -6.78
C GLN A 18 -6.39 -0.65 -6.70
N LEU A 19 -5.87 -0.54 -5.48
CA LEU A 19 -4.43 -0.61 -5.26
C LEU A 19 -3.84 -1.87 -5.87
N THR A 20 -4.43 -3.02 -5.54
CA THR A 20 -3.97 -4.29 -6.05
C THR A 20 -3.82 -4.26 -7.57
N ARG A 21 -4.64 -3.44 -8.23
CA ARG A 21 -4.61 -3.30 -9.68
C ARG A 21 -3.44 -2.43 -10.11
N SER A 22 -3.28 -1.28 -9.45
CA SER A 22 -2.20 -0.36 -9.77
C SER A 22 -0.84 -1.00 -9.51
N MET A 23 -0.70 -1.61 -8.34
CA MET A 23 0.55 -2.26 -7.98
C MET A 23 1.10 -3.10 -9.13
N VAL A 24 0.19 -3.71 -9.89
CA VAL A 24 0.57 -4.54 -11.03
C VAL A 24 1.15 -3.69 -12.15
N LYS A 25 0.51 -2.55 -12.40
CA LYS A 25 0.96 -1.64 -13.46
C LYS A 25 2.30 -1.02 -13.10
N PHE A 26 2.58 -0.93 -11.80
CA PHE A 26 3.84 -0.35 -11.33
C PHE A 26 4.45 -1.21 -10.22
N PRO A 27 5.19 -2.25 -10.63
CA PRO A 27 5.84 -3.17 -9.69
C PRO A 27 7.00 -2.52 -8.96
N GLY A 28 7.73 -3.31 -8.17
CA GLY A 28 8.85 -2.79 -7.43
C GLY A 28 10.04 -2.45 -8.32
N GLY A 29 10.83 -1.47 -7.91
CA GLY A 29 11.98 -1.06 -8.68
C GLY A 29 11.63 -0.08 -9.78
N THR A 30 10.35 -0.04 -10.15
CA THR A 30 9.89 0.86 -11.19
C THR A 30 10.04 2.32 -10.77
N PRO A 31 10.50 3.16 -11.70
CA PRO A 31 10.69 4.60 -11.44
C PRO A 31 9.38 5.34 -11.27
N GLY A 32 9.13 5.85 -10.07
CA GLY A 32 7.91 6.57 -9.81
C GLY A 32 6.76 5.66 -9.45
N ARG A 33 7.08 4.47 -8.95
CA ARG A 33 6.06 3.50 -8.57
C ARG A 33 4.94 4.17 -7.78
N TRP A 34 5.23 4.52 -6.53
CA TRP A 34 4.24 5.17 -5.68
C TRP A 34 3.71 6.44 -6.33
N GLU A 35 4.54 7.10 -7.11
CA GLU A 35 4.15 8.33 -7.80
C GLU A 35 3.09 8.04 -8.85
N LYS A 36 3.15 6.86 -9.44
CA LYS A 36 2.20 6.46 -10.47
C LYS A 36 0.93 5.89 -9.84
N ILE A 37 1.10 5.02 -8.85
CA ILE A 37 -0.04 4.41 -8.16
C ILE A 37 -0.92 5.47 -7.52
N ALA A 38 -0.29 6.47 -6.91
CA ALA A 38 -1.02 7.56 -6.26
C ALA A 38 -1.87 8.32 -7.26
N HIS A 39 -1.27 8.70 -8.38
CA HIS A 39 -1.98 9.45 -9.41
C HIS A 39 -3.16 8.64 -9.95
N GLU A 40 -3.08 7.33 -9.81
CA GLU A 40 -4.15 6.45 -10.28
C GLU A 40 -5.26 6.33 -9.24
N LEU A 41 -4.86 6.06 -7.99
CA LEU A 41 -5.82 5.92 -6.90
C LEU A 41 -6.39 7.28 -6.49
N GLY A 42 -5.73 8.35 -6.95
CA GLY A 42 -6.18 9.70 -6.63
C GLY A 42 -5.77 10.13 -5.23
N ARG A 43 -4.77 9.44 -4.68
CA ARG A 43 -4.28 9.77 -3.34
C ARG A 43 -2.85 10.31 -3.41
N SER A 44 -2.26 10.54 -2.24
CA SER A 44 -0.91 11.07 -2.15
C SER A 44 0.11 9.95 -2.02
N VAL A 45 1.23 10.10 -2.71
CA VAL A 45 2.29 9.08 -2.67
C VAL A 45 2.37 8.43 -1.29
N THR A 46 2.89 9.16 -0.32
CA THR A 46 3.03 8.65 1.04
C THR A 46 1.75 7.97 1.49
N ASP A 47 0.61 8.56 1.15
CA ASP A 47 -0.69 8.00 1.53
C ASP A 47 -0.81 6.55 1.08
N VAL A 48 -0.43 6.30 -0.18
CA VAL A 48 -0.50 4.95 -0.73
C VAL A 48 0.52 4.03 -0.08
N THR A 49 1.80 4.32 -0.30
CA THR A 49 2.88 3.52 0.27
C THR A 49 2.64 3.25 1.75
N THR A 50 2.29 4.30 2.49
CA THR A 50 2.04 4.17 3.92
C THR A 50 0.92 3.17 4.19
N LYS A 51 0.05 2.98 3.21
CA LYS A 51 -1.07 2.06 3.33
C LYS A 51 -0.65 0.65 2.92
N ALA A 52 -0.03 0.54 1.76
CA ALA A 52 0.43 -0.75 1.25
C ALA A 52 1.41 -1.41 2.22
N LYS A 53 2.35 -0.61 2.72
CA LYS A 53 3.35 -1.12 3.65
C LYS A 53 2.70 -1.95 4.76
N GLN A 54 1.50 -1.55 5.14
CA GLN A 54 0.77 -2.27 6.19
C GLN A 54 0.30 -3.63 5.70
N LEU A 55 -0.15 -3.68 4.44
CA LEU A 55 -0.64 -4.92 3.85
C LEU A 55 0.50 -5.91 3.67
N LYS A 56 1.67 -5.40 3.32
CA LYS A 56 2.85 -6.24 3.13
C LYS A 56 3.21 -7.00 4.40
N ASP A 57 3.36 -6.26 5.50
CA ASP A 57 3.70 -6.85 6.78
C ASP A 57 2.64 -7.87 7.21
N SER A 58 1.38 -7.50 7.03
CA SER A 58 0.27 -8.37 7.41
C SER A 58 0.30 -9.67 6.60
N VAL A 59 1.06 -10.63 7.10
CA VAL A 59 1.19 -11.92 6.43
C VAL A 59 1.18 -13.08 7.43
N THR A 60 1.23 -14.30 6.93
CA THR A 60 1.22 -15.48 7.77
C THR A 60 2.60 -16.15 7.80
N CYS A 61 3.43 -15.73 8.73
CA CYS A 61 4.78 -16.29 8.86
C CYS A 61 5.31 -16.11 10.28
N SER A 62 5.92 -17.15 10.82
CA SER A 62 6.47 -17.11 12.17
C SER A 62 7.08 -15.74 12.46
N PRO A 63 6.59 -15.09 13.53
CA PRO A 63 7.06 -13.77 13.95
C PRO A 63 8.48 -13.81 14.50
N GLY A 64 9.09 -12.65 14.64
CA GLY A 64 10.44 -12.57 15.15
C GLY A 64 10.57 -11.59 16.31
N MET A 65 11.54 -11.85 17.19
CA MET A 65 11.77 -10.98 18.34
C MET A 65 12.97 -10.08 18.13
N VAL A 66 14.07 -10.67 17.66
CA VAL A 66 15.29 -9.91 17.40
C VAL A 66 15.52 -9.73 15.91
N SER A 67 15.90 -8.51 15.53
CA SER A 67 16.14 -8.19 14.12
C SER A 67 17.64 -8.18 13.83
N GLY A 68 18.15 -9.30 13.31
CA GLY A 68 19.56 -9.39 12.99
C GLY A 68 20.44 -9.20 14.21
N PRO A 69 21.71 -8.80 13.98
CA PRO A 69 22.68 -8.58 15.04
C PRO A 69 22.35 -7.35 15.88
N SER A 70 22.30 -7.54 17.20
CA SER A 70 21.99 -6.43 18.11
C SER A 70 23.04 -5.33 18.00
N SER A 71 22.58 -4.09 17.86
CA SER A 71 23.48 -2.96 17.75
C SER A 71 22.70 -1.65 17.79
N GLY A 72 23.38 -0.57 18.17
CA GLY A 72 22.74 0.73 18.25
C GLY A 72 21.43 0.68 18.99
N GLY A 1 -14.49 32.67 6.19
CA GLY A 1 -14.04 31.30 6.25
C GLY A 1 -12.69 31.16 6.91
N SER A 2 -12.67 30.60 8.11
CA SER A 2 -11.44 30.42 8.86
C SER A 2 -10.88 29.01 8.67
N SER A 3 -11.76 28.02 8.74
CA SER A 3 -11.37 26.62 8.57
C SER A 3 -10.72 26.41 7.20
N GLY A 4 -9.45 26.02 7.20
CA GLY A 4 -8.74 25.79 5.95
C GLY A 4 -9.21 24.51 5.26
N SER A 5 -8.59 24.21 4.12
CA SER A 5 -8.93 23.01 3.37
C SER A 5 -7.69 22.21 3.01
N SER A 6 -7.51 21.08 3.68
CA SER A 6 -6.36 20.21 3.45
C SER A 6 -6.49 18.91 4.21
N GLY A 7 -6.47 17.79 3.49
CA GLY A 7 -6.59 16.50 4.12
C GLY A 7 -7.14 15.45 3.18
N ALA A 8 -6.53 14.26 3.18
CA ALA A 8 -6.97 13.17 2.33
C ALA A 8 -7.98 12.28 3.05
N PRO A 9 -8.97 11.78 2.28
CA PRO A 9 -10.02 10.92 2.82
C PRO A 9 -9.49 9.54 3.22
N GLU A 10 -10.27 8.82 4.01
CA GLU A 10 -9.89 7.49 4.45
C GLU A 10 -9.85 6.51 3.29
N TRP A 11 -9.54 5.25 3.59
CA TRP A 11 -9.46 4.21 2.56
C TRP A 11 -10.76 3.42 2.50
N THR A 12 -11.25 3.19 1.28
CA THR A 12 -12.48 2.44 1.08
C THR A 12 -12.25 1.22 0.19
N GLU A 13 -13.04 0.18 0.41
CA GLU A 13 -12.92 -1.05 -0.38
C GLU A 13 -12.50 -0.73 -1.82
N GLU A 14 -13.09 0.32 -2.38
CA GLU A 14 -12.79 0.72 -3.75
C GLU A 14 -11.31 1.11 -3.88
N ASP A 15 -10.83 1.92 -2.95
CA ASP A 15 -9.44 2.36 -2.96
C ASP A 15 -8.51 1.23 -2.53
N LEU A 16 -9.01 0.34 -1.69
CA LEU A 16 -8.23 -0.78 -1.20
C LEU A 16 -8.13 -1.88 -2.25
N SER A 17 -9.19 -2.03 -3.05
CA SER A 17 -9.22 -3.05 -4.10
C SER A 17 -8.48 -2.56 -5.34
N GLN A 18 -8.55 -1.26 -5.59
CA GLN A 18 -7.88 -0.66 -6.75
C GLN A 18 -6.36 -0.76 -6.62
N LEU A 19 -5.87 -0.53 -5.40
CA LEU A 19 -4.44 -0.60 -5.14
C LEU A 19 -3.83 -1.88 -5.70
N THR A 20 -4.44 -3.02 -5.38
CA THR A 20 -3.96 -4.31 -5.85
C THR A 20 -3.79 -4.31 -7.36
N ARG A 21 -4.64 -3.55 -8.06
CA ARG A 21 -4.57 -3.46 -9.51
C ARG A 21 -3.40 -2.59 -9.95
N SER A 22 -3.24 -1.45 -9.29
CA SER A 22 -2.16 -0.51 -9.61
C SER A 22 -0.80 -1.14 -9.33
N MET A 23 -0.66 -1.74 -8.15
CA MET A 23 0.59 -2.38 -7.76
C MET A 23 1.15 -3.23 -8.90
N VAL A 24 0.25 -3.83 -9.67
CA VAL A 24 0.65 -4.67 -10.80
C VAL A 24 1.23 -3.83 -11.93
N LYS A 25 0.58 -2.70 -12.21
CA LYS A 25 1.02 -1.81 -13.28
C LYS A 25 2.35 -1.16 -12.91
N PHE A 26 2.62 -1.05 -11.62
CA PHE A 26 3.86 -0.44 -11.14
C PHE A 26 4.48 -1.28 -10.03
N PRO A 27 5.23 -2.32 -10.42
CA PRO A 27 5.89 -3.22 -9.47
C PRO A 27 7.04 -2.54 -8.74
N GLY A 28 7.78 -3.32 -7.95
CA GLY A 28 8.90 -2.78 -7.20
C GLY A 28 10.08 -2.44 -8.09
N GLY A 29 10.87 -1.45 -7.69
CA GLY A 29 12.02 -1.04 -8.47
C GLY A 29 11.66 -0.08 -9.57
N THR A 30 10.38 -0.05 -9.95
CA THR A 30 9.91 0.85 -11.00
C THR A 30 10.04 2.31 -10.58
N PRO A 31 10.49 3.15 -11.52
CA PRO A 31 10.66 4.59 -11.28
C PRO A 31 9.33 5.31 -11.12
N GLY A 32 9.08 5.85 -9.93
CA GLY A 32 7.85 6.56 -9.67
C GLY A 32 6.71 5.63 -9.32
N ARG A 33 7.04 4.45 -8.82
CA ARG A 33 6.03 3.46 -8.44
C ARG A 33 4.91 4.12 -7.65
N TRP A 34 5.19 4.48 -6.40
CA TRP A 34 4.20 5.12 -5.54
C TRP A 34 3.64 6.38 -6.20
N GLU A 35 4.47 7.04 -7.01
CA GLU A 35 4.06 8.26 -7.69
C GLU A 35 3.00 7.96 -8.75
N LYS A 36 3.09 6.77 -9.34
CA LYS A 36 2.14 6.36 -10.36
C LYS A 36 0.86 5.79 -9.74
N ILE A 37 1.04 4.92 -8.75
CA ILE A 37 -0.08 4.30 -8.06
C ILE A 37 -0.98 5.36 -7.43
N ALA A 38 -0.37 6.41 -6.87
CA ALA A 38 -1.12 7.49 -6.24
C ALA A 38 -1.98 8.24 -7.27
N HIS A 39 -1.36 8.62 -8.39
CA HIS A 39 -2.06 9.33 -9.44
C HIS A 39 -3.23 8.51 -9.97
N GLU A 40 -3.11 7.19 -9.89
CA GLU A 40 -4.16 6.29 -10.36
C GLU A 40 -5.26 6.15 -9.33
N LEU A 41 -4.88 5.87 -8.10
CA LEU A 41 -5.85 5.71 -7.01
C LEU A 41 -6.47 7.05 -6.64
N GLY A 42 -5.75 8.13 -6.93
CA GLY A 42 -6.25 9.45 -6.62
C GLY A 42 -5.81 9.94 -5.25
N ARG A 43 -4.77 9.32 -4.72
CA ARG A 43 -4.24 9.69 -3.41
C ARG A 43 -2.79 10.17 -3.51
N SER A 44 -2.20 10.48 -2.37
CA SER A 44 -0.82 10.97 -2.34
C SER A 44 0.15 9.81 -2.13
N VAL A 45 1.31 9.89 -2.78
CA VAL A 45 2.32 8.85 -2.66
C VAL A 45 2.36 8.28 -1.26
N THR A 46 2.87 9.05 -0.31
CA THR A 46 2.97 8.62 1.08
C THR A 46 1.67 7.95 1.53
N ASP A 47 0.55 8.56 1.19
CA ASP A 47 -0.76 8.03 1.56
C ASP A 47 -0.90 6.58 1.12
N VAL A 48 -0.40 6.28 -0.08
CA VAL A 48 -0.47 4.93 -0.63
C VAL A 48 0.55 4.02 0.04
N THR A 49 1.83 4.29 -0.19
CA THR A 49 2.90 3.49 0.39
C THR A 49 2.65 3.24 1.87
N THR A 50 2.24 4.28 2.58
CA THR A 50 1.97 4.16 4.02
C THR A 50 0.89 3.13 4.29
N LYS A 51 0.00 2.94 3.33
CA LYS A 51 -1.09 1.98 3.46
C LYS A 51 -0.65 0.60 3.01
N ALA A 52 -0.04 0.52 1.83
CA ALA A 52 0.44 -0.74 1.30
C ALA A 52 1.46 -1.38 2.23
N LYS A 53 2.37 -0.58 2.76
CA LYS A 53 3.40 -1.06 3.66
C LYS A 53 2.79 -1.91 4.78
N GLN A 54 1.59 -1.52 5.21
CA GLN A 54 0.91 -2.25 6.28
C GLN A 54 0.44 -3.62 5.79
N LEU A 55 -0.03 -3.67 4.54
CA LEU A 55 -0.50 -4.92 3.96
C LEU A 55 0.66 -5.89 3.72
N LYS A 56 1.76 -5.37 3.20
CA LYS A 56 2.93 -6.17 2.93
C LYS A 56 3.35 -6.96 4.16
N ASP A 57 3.34 -6.29 5.31
CA ASP A 57 3.71 -6.94 6.57
C ASP A 57 2.63 -7.92 7.02
N SER A 58 1.38 -7.49 6.94
CA SER A 58 0.25 -8.32 7.34
C SER A 58 0.48 -9.77 6.91
N VAL A 59 0.78 -9.97 5.64
CA VAL A 59 1.03 -11.30 5.10
C VAL A 59 2.37 -11.85 5.57
N THR A 60 2.46 -13.17 5.67
CA THR A 60 3.70 -13.83 6.10
C THR A 60 4.21 -14.79 5.05
N CYS A 61 5.46 -14.62 4.66
CA CYS A 61 6.08 -15.48 3.65
C CYS A 61 7.59 -15.39 3.70
N SER A 62 8.26 -16.55 3.71
CA SER A 62 9.71 -16.59 3.77
C SER A 62 10.23 -17.94 3.27
N PRO A 63 11.42 -17.93 2.66
CA PRO A 63 12.05 -19.14 2.12
C PRO A 63 12.52 -20.08 3.23
N GLY A 64 13.22 -21.14 2.84
CA GLY A 64 13.72 -22.10 3.80
C GLY A 64 14.99 -21.64 4.48
N MET A 65 15.00 -20.38 4.91
CA MET A 65 16.16 -19.81 5.58
C MET A 65 16.20 -20.23 7.04
N VAL A 66 16.83 -21.38 7.32
CA VAL A 66 16.94 -21.89 8.67
C VAL A 66 18.17 -22.77 8.84
N SER A 67 18.49 -23.12 10.08
CA SER A 67 19.65 -23.94 10.37
C SER A 67 19.26 -25.42 10.44
N GLY A 68 20.25 -26.29 10.57
CA GLY A 68 20.00 -27.72 10.64
C GLY A 68 19.50 -28.13 12.01
N PRO A 69 20.40 -28.16 13.00
CA PRO A 69 20.06 -28.55 14.36
C PRO A 69 19.19 -27.52 15.06
N SER A 70 18.11 -27.99 15.69
CA SER A 70 17.19 -27.10 16.39
C SER A 70 17.63 -26.90 17.83
N SER A 71 17.17 -25.81 18.44
CA SER A 71 17.52 -25.49 19.82
C SER A 71 17.19 -26.65 20.75
N GLY A 72 17.68 -26.58 21.98
CA GLY A 72 17.42 -27.64 22.94
C GLY A 72 15.99 -27.63 23.43
N GLY A 1 -10.32 25.46 7.50
CA GLY A 1 -9.08 26.20 7.41
C GLY A 1 -7.86 25.31 7.33
N SER A 2 -7.52 24.89 6.10
CA SER A 2 -6.36 24.03 5.89
C SER A 2 -5.08 24.84 5.83
N SER A 3 -4.21 24.65 6.82
CA SER A 3 -2.95 25.36 6.89
C SER A 3 -1.77 24.39 6.81
N GLY A 4 -1.41 24.00 5.61
CA GLY A 4 -0.30 23.07 5.42
C GLY A 4 -0.62 21.69 5.94
N SER A 5 -1.83 21.22 5.66
CA SER A 5 -2.25 19.89 6.12
C SER A 5 -2.59 19.00 4.92
N SER A 6 -1.98 17.83 4.87
CA SER A 6 -2.21 16.88 3.79
C SER A 6 -3.45 16.04 4.06
N GLY A 7 -4.54 16.70 4.42
CA GLY A 7 -5.78 15.99 4.71
C GLY A 7 -6.11 14.96 3.64
N ALA A 8 -6.71 13.85 4.07
CA ALA A 8 -7.08 12.79 3.15
C ALA A 8 -8.04 11.80 3.82
N PRO A 9 -9.00 11.29 3.03
CA PRO A 9 -9.99 10.33 3.51
C PRO A 9 -9.39 8.97 3.83
N GLU A 10 -10.13 8.15 4.57
CA GLU A 10 -9.67 6.82 4.94
C GLU A 10 -9.62 5.90 3.73
N TRP A 11 -9.24 4.64 3.96
CA TRP A 11 -9.17 3.66 2.88
C TRP A 11 -10.45 2.83 2.80
N THR A 12 -10.96 2.67 1.59
CA THR A 12 -12.18 1.90 1.38
C THR A 12 -11.95 0.75 0.40
N GLU A 13 -12.70 -0.33 0.58
CA GLU A 13 -12.57 -1.50 -0.29
C GLU A 13 -12.20 -1.08 -1.72
N GLU A 14 -12.78 0.03 -2.16
CA GLU A 14 -12.51 0.54 -3.51
C GLU A 14 -11.04 0.92 -3.66
N ASP A 15 -10.53 1.69 -2.69
CA ASP A 15 -9.15 2.13 -2.72
C ASP A 15 -8.20 0.99 -2.36
N LEU A 16 -8.69 0.08 -1.53
CA LEU A 16 -7.89 -1.07 -1.11
C LEU A 16 -7.85 -2.15 -2.19
N SER A 17 -8.89 -2.17 -3.02
CA SER A 17 -8.98 -3.15 -4.09
C SER A 17 -8.26 -2.65 -5.34
N GLN A 18 -8.26 -1.33 -5.54
CA GLN A 18 -7.59 -0.73 -6.68
C GLN A 18 -6.08 -0.87 -6.57
N LEU A 19 -5.56 -0.61 -5.38
CA LEU A 19 -4.12 -0.71 -5.13
C LEU A 19 -3.55 -1.99 -5.73
N THR A 20 -4.18 -3.11 -5.42
CA THR A 20 -3.74 -4.40 -5.92
C THR A 20 -3.64 -4.39 -7.44
N ARG A 21 -4.49 -3.60 -8.09
CA ARG A 21 -4.50 -3.50 -9.54
C ARG A 21 -3.39 -2.58 -10.03
N SER A 22 -3.22 -1.45 -9.34
CA SER A 22 -2.20 -0.48 -9.71
C SER A 22 -0.80 -1.06 -9.53
N MET A 23 -0.57 -1.68 -8.37
CA MET A 23 0.73 -2.28 -8.07
C MET A 23 1.25 -3.07 -9.26
N VAL A 24 0.34 -3.71 -9.99
CA VAL A 24 0.71 -4.50 -11.15
C VAL A 24 1.19 -3.60 -12.29
N LYS A 25 0.49 -2.50 -12.51
CA LYS A 25 0.84 -1.55 -13.56
C LYS A 25 2.18 -0.87 -13.25
N PHE A 26 2.51 -0.78 -11.96
CA PHE A 26 3.75 -0.15 -11.54
C PHE A 26 4.44 -0.99 -10.48
N PRO A 27 5.21 -1.99 -10.93
CA PRO A 27 5.95 -2.89 -10.03
C PRO A 27 7.11 -2.19 -9.33
N GLY A 28 7.95 -2.96 -8.66
CA GLY A 28 9.09 -2.40 -7.96
C GLY A 28 10.20 -1.97 -8.90
N GLY A 29 10.97 -0.97 -8.48
CA GLY A 29 12.06 -0.49 -9.31
C GLY A 29 11.59 0.51 -10.36
N THR A 30 10.31 0.45 -10.71
CA THR A 30 9.74 1.35 -11.70
C THR A 30 9.87 2.80 -11.25
N PRO A 31 10.23 3.68 -12.20
CA PRO A 31 10.38 5.11 -11.93
C PRO A 31 9.05 5.80 -11.67
N GLY A 32 8.84 6.21 -10.42
CA GLY A 32 7.61 6.88 -10.05
C GLY A 32 6.51 5.90 -9.67
N ARG A 33 6.90 4.73 -9.18
CA ARG A 33 5.95 3.70 -8.78
C ARG A 33 4.83 4.32 -7.94
N TRP A 34 5.14 4.66 -6.71
CA TRP A 34 4.16 5.26 -5.80
C TRP A 34 3.56 6.52 -6.40
N GLU A 35 4.34 7.21 -7.22
CA GLU A 35 3.87 8.44 -7.87
C GLU A 35 2.77 8.14 -8.88
N LYS A 36 2.87 6.97 -9.52
CA LYS A 36 1.88 6.56 -10.52
C LYS A 36 0.65 5.96 -9.85
N ILE A 37 0.89 5.08 -8.88
CA ILE A 37 -0.20 4.43 -8.16
C ILE A 37 -1.09 5.46 -7.48
N ALA A 38 -0.48 6.49 -6.92
CA ALA A 38 -1.22 7.55 -6.25
C ALA A 38 -2.13 8.29 -7.22
N HIS A 39 -1.58 8.67 -8.37
CA HIS A 39 -2.34 9.39 -9.38
C HIS A 39 -3.53 8.56 -9.87
N GLU A 40 -3.38 7.23 -9.81
CA GLU A 40 -4.43 6.33 -10.25
C GLU A 40 -5.49 6.15 -9.15
N LEU A 41 -5.03 5.82 -7.94
CA LEU A 41 -5.93 5.64 -6.81
C LEU A 41 -6.58 6.95 -6.40
N GLY A 42 -5.89 8.06 -6.67
CA GLY A 42 -6.43 9.37 -6.32
C GLY A 42 -5.97 9.83 -4.97
N ARG A 43 -4.87 9.24 -4.48
CA ARG A 43 -4.34 9.60 -3.16
C ARG A 43 -2.93 10.18 -3.30
N SER A 44 -2.31 10.46 -2.16
CA SER A 44 -0.95 11.01 -2.14
C SER A 44 0.09 9.90 -2.05
N VAL A 45 1.21 10.08 -2.73
CA VAL A 45 2.29 9.10 -2.73
C VAL A 45 2.41 8.44 -1.35
N THR A 46 2.94 9.18 -0.39
CA THR A 46 3.11 8.67 0.97
C THR A 46 1.83 8.01 1.47
N ASP A 47 0.69 8.56 1.09
CA ASP A 47 -0.59 8.02 1.49
C ASP A 47 -0.75 6.58 1.03
N VAL A 48 -0.27 6.29 -0.17
CA VAL A 48 -0.36 4.94 -0.73
C VAL A 48 0.69 4.02 -0.10
N THR A 49 1.97 4.32 -0.36
CA THR A 49 3.06 3.53 0.17
C THR A 49 2.87 3.26 1.66
N THR A 50 2.47 4.30 2.39
CA THR A 50 2.25 4.18 3.83
C THR A 50 1.16 3.17 4.14
N LYS A 51 0.25 2.97 3.18
CA LYS A 51 -0.84 2.03 3.36
C LYS A 51 -0.42 0.62 2.96
N ALA A 52 0.30 0.51 1.85
CA ALA A 52 0.77 -0.77 1.36
C ALA A 52 1.75 -1.41 2.35
N LYS A 53 2.68 -0.62 2.85
CA LYS A 53 3.68 -1.11 3.79
C LYS A 53 3.01 -1.89 4.92
N GLN A 54 1.80 -1.49 5.28
CA GLN A 54 1.05 -2.15 6.35
C GLN A 54 0.58 -3.52 5.90
N LEU A 55 0.14 -3.63 4.65
CA LEU A 55 -0.33 -4.89 4.10
C LEU A 55 0.77 -5.94 4.12
N LYS A 56 1.99 -5.52 3.78
CA LYS A 56 3.12 -6.43 3.76
C LYS A 56 3.18 -7.28 5.03
N ASP A 57 2.95 -6.63 6.17
CA ASP A 57 2.97 -7.32 7.45
C ASP A 57 1.75 -8.22 7.60
N SER A 58 0.57 -7.64 7.39
CA SER A 58 -0.68 -8.39 7.51
C SER A 58 -0.58 -9.73 6.79
N VAL A 59 -0.37 -9.68 5.47
CA VAL A 59 -0.25 -10.88 4.67
C VAL A 59 0.84 -11.81 5.22
N THR A 60 0.98 -12.97 4.60
CA THR A 60 1.97 -13.95 5.03
C THR A 60 3.11 -14.04 4.02
N CYS A 61 4.09 -13.15 4.15
CA CYS A 61 5.24 -13.15 3.26
C CYS A 61 6.51 -13.55 3.99
N SER A 62 6.81 -12.84 5.08
CA SER A 62 8.01 -13.12 5.87
C SER A 62 7.65 -13.34 7.34
N PRO A 63 7.14 -14.55 7.64
CA PRO A 63 6.75 -14.91 9.01
C PRO A 63 7.95 -15.05 9.94
N GLY A 64 7.70 -14.94 11.24
CA GLY A 64 8.77 -15.08 12.21
C GLY A 64 8.82 -16.45 12.85
N MET A 65 9.06 -16.48 14.15
CA MET A 65 9.12 -17.75 14.88
C MET A 65 7.86 -17.97 15.71
N VAL A 66 7.25 -19.14 15.55
CA VAL A 66 6.04 -19.47 16.28
C VAL A 66 6.32 -20.53 17.36
N SER A 67 7.45 -20.39 18.03
CA SER A 67 7.83 -21.33 19.08
C SER A 67 6.95 -21.16 20.31
N GLY A 68 6.70 -19.91 20.69
CA GLY A 68 5.88 -19.63 21.85
C GLY A 68 6.46 -20.20 23.12
N PRO A 69 5.58 -20.53 24.10
CA PRO A 69 5.99 -21.08 25.38
C PRO A 69 6.53 -22.51 25.25
N SER A 70 6.79 -23.14 26.39
CA SER A 70 7.30 -24.51 26.40
C SER A 70 6.86 -25.24 27.67
N SER A 71 6.19 -26.38 27.47
CA SER A 71 5.71 -27.17 28.60
C SER A 71 6.74 -28.22 29.00
N GLY A 72 7.15 -28.19 30.27
CA GLY A 72 8.13 -29.14 30.76
C GLY A 72 7.49 -30.35 31.40
N GLY A 1 -21.20 12.76 1.66
CA GLY A 1 -20.33 13.27 0.61
C GLY A 1 -19.63 14.55 1.01
N SER A 2 -18.33 14.47 1.21
CA SER A 2 -17.54 15.63 1.61
C SER A 2 -16.07 15.44 1.23
N SER A 3 -15.52 16.43 0.52
CA SER A 3 -14.13 16.37 0.09
C SER A 3 -13.21 17.00 1.13
N GLY A 4 -12.10 16.31 1.41
CA GLY A 4 -11.15 16.81 2.40
C GLY A 4 -10.39 18.04 1.91
N SER A 5 -10.14 18.97 2.82
CA SER A 5 -9.42 20.19 2.47
C SER A 5 -7.98 20.15 3.01
N SER A 6 -7.84 19.81 4.28
CA SER A 6 -6.54 19.73 4.92
C SER A 6 -6.16 18.29 5.22
N GLY A 7 -7.13 17.51 5.69
CA GLY A 7 -6.88 16.12 6.01
C GLY A 7 -7.19 15.19 4.85
N ALA A 8 -6.30 14.25 4.59
CA ALA A 8 -6.50 13.29 3.51
C ALA A 8 -7.67 12.35 3.80
N PRO A 9 -8.35 11.91 2.73
CA PRO A 9 -9.50 11.00 2.85
C PRO A 9 -9.09 9.61 3.29
N GLU A 10 -10.02 8.89 3.90
CA GLU A 10 -9.76 7.53 4.36
C GLU A 10 -9.69 6.55 3.20
N TRP A 11 -9.49 5.28 3.52
CA TRP A 11 -9.40 4.24 2.50
C TRP A 11 -10.72 3.48 2.37
N THR A 12 -11.19 3.30 1.14
CA THR A 12 -12.44 2.60 0.89
C THR A 12 -12.21 1.38 0.00
N GLU A 13 -13.04 0.36 0.16
CA GLU A 13 -12.93 -0.86 -0.62
C GLU A 13 -12.46 -0.54 -2.05
N GLU A 14 -13.05 0.49 -2.64
CA GLU A 14 -12.68 0.89 -4.00
C GLU A 14 -11.20 1.25 -4.08
N ASP A 15 -10.73 2.01 -3.11
CA ASP A 15 -9.32 2.42 -3.08
C ASP A 15 -8.43 1.26 -2.65
N LEU A 16 -8.97 0.37 -1.83
CA LEU A 16 -8.22 -0.78 -1.34
C LEU A 16 -8.17 -1.87 -2.39
N SER A 17 -9.18 -1.90 -3.26
CA SER A 17 -9.24 -2.91 -4.32
C SER A 17 -8.46 -2.45 -5.54
N GLN A 18 -8.45 -1.14 -5.78
CA GLN A 18 -7.75 -0.58 -6.93
C GLN A 18 -6.23 -0.71 -6.75
N LEU A 19 -5.76 -0.47 -5.53
CA LEU A 19 -4.34 -0.56 -5.23
C LEU A 19 -3.75 -1.85 -5.79
N THR A 20 -4.28 -2.99 -5.35
CA THR A 20 -3.80 -4.29 -5.81
C THR A 20 -3.65 -4.31 -7.33
N ARG A 21 -4.53 -3.59 -8.02
CA ARG A 21 -4.50 -3.54 -9.48
C ARG A 21 -3.36 -2.63 -9.95
N SER A 22 -3.26 -1.46 -9.33
CA SER A 22 -2.22 -0.50 -9.70
C SER A 22 -0.83 -1.09 -9.47
N MET A 23 -0.64 -1.70 -8.30
CA MET A 23 0.64 -2.31 -7.96
C MET A 23 1.19 -3.12 -9.14
N VAL A 24 0.30 -3.74 -9.89
CA VAL A 24 0.70 -4.54 -11.04
C VAL A 24 1.22 -3.66 -12.17
N LYS A 25 0.53 -2.55 -12.40
CA LYS A 25 0.91 -1.62 -13.45
C LYS A 25 2.23 -0.94 -13.12
N PHE A 26 2.54 -0.85 -11.84
CA PHE A 26 3.77 -0.22 -11.38
C PHE A 26 4.46 -1.06 -10.30
N PRO A 27 5.22 -2.07 -10.74
CA PRO A 27 5.93 -2.97 -9.83
C PRO A 27 7.09 -2.28 -9.11
N GLY A 28 7.85 -3.04 -8.34
CA GLY A 28 8.99 -2.48 -7.62
C GLY A 28 10.13 -2.10 -8.54
N GLY A 29 10.89 -1.09 -8.13
CA GLY A 29 12.02 -0.65 -8.93
C GLY A 29 11.61 0.34 -10.01
N THR A 30 10.32 0.34 -10.34
CA THR A 30 9.80 1.24 -11.37
C THR A 30 9.90 2.70 -10.93
N PRO A 31 10.31 3.56 -11.87
CA PRO A 31 10.45 5.00 -11.60
C PRO A 31 9.10 5.69 -11.40
N GLY A 32 8.86 6.17 -10.17
CA GLY A 32 7.62 6.84 -9.88
C GLY A 32 6.50 5.87 -9.51
N ARG A 33 6.88 4.71 -8.99
CA ARG A 33 5.91 3.69 -8.61
C ARG A 33 4.78 4.30 -7.78
N TRP A 34 5.10 4.66 -6.54
CA TRP A 34 4.12 5.25 -5.65
C TRP A 34 3.53 6.54 -6.25
N GLU A 35 4.31 7.19 -7.10
CA GLU A 35 3.88 8.43 -7.74
C GLU A 35 2.79 8.14 -8.78
N LYS A 36 2.88 6.98 -9.42
CA LYS A 36 1.91 6.58 -10.43
C LYS A 36 0.67 5.97 -9.78
N ILE A 37 0.89 5.08 -8.82
CA ILE A 37 -0.21 4.43 -8.13
C ILE A 37 -1.12 5.44 -7.44
N ALA A 38 -0.51 6.51 -6.90
CA ALA A 38 -1.26 7.55 -6.23
C ALA A 38 -2.16 8.31 -7.20
N HIS A 39 -1.58 8.73 -8.32
CA HIS A 39 -2.32 9.47 -9.33
C HIS A 39 -3.49 8.63 -9.86
N GLU A 40 -3.33 7.32 -9.82
CA GLU A 40 -4.36 6.40 -10.29
C GLU A 40 -5.46 6.23 -9.25
N LEU A 41 -5.05 5.93 -8.02
CA LEU A 41 -5.99 5.74 -6.92
C LEU A 41 -6.61 7.05 -6.50
N GLY A 42 -5.94 8.15 -6.81
CA GLY A 42 -6.44 9.47 -6.45
C GLY A 42 -5.99 9.91 -5.07
N ARG A 43 -4.92 9.29 -4.58
CA ARG A 43 -4.40 9.62 -3.25
C ARG A 43 -2.97 10.15 -3.36
N SER A 44 -2.34 10.38 -2.22
CA SER A 44 -0.98 10.90 -2.19
C SER A 44 0.03 9.76 -2.13
N VAL A 45 1.25 10.05 -2.56
CA VAL A 45 2.32 9.05 -2.57
C VAL A 45 2.43 8.36 -1.22
N THR A 46 2.98 9.08 -0.24
CA THR A 46 3.15 8.53 1.10
C THR A 46 1.87 7.86 1.58
N ASP A 47 0.74 8.43 1.22
CA ASP A 47 -0.56 7.88 1.61
C ASP A 47 -0.71 6.43 1.13
N VAL A 48 -0.31 6.19 -0.11
CA VAL A 48 -0.40 4.85 -0.69
C VAL A 48 0.63 3.91 -0.06
N THR A 49 1.91 4.21 -0.28
CA THR A 49 2.99 3.39 0.25
C THR A 49 2.77 3.10 1.73
N THR A 50 2.32 4.11 2.47
CA THR A 50 2.07 3.96 3.90
C THR A 50 0.96 2.94 4.16
N LYS A 51 0.07 2.78 3.19
CA LYS A 51 -1.03 1.84 3.31
C LYS A 51 -0.62 0.45 2.84
N ALA A 52 0.05 0.40 1.70
CA ALA A 52 0.52 -0.88 1.14
C ALA A 52 1.50 -1.56 2.08
N LYS A 53 2.40 -0.78 2.66
CA LYS A 53 3.40 -1.29 3.58
C LYS A 53 2.74 -2.12 4.69
N GLN A 54 1.55 -1.69 5.10
CA GLN A 54 0.81 -2.39 6.15
C GLN A 54 0.29 -3.73 5.67
N LEU A 55 0.15 -3.86 4.35
CA LEU A 55 -0.34 -5.10 3.75
C LEU A 55 0.80 -6.10 3.58
N LYS A 56 1.97 -5.60 3.24
CA LYS A 56 3.14 -6.46 3.06
C LYS A 56 3.64 -7.00 4.39
N ASP A 57 3.32 -6.29 5.47
CA ASP A 57 3.74 -6.70 6.80
C ASP A 57 2.79 -7.75 7.36
N SER A 58 1.50 -7.47 7.32
CA SER A 58 0.49 -8.39 7.83
C SER A 58 0.51 -9.70 7.05
N VAL A 59 1.08 -10.73 7.66
CA VAL A 59 1.16 -12.04 7.02
C VAL A 59 1.12 -13.16 8.06
N THR A 60 0.37 -14.21 7.76
CA THR A 60 0.24 -15.34 8.67
C THR A 60 0.62 -16.65 7.98
N CYS A 61 1.74 -17.23 8.39
CA CYS A 61 2.20 -18.49 7.81
C CYS A 61 2.94 -19.33 8.85
N SER A 62 2.98 -20.64 8.62
CA SER A 62 3.65 -21.55 9.54
C SER A 62 5.16 -21.37 9.49
N PRO A 63 5.81 -21.45 10.66
CA PRO A 63 7.27 -21.30 10.78
C PRO A 63 8.02 -22.48 10.17
N GLY A 64 9.34 -22.46 10.32
CA GLY A 64 10.16 -23.54 9.78
C GLY A 64 11.58 -23.10 9.52
N MET A 65 12.54 -23.89 10.00
CA MET A 65 13.96 -23.58 9.82
C MET A 65 14.54 -24.35 8.64
N VAL A 66 14.91 -23.63 7.60
CA VAL A 66 15.47 -24.24 6.40
C VAL A 66 16.92 -24.66 6.63
N SER A 67 17.67 -23.84 7.37
CA SER A 67 19.06 -24.13 7.67
C SER A 67 19.19 -24.99 8.91
N GLY A 68 20.28 -25.75 8.99
CA GLY A 68 20.50 -26.60 10.15
C GLY A 68 21.72 -27.49 9.97
N PRO A 69 22.90 -26.95 10.31
CA PRO A 69 24.16 -27.69 10.19
C PRO A 69 24.27 -28.81 11.22
N SER A 70 23.37 -28.81 12.20
CA SER A 70 23.36 -29.82 13.25
C SER A 70 22.04 -30.58 13.26
N SER A 71 21.86 -31.46 12.28
CA SER A 71 20.65 -32.25 12.17
C SER A 71 20.46 -33.13 13.39
N GLY A 72 19.37 -32.90 14.12
CA GLY A 72 19.10 -33.69 15.31
C GLY A 72 18.86 -35.16 15.01
N GLY A 1 -6.06 33.83 4.47
CA GLY A 1 -7.49 33.90 4.31
C GLY A 1 -8.04 32.77 3.46
N SER A 2 -7.55 31.57 3.70
CA SER A 2 -7.99 30.40 2.93
C SER A 2 -8.80 29.44 3.80
N SER A 3 -9.46 28.49 3.17
CA SER A 3 -10.27 27.52 3.88
C SER A 3 -9.51 26.21 4.08
N GLY A 4 -9.21 25.90 5.33
CA GLY A 4 -8.49 24.67 5.63
C GLY A 4 -9.34 23.43 5.41
N SER A 5 -8.71 22.26 5.55
CA SER A 5 -9.41 20.99 5.35
C SER A 5 -8.75 19.88 6.16
N SER A 6 -9.58 19.01 6.74
CA SER A 6 -9.08 17.90 7.55
C SER A 6 -7.88 17.24 6.87
N GLY A 7 -8.06 16.86 5.61
CA GLY A 7 -6.98 16.21 4.87
C GLY A 7 -7.49 15.15 3.93
N ALA A 8 -6.59 14.26 3.50
CA ALA A 8 -6.95 13.19 2.59
C ALA A 8 -7.99 12.26 3.22
N PRO A 9 -8.91 11.74 2.38
CA PRO A 9 -9.97 10.84 2.84
C PRO A 9 -9.44 9.47 3.24
N GLU A 10 -10.23 8.72 4.00
CA GLU A 10 -9.84 7.39 4.44
C GLU A 10 -9.79 6.42 3.27
N TRP A 11 -9.48 5.16 3.57
CA TRP A 11 -9.40 4.14 2.54
C TRP A 11 -10.69 3.32 2.48
N THR A 12 -11.21 3.14 1.27
CA THR A 12 -12.45 2.39 1.08
C THR A 12 -12.21 1.17 0.19
N GLU A 13 -13.00 0.12 0.41
CA GLU A 13 -12.88 -1.09 -0.37
C GLU A 13 -12.48 -0.78 -1.81
N GLU A 14 -13.10 0.25 -2.38
CA GLU A 14 -12.80 0.64 -3.75
C GLU A 14 -11.34 1.05 -3.91
N ASP A 15 -10.86 1.86 -2.97
CA ASP A 15 -9.48 2.32 -2.99
C ASP A 15 -8.52 1.20 -2.58
N LEU A 16 -9.02 0.30 -1.74
CA LEU A 16 -8.21 -0.82 -1.27
C LEU A 16 -8.12 -1.91 -2.33
N SER A 17 -9.17 -2.03 -3.12
CA SER A 17 -9.22 -3.05 -4.17
C SER A 17 -8.47 -2.58 -5.41
N GLN A 18 -8.51 -1.28 -5.67
CA GLN A 18 -7.83 -0.70 -6.83
C GLN A 18 -6.32 -0.76 -6.65
N LEU A 19 -5.86 -0.50 -5.43
CA LEU A 19 -4.43 -0.51 -5.13
C LEU A 19 -3.77 -1.74 -5.75
N THR A 20 -4.29 -2.93 -5.41
CA THR A 20 -3.74 -4.17 -5.93
C THR A 20 -3.59 -4.12 -7.45
N ARG A 21 -4.57 -3.53 -8.11
CA ARG A 21 -4.54 -3.41 -9.58
C ARG A 21 -3.38 -2.53 -10.02
N SER A 22 -3.23 -1.38 -9.36
CA SER A 22 -2.15 -0.45 -9.69
C SER A 22 -0.79 -1.06 -9.42
N MET A 23 -0.65 -1.68 -8.25
CA MET A 23 0.60 -2.32 -7.87
C MET A 23 1.18 -3.14 -9.01
N VAL A 24 0.30 -3.75 -9.79
CA VAL A 24 0.71 -4.57 -10.93
C VAL A 24 1.25 -3.70 -12.06
N LYS A 25 0.56 -2.60 -12.33
CA LYS A 25 0.98 -1.68 -13.39
C LYS A 25 2.31 -1.02 -13.05
N PHE A 26 2.59 -0.93 -11.75
CA PHE A 26 3.85 -0.32 -11.30
C PHE A 26 4.50 -1.16 -10.21
N PRO A 27 5.25 -2.19 -10.63
CA PRO A 27 5.95 -3.10 -9.71
C PRO A 27 7.11 -2.41 -9.00
N GLY A 28 7.90 -3.20 -8.28
CA GLY A 28 9.04 -2.65 -7.55
C GLY A 28 10.18 -2.27 -8.47
N GLY A 29 10.96 -1.28 -8.06
CA GLY A 29 12.08 -0.83 -8.87
C GLY A 29 11.67 0.15 -9.94
N THR A 30 10.38 0.17 -10.26
CA THR A 30 9.86 1.07 -11.28
C THR A 30 9.97 2.52 -10.85
N PRO A 31 10.39 3.40 -11.78
CA PRO A 31 10.55 4.83 -11.51
C PRO A 31 9.21 5.53 -11.31
N GLY A 32 8.99 6.05 -10.10
CA GLY A 32 7.74 6.73 -9.81
C GLY A 32 6.62 5.78 -9.44
N ARG A 33 6.99 4.59 -8.96
CA ARG A 33 6.01 3.59 -8.58
C ARG A 33 4.87 4.22 -7.77
N TRP A 34 5.17 4.57 -6.53
CA TRP A 34 4.17 5.18 -5.65
C TRP A 34 3.61 6.45 -6.28
N GLU A 35 4.43 7.14 -7.06
CA GLU A 35 4.00 8.37 -7.71
C GLU A 35 2.93 8.09 -8.77
N LYS A 36 3.01 6.90 -9.37
CA LYS A 36 2.05 6.50 -10.40
C LYS A 36 0.80 5.91 -9.77
N ILE A 37 0.99 5.03 -8.79
CA ILE A 37 -0.13 4.40 -8.10
C ILE A 37 -1.03 5.44 -7.44
N ALA A 38 -0.42 6.48 -6.88
CA ALA A 38 -1.15 7.54 -6.22
C ALA A 38 -2.03 8.30 -7.20
N HIS A 39 -1.44 8.71 -8.32
CA HIS A 39 -2.17 9.45 -9.34
C HIS A 39 -3.33 8.62 -9.88
N GLU A 40 -3.17 7.30 -9.86
CA GLU A 40 -4.22 6.40 -10.36
C GLU A 40 -5.31 6.23 -9.31
N LEU A 41 -4.92 5.91 -8.09
CA LEU A 41 -5.87 5.72 -7.00
C LEU A 41 -6.51 7.04 -6.61
N GLY A 42 -5.83 8.15 -6.89
CA GLY A 42 -6.35 9.45 -6.55
C GLY A 42 -5.89 9.93 -5.19
N ARG A 43 -4.86 9.28 -4.66
CA ARG A 43 -4.31 9.64 -3.35
C ARG A 43 -2.88 10.14 -3.48
N SER A 44 -2.25 10.43 -2.34
CA SER A 44 -0.88 10.92 -2.32
C SER A 44 0.11 9.77 -2.20
N VAL A 45 1.35 10.02 -2.59
CA VAL A 45 2.39 8.99 -2.53
C VAL A 45 2.41 8.30 -1.16
N THR A 46 2.91 9.02 -0.16
CA THR A 46 2.97 8.48 1.20
C THR A 46 1.66 7.82 1.59
N ASP A 47 0.55 8.45 1.21
CA ASP A 47 -0.77 7.93 1.53
C ASP A 47 -0.91 6.49 1.06
N VAL A 48 -0.38 6.21 -0.13
CA VAL A 48 -0.45 4.87 -0.69
C VAL A 48 0.57 3.94 -0.04
N THR A 49 1.85 4.22 -0.28
CA THR A 49 2.92 3.41 0.28
C THR A 49 2.70 3.14 1.76
N THR A 50 2.34 4.19 2.50
CA THR A 50 2.09 4.05 3.93
C THR A 50 0.99 3.04 4.21
N LYS A 51 0.08 2.88 3.26
CA LYS A 51 -1.02 1.95 3.40
C LYS A 51 -0.61 0.55 2.95
N ALA A 52 -0.04 0.47 1.75
CA ALA A 52 0.41 -0.81 1.19
C ALA A 52 1.41 -1.49 2.12
N LYS A 53 2.37 -0.70 2.62
CA LYS A 53 3.40 -1.22 3.51
C LYS A 53 2.77 -2.06 4.62
N GLN A 54 1.57 -1.69 5.04
CA GLN A 54 0.86 -2.41 6.09
C GLN A 54 0.38 -3.76 5.59
N LEU A 55 0.01 -3.82 4.31
CA LEU A 55 -0.47 -5.05 3.71
C LEU A 55 0.67 -6.04 3.49
N LYS A 56 1.82 -5.52 3.08
CA LYS A 56 3.00 -6.34 2.84
C LYS A 56 3.50 -6.98 4.13
N ASP A 57 3.51 -6.20 5.21
CA ASP A 57 3.95 -6.69 6.50
C ASP A 57 2.97 -7.71 7.07
N SER A 58 1.73 -7.26 7.27
CA SER A 58 0.70 -8.13 7.82
C SER A 58 0.46 -9.34 6.90
N VAL A 59 0.97 -10.49 7.32
CA VAL A 59 0.81 -11.71 6.54
C VAL A 59 0.31 -12.86 7.41
N THR A 60 -0.62 -13.64 6.87
CA THR A 60 -1.19 -14.77 7.60
C THR A 60 -0.95 -16.08 6.86
N CYS A 61 -0.04 -16.89 7.38
CA CYS A 61 0.28 -18.18 6.77
C CYS A 61 0.80 -19.17 7.81
N SER A 62 0.26 -20.37 7.80
CA SER A 62 0.67 -21.40 8.74
C SER A 62 2.06 -21.95 8.39
N PRO A 63 2.85 -22.27 9.42
CA PRO A 63 4.20 -22.81 9.25
C PRO A 63 4.19 -24.22 8.67
N GLY A 64 5.32 -24.62 8.09
CA GLY A 64 5.43 -25.94 7.51
C GLY A 64 4.13 -26.41 6.89
N MET A 65 3.90 -27.72 6.91
CA MET A 65 2.69 -28.29 6.34
C MET A 65 1.89 -29.04 7.41
N VAL A 66 0.57 -28.89 7.38
CA VAL A 66 -0.30 -29.55 8.34
C VAL A 66 -0.75 -30.91 7.82
N SER A 67 -0.52 -31.95 8.62
CA SER A 67 -0.90 -33.30 8.24
C SER A 67 -1.66 -33.99 9.37
N GLY A 68 -1.05 -34.00 10.55
CA GLY A 68 -1.68 -34.62 11.70
C GLY A 68 -0.68 -35.33 12.61
N PRO A 69 -0.04 -34.55 13.50
CA PRO A 69 0.95 -35.09 14.44
C PRO A 69 0.32 -35.98 15.50
N SER A 70 1.04 -37.04 15.87
CA SER A 70 0.55 -37.97 16.88
C SER A 70 1.30 -37.78 18.20
N SER A 71 0.72 -36.99 19.09
CA SER A 71 1.34 -36.72 20.38
C SER A 71 0.28 -36.47 21.45
N GLY A 72 0.69 -36.51 22.72
CA GLY A 72 -0.24 -36.30 23.81
C GLY A 72 -1.47 -37.17 23.71
N GLY A 1 -15.83 29.82 4.12
CA GLY A 1 -15.52 28.48 4.59
C GLY A 1 -14.23 28.43 5.38
N SER A 2 -14.15 27.52 6.34
CA SER A 2 -12.97 27.38 7.17
C SER A 2 -12.57 25.91 7.30
N SER A 3 -11.36 25.58 6.83
CA SER A 3 -10.86 24.22 6.88
C SER A 3 -9.57 24.14 7.69
N GLY A 4 -9.59 23.35 8.76
CA GLY A 4 -8.41 23.22 9.60
C GLY A 4 -7.55 22.03 9.18
N SER A 5 -7.21 21.19 10.16
CA SER A 5 -6.38 20.02 9.90
C SER A 5 -7.16 18.97 9.12
N SER A 6 -7.07 19.03 7.79
CA SER A 6 -7.76 18.09 6.92
C SER A 6 -6.99 17.88 5.62
N GLY A 7 -7.21 16.72 4.99
CA GLY A 7 -6.55 16.43 3.75
C GLY A 7 -7.18 15.27 3.00
N ALA A 8 -6.38 14.25 2.68
CA ALA A 8 -6.89 13.09 1.97
C ALA A 8 -7.82 12.26 2.85
N PRO A 9 -8.89 11.72 2.24
CA PRO A 9 -9.87 10.90 2.96
C PRO A 9 -9.30 9.55 3.39
N GLU A 10 -10.15 8.72 4.00
CA GLU A 10 -9.73 7.40 4.45
C GLU A 10 -9.70 6.41 3.29
N TRP A 11 -9.38 5.16 3.60
CA TRP A 11 -9.31 4.11 2.58
C TRP A 11 -10.60 3.30 2.56
N THR A 12 -11.16 3.13 1.36
CA THR A 12 -12.39 2.37 1.20
C THR A 12 -12.18 1.15 0.30
N GLU A 13 -12.97 0.12 0.54
CA GLU A 13 -12.86 -1.12 -0.24
C GLU A 13 -12.48 -0.81 -1.69
N GLU A 14 -13.11 0.22 -2.25
CA GLU A 14 -12.84 0.62 -3.63
C GLU A 14 -11.37 1.03 -3.80
N ASP A 15 -10.88 1.84 -2.87
CA ASP A 15 -9.50 2.31 -2.91
C ASP A 15 -8.54 1.20 -2.52
N LEU A 16 -9.03 0.27 -1.69
CA LEU A 16 -8.21 -0.85 -1.22
C LEU A 16 -8.15 -1.94 -2.27
N SER A 17 -9.21 -2.06 -3.07
CA SER A 17 -9.27 -3.07 -4.11
C SER A 17 -8.54 -2.61 -5.36
N GLN A 18 -8.58 -1.31 -5.63
CA GLN A 18 -7.93 -0.74 -6.79
C GLN A 18 -6.40 -0.82 -6.65
N LEU A 19 -5.92 -0.56 -5.44
CA LEU A 19 -4.48 -0.60 -5.18
C LEU A 19 -3.86 -1.87 -5.75
N THR A 20 -4.49 -3.00 -5.48
CA THR A 20 -3.99 -4.28 -5.98
C THR A 20 -3.82 -4.27 -7.49
N ARG A 21 -4.66 -3.49 -8.17
CA ARG A 21 -4.59 -3.39 -9.62
C ARG A 21 -3.42 -2.51 -10.05
N SER A 22 -3.24 -1.39 -9.35
CA SER A 22 -2.17 -0.46 -9.66
C SER A 22 -0.81 -1.09 -9.38
N MET A 23 -0.69 -1.72 -8.23
CA MET A 23 0.57 -2.37 -7.84
C MET A 23 1.12 -3.21 -8.99
N VAL A 24 0.23 -3.81 -9.76
CA VAL A 24 0.63 -4.64 -10.90
C VAL A 24 1.21 -3.78 -12.02
N LYS A 25 0.56 -2.65 -12.28
CA LYS A 25 1.01 -1.74 -13.33
C LYS A 25 2.35 -1.10 -12.97
N PHE A 26 2.62 -1.00 -11.67
CA PHE A 26 3.87 -0.41 -11.19
C PHE A 26 4.48 -1.27 -10.08
N PRO A 27 5.22 -2.31 -10.50
CA PRO A 27 5.88 -3.24 -9.57
C PRO A 27 7.03 -2.58 -8.83
N GLY A 28 7.77 -3.37 -8.05
CA GLY A 28 8.90 -2.86 -7.31
C GLY A 28 10.08 -2.52 -8.20
N GLY A 29 10.86 -1.52 -7.80
CA GLY A 29 12.02 -1.12 -8.57
C GLY A 29 11.67 -0.15 -9.68
N THR A 30 10.37 -0.05 -9.99
CA THR A 30 9.90 0.85 -11.04
C THR A 30 10.04 2.30 -10.62
N PRO A 31 10.49 3.15 -11.54
CA PRO A 31 10.68 4.58 -11.29
C PRO A 31 9.35 5.32 -11.13
N GLY A 32 9.11 5.86 -9.95
CA GLY A 32 7.87 6.58 -9.69
C GLY A 32 6.72 5.66 -9.35
N ARG A 33 7.05 4.46 -8.88
CA ARG A 33 6.04 3.48 -8.52
C ARG A 33 4.92 4.13 -7.71
N TRP A 34 5.22 4.47 -6.46
CA TRP A 34 4.24 5.10 -5.59
C TRP A 34 3.67 6.36 -6.22
N GLU A 35 4.52 7.07 -6.97
CA GLU A 35 4.09 8.30 -7.63
C GLU A 35 3.03 8.01 -8.69
N LYS A 36 3.12 6.83 -9.30
CA LYS A 36 2.16 6.43 -10.33
C LYS A 36 0.90 5.84 -9.71
N ILE A 37 1.07 4.96 -8.73
CA ILE A 37 -0.05 4.33 -8.06
C ILE A 37 -0.95 5.38 -7.41
N ALA A 38 -0.35 6.42 -6.87
CA ALA A 38 -1.09 7.50 -6.22
C ALA A 38 -1.95 8.25 -7.23
N HIS A 39 -1.34 8.64 -8.34
CA HIS A 39 -2.04 9.37 -9.39
C HIS A 39 -3.20 8.55 -9.94
N GLU A 40 -3.09 7.23 -9.83
CA GLU A 40 -4.12 6.32 -10.33
C GLU A 40 -5.25 6.18 -9.30
N LEU A 41 -4.87 5.88 -8.06
CA LEU A 41 -5.84 5.70 -6.99
C LEU A 41 -6.46 7.04 -6.60
N GLY A 42 -5.74 8.13 -6.89
CA GLY A 42 -6.25 9.45 -6.57
C GLY A 42 -5.80 9.91 -5.19
N ARG A 43 -4.72 9.33 -4.69
CA ARG A 43 -4.19 9.67 -3.38
C ARG A 43 -2.76 10.19 -3.48
N SER A 44 -2.15 10.45 -2.33
CA SER A 44 -0.78 10.96 -2.30
C SER A 44 0.22 9.81 -2.15
N VAL A 45 1.41 10.00 -2.70
CA VAL A 45 2.45 8.99 -2.62
C VAL A 45 2.49 8.33 -1.25
N THR A 46 2.98 9.07 -0.26
CA THR A 46 3.06 8.56 1.10
C THR A 46 1.76 7.91 1.53
N ASP A 47 0.64 8.53 1.16
CA ASP A 47 -0.68 8.01 1.50
C ASP A 47 -0.83 6.56 1.04
N VAL A 48 -0.28 6.26 -0.14
CA VAL A 48 -0.35 4.92 -0.70
C VAL A 48 0.66 3.99 -0.03
N THR A 49 1.94 4.27 -0.24
CA THR A 49 3.00 3.46 0.33
C THR A 49 2.75 3.19 1.81
N THR A 50 2.30 4.22 2.53
CA THR A 50 2.02 4.09 3.95
C THR A 50 0.91 3.09 4.21
N LYS A 51 0.02 2.93 3.22
CA LYS A 51 -1.10 2.01 3.33
C LYS A 51 -0.68 0.60 2.90
N ALA A 52 -0.05 0.51 1.74
CA ALA A 52 0.40 -0.78 1.21
C ALA A 52 1.37 -1.45 2.18
N LYS A 53 2.30 -0.67 2.71
CA LYS A 53 3.30 -1.19 3.65
C LYS A 53 2.62 -1.98 4.77
N GLN A 54 1.41 -1.57 5.12
CA GLN A 54 0.66 -2.25 6.18
C GLN A 54 0.15 -3.61 5.69
N LEU A 55 -0.21 -3.68 4.42
CA LEU A 55 -0.73 -4.91 3.83
C LEU A 55 0.40 -5.93 3.65
N LYS A 56 1.59 -5.43 3.33
CA LYS A 56 2.75 -6.29 3.13
C LYS A 56 3.24 -6.88 4.45
N ASP A 57 3.09 -6.11 5.52
CA ASP A 57 3.51 -6.56 6.85
C ASP A 57 2.62 -7.69 7.35
N SER A 58 1.31 -7.52 7.18
CA SER A 58 0.35 -8.53 7.62
C SER A 58 0.77 -9.92 7.16
N VAL A 59 0.99 -10.07 5.86
CA VAL A 59 1.39 -11.34 5.28
C VAL A 59 2.88 -11.57 5.46
N THR A 60 3.34 -12.78 5.15
CA THR A 60 4.74 -13.14 5.28
C THR A 60 5.34 -13.54 3.93
N CYS A 61 4.66 -14.47 3.25
CA CYS A 61 5.12 -14.95 1.95
C CYS A 61 6.53 -15.51 2.05
N SER A 62 6.73 -16.43 2.99
CA SER A 62 8.03 -17.05 3.19
C SER A 62 8.57 -17.61 1.88
N PRO A 63 9.90 -17.55 1.72
CA PRO A 63 10.58 -18.04 0.52
C PRO A 63 10.54 -19.57 0.41
N GLY A 64 10.59 -20.24 1.56
CA GLY A 64 10.55 -21.68 1.57
C GLY A 64 9.54 -22.23 2.56
N MET A 65 8.51 -22.90 2.04
CA MET A 65 7.47 -23.46 2.88
C MET A 65 8.08 -24.19 4.09
N VAL A 66 7.64 -23.80 5.29
CA VAL A 66 8.15 -24.42 6.50
C VAL A 66 7.59 -25.83 6.69
N SER A 67 8.27 -26.80 6.07
CA SER A 67 7.84 -28.19 6.16
C SER A 67 9.02 -29.13 5.92
N GLY A 68 8.84 -30.41 6.26
CA GLY A 68 9.89 -31.38 6.08
C GLY A 68 9.67 -32.24 4.84
N PRO A 69 8.82 -33.26 4.97
CA PRO A 69 8.52 -34.17 3.86
C PRO A 69 7.70 -33.50 2.76
N SER A 70 8.39 -32.93 1.78
CA SER A 70 7.73 -32.25 0.67
C SER A 70 8.67 -32.12 -0.52
N SER A 71 8.09 -31.95 -1.70
CA SER A 71 8.88 -31.82 -2.93
C SER A 71 9.80 -30.61 -2.85
N GLY A 72 10.79 -30.57 -3.73
CA GLY A 72 11.73 -29.47 -3.75
C GLY A 72 12.96 -29.75 -2.91
N GLY A 1 -14.57 21.44 15.36
CA GLY A 1 -13.66 22.54 15.09
C GLY A 1 -12.44 22.10 14.31
N SER A 2 -11.47 23.00 14.15
CA SER A 2 -10.26 22.70 13.41
C SER A 2 -9.13 22.29 14.35
N SER A 3 -8.74 21.02 14.27
CA SER A 3 -7.68 20.49 15.12
C SER A 3 -7.23 19.11 14.64
N GLY A 4 -6.17 18.59 15.26
CA GLY A 4 -5.66 17.28 14.88
C GLY A 4 -5.25 17.23 13.42
N SER A 5 -4.73 16.07 13.00
CA SER A 5 -4.29 15.89 11.62
C SER A 5 -5.29 15.07 10.84
N SER A 6 -6.01 15.72 9.93
CA SER A 6 -7.02 15.05 9.11
C SER A 6 -7.08 15.66 7.72
N GLY A 7 -7.17 14.82 6.70
CA GLY A 7 -7.25 15.30 5.33
C GLY A 7 -7.70 14.22 4.37
N ALA A 8 -6.74 13.60 3.69
CA ALA A 8 -7.04 12.55 2.73
C ALA A 8 -8.13 11.61 3.26
N PRO A 9 -9.01 11.14 2.36
CA PRO A 9 -10.10 10.24 2.72
C PRO A 9 -9.61 8.85 3.10
N GLU A 10 -10.26 8.25 4.08
CA GLU A 10 -9.88 6.92 4.54
C GLU A 10 -9.80 5.94 3.37
N TRP A 11 -9.51 4.69 3.68
CA TRP A 11 -9.39 3.65 2.65
C TRP A 11 -10.66 2.80 2.60
N THR A 12 -11.30 2.77 1.43
CA THR A 12 -12.52 2.00 1.24
C THR A 12 -12.30 0.86 0.24
N GLU A 13 -13.08 -0.20 0.41
CA GLU A 13 -12.96 -1.35 -0.49
C GLU A 13 -12.60 -0.91 -1.90
N GLU A 14 -13.23 0.17 -2.36
CA GLU A 14 -12.97 0.69 -3.70
C GLU A 14 -11.50 1.06 -3.86
N ASP A 15 -10.97 1.79 -2.89
CA ASP A 15 -9.58 2.23 -2.92
C ASP A 15 -8.64 1.05 -2.63
N LEU A 16 -9.05 0.19 -1.71
CA LEU A 16 -8.25 -0.98 -1.34
C LEU A 16 -8.16 -1.97 -2.50
N SER A 17 -9.26 -2.08 -3.25
CA SER A 17 -9.29 -3.00 -4.39
C SER A 17 -8.58 -2.40 -5.59
N GLN A 18 -8.67 -1.08 -5.73
CA GLN A 18 -8.03 -0.38 -6.85
C GLN A 18 -6.51 -0.51 -6.75
N LEU A 19 -5.97 -0.44 -5.54
CA LEU A 19 -4.54 -0.55 -5.32
C LEU A 19 -3.99 -1.83 -5.95
N THR A 20 -4.57 -2.96 -5.58
CA THR A 20 -4.14 -4.25 -6.10
C THR A 20 -3.96 -4.20 -7.61
N ARG A 21 -4.74 -3.36 -8.28
CA ARG A 21 -4.66 -3.21 -9.72
C ARG A 21 -3.46 -2.37 -10.12
N SER A 22 -3.30 -1.22 -9.46
CA SER A 22 -2.20 -0.32 -9.76
C SER A 22 -0.87 -1.00 -9.49
N MET A 23 -0.75 -1.62 -8.32
CA MET A 23 0.48 -2.31 -7.95
C MET A 23 1.01 -3.15 -9.09
N VAL A 24 0.09 -3.75 -9.86
CA VAL A 24 0.47 -4.58 -11.00
C VAL A 24 1.09 -3.74 -12.11
N LYS A 25 0.49 -2.58 -12.36
CA LYS A 25 0.99 -1.68 -13.40
C LYS A 25 2.33 -1.08 -13.01
N PHE A 26 2.58 -1.00 -11.71
CA PHE A 26 3.84 -0.45 -11.21
C PHE A 26 4.41 -1.33 -10.11
N PRO A 27 5.12 -2.39 -10.52
CA PRO A 27 5.75 -3.33 -9.58
C PRO A 27 6.92 -2.71 -8.83
N GLY A 28 7.63 -3.53 -8.06
CA GLY A 28 8.76 -3.05 -7.30
C GLY A 28 9.96 -2.74 -8.17
N GLY A 29 10.77 -1.76 -7.74
CA GLY A 29 11.94 -1.39 -8.51
C GLY A 29 11.62 -0.41 -9.63
N THR A 30 10.33 -0.25 -9.91
CA THR A 30 9.90 0.67 -10.96
C THR A 30 10.04 2.12 -10.53
N PRO A 31 10.54 2.96 -11.46
CA PRO A 31 10.74 4.39 -11.18
C PRO A 31 9.43 5.15 -11.04
N GLY A 32 9.20 5.71 -9.87
CA GLY A 32 7.98 6.46 -9.62
C GLY A 32 6.80 5.56 -9.31
N ARG A 33 7.09 4.35 -8.84
CA ARG A 33 6.05 3.39 -8.49
C ARG A 33 4.94 4.06 -7.70
N TRP A 34 5.22 4.38 -6.44
CA TRP A 34 4.24 5.02 -5.56
C TRP A 34 3.73 6.31 -6.19
N GLU A 35 4.58 6.98 -6.96
CA GLU A 35 4.21 8.22 -7.61
C GLU A 35 3.15 7.97 -8.69
N LYS A 36 3.22 6.80 -9.31
CA LYS A 36 2.27 6.45 -10.36
C LYS A 36 0.98 5.89 -9.76
N ILE A 37 1.13 5.00 -8.79
CA ILE A 37 -0.02 4.39 -8.13
C ILE A 37 -0.93 5.45 -7.51
N ALA A 38 -0.31 6.43 -6.85
CA ALA A 38 -1.05 7.51 -6.22
C ALA A 38 -1.85 8.30 -7.25
N HIS A 39 -1.20 8.71 -8.33
CA HIS A 39 -1.85 9.47 -9.38
C HIS A 39 -3.03 8.69 -9.97
N GLU A 40 -3.02 7.37 -9.79
CA GLU A 40 -4.08 6.52 -10.30
C GLU A 40 -5.21 6.38 -9.28
N LEU A 41 -4.84 6.14 -8.02
CA LEU A 41 -5.82 5.99 -6.95
C LEU A 41 -6.36 7.36 -6.53
N GLY A 42 -5.64 8.42 -6.87
CA GLY A 42 -6.07 9.76 -6.51
C GLY A 42 -5.66 10.15 -5.11
N ARG A 43 -4.65 9.47 -4.58
CA ARG A 43 -4.18 9.74 -3.23
C ARG A 43 -2.74 10.26 -3.27
N SER A 44 -2.16 10.46 -2.09
CA SER A 44 -0.79 10.96 -1.98
C SER A 44 0.20 9.80 -1.87
N VAL A 45 1.35 9.96 -2.53
CA VAL A 45 2.39 8.93 -2.51
C VAL A 45 2.44 8.23 -1.16
N THR A 46 2.99 8.93 -0.16
CA THR A 46 3.10 8.38 1.18
C THR A 46 1.79 7.71 1.62
N ASP A 47 0.67 8.37 1.30
CA ASP A 47 -0.64 7.84 1.66
C ASP A 47 -0.80 6.40 1.17
N VAL A 48 -0.37 6.15 -0.06
CA VAL A 48 -0.47 4.82 -0.65
C VAL A 48 0.50 3.86 0.00
N THR A 49 1.80 4.12 -0.17
CA THR A 49 2.83 3.27 0.40
C THR A 49 2.55 2.99 1.87
N THR A 50 2.06 3.99 2.59
CA THR A 50 1.75 3.84 4.00
C THR A 50 0.65 2.81 4.23
N LYS A 51 -0.21 2.65 3.23
CA LYS A 51 -1.31 1.69 3.31
C LYS A 51 -0.84 0.30 2.88
N ALA A 52 -0.16 0.23 1.74
CA ALA A 52 0.34 -1.03 1.23
C ALA A 52 1.30 -1.69 2.21
N LYS A 53 2.22 -0.89 2.76
CA LYS A 53 3.20 -1.39 3.71
C LYS A 53 2.52 -2.22 4.80
N GLN A 54 1.31 -1.82 5.18
CA GLN A 54 0.56 -2.53 6.21
C GLN A 54 0.09 -3.89 5.69
N LEU A 55 -0.12 -3.98 4.39
CA LEU A 55 -0.59 -5.22 3.76
C LEU A 55 0.59 -6.15 3.48
N LYS A 56 1.70 -5.57 3.03
CA LYS A 56 2.89 -6.35 2.72
C LYS A 56 3.64 -6.73 3.99
N ASP A 57 3.65 -5.83 4.96
CA ASP A 57 4.33 -6.08 6.23
C ASP A 57 3.51 -7.05 7.09
N SER A 58 2.22 -6.78 7.22
CA SER A 58 1.34 -7.62 8.03
C SER A 58 0.93 -8.88 7.25
N VAL A 59 1.79 -9.90 7.29
CA VAL A 59 1.51 -11.14 6.60
C VAL A 59 1.00 -12.21 7.57
N THR A 60 0.60 -13.35 7.02
CA THR A 60 0.08 -14.44 7.83
C THR A 60 1.05 -15.62 7.85
N CYS A 61 2.02 -15.56 8.75
CA CYS A 61 3.02 -16.63 8.86
C CYS A 61 2.86 -17.37 10.19
N SER A 62 3.08 -18.68 10.15
CA SER A 62 2.97 -19.51 11.35
C SER A 62 4.33 -20.03 11.79
N PRO A 63 5.10 -19.17 12.46
CA PRO A 63 6.43 -19.53 12.95
C PRO A 63 6.39 -20.54 14.09
N GLY A 64 6.68 -21.79 13.78
CA GLY A 64 6.67 -22.83 14.79
C GLY A 64 8.03 -23.08 15.40
N MET A 65 8.27 -22.52 16.57
CA MET A 65 9.55 -22.69 17.26
C MET A 65 9.64 -24.06 17.92
N VAL A 66 8.58 -24.45 18.62
CA VAL A 66 8.53 -25.73 19.31
C VAL A 66 7.19 -26.42 19.10
N SER A 67 7.23 -27.73 18.93
CA SER A 67 6.01 -28.51 18.72
C SER A 67 5.32 -28.81 20.05
N GLY A 68 4.09 -28.33 20.19
CA GLY A 68 3.34 -28.56 21.42
C GLY A 68 2.61 -29.89 21.42
N PRO A 69 1.59 -30.00 20.54
CA PRO A 69 0.78 -31.21 20.43
C PRO A 69 1.57 -32.37 19.80
N SER A 70 1.63 -33.49 20.51
CA SER A 70 2.35 -34.66 20.02
C SER A 70 1.47 -35.90 20.09
N SER A 71 1.87 -36.94 19.37
CA SER A 71 1.11 -38.19 19.34
C SER A 71 1.94 -39.33 19.92
N GLY A 72 3.11 -39.56 19.34
CA GLY A 72 3.98 -40.62 19.80
C GLY A 72 4.00 -41.81 18.86
#